data_6D8K
#
_entry.id   6D8K
#
_cell.length_a   213.464
_cell.length_b   213.464
_cell.length_c   112.607
_cell.angle_alpha   90.00
_cell.angle_beta   90.00
_cell.angle_gamma   90.00
#
_symmetry.space_group_name_H-M   'I 41'
#
loop_
_entity.id
_entity.type
_entity.pdbx_description
1 polymer 'Glycosyl hydrolase family 2, sugar binding domain protein'
2 water water
#
_entity_poly.entity_id   1
_entity_poly.type   'polypeptide(L)'
_entity_poly.pdbx_seq_one_letter_code
;MQIRKKTIVCMLLFILFVGNAVAQQNITNVYGRDIRSLNGKWNAIIDLYDQGRGMKVYRNQSPKGNTDFYEYSFQGGLRL
NVPGDWNSQTPELKYYEGTVWYARHFDAKRLTHKRQFLYFGAVSYRCRVYLNGAEIGSHEGGFTPFQIEVTDLLNEGENF
IAIEVNNRRTKDAIPAMSFDWWNYGGITRDVLLVTTPQTYLEDYFIQLDKESPNRMIAKVALSDKKAGEKITVSIPELKT
SIDMLTDAEGKAETVFNIKKLERWSSENPKLYEVIVSSANDRVEEQIGFRNITVKGTDIYLNGKPTFMCSISFHEEIPQR
MGRAFSEADAAMLLNEAKALGVNMIRLAHYPQNEYTVRLAEKMGFILWQEIPVWQGIDFTNNNTRKKAQRMLSEMIKRDQ
NRCAVGYWGIANETQPSKARNEFLTSLLETGKQLDTTRLYVAAFDLVRFNREKKRFVMEDSFTSQLDVVAVNKYMGWYHP
WPIEPENAVWEVIPDKPLIISEFGGEALYGQSGDENVASSWSEEYQARLYRDNIRMFDNIPNLRGVSPWILFDFRSPFRF
HPTNQDGWNRKGLVSDQGIRKKAWYLMREYYKTKFGE
;
_entity_poly.pdbx_strand_id   A,B,C,D
#
# COMPACT_ATOMS: atom_id res chain seq x y z
N GLN A 25 -39.80 3.83 -5.76
CA GLN A 25 -38.69 4.05 -6.72
C GLN A 25 -37.72 2.86 -6.92
N ASN A 26 -37.42 2.08 -5.87
CA ASN A 26 -36.32 1.11 -5.87
C ASN A 26 -36.85 -0.34 -5.87
N ILE A 27 -36.23 -1.18 -6.70
CA ILE A 27 -36.72 -2.54 -6.88
C ILE A 27 -36.27 -3.42 -5.70
N THR A 28 -37.24 -3.98 -4.98
CA THR A 28 -36.96 -4.84 -3.85
C THR A 28 -36.47 -6.21 -4.32
N ASN A 29 -35.78 -6.91 -3.42
CA ASN A 29 -35.27 -8.27 -3.66
C ASN A 29 -34.57 -8.37 -5.02
N VAL A 30 -33.51 -7.56 -5.16
CA VAL A 30 -32.79 -7.49 -6.43
C VAL A 30 -32.14 -8.82 -6.79
N TYR A 31 -31.74 -9.61 -5.80
CA TYR A 31 -31.07 -10.89 -6.04
C TYR A 31 -32.04 -12.01 -6.36
N GLY A 32 -33.34 -11.72 -6.47
CA GLY A 32 -34.30 -12.66 -7.00
C GLY A 32 -34.75 -12.37 -8.41
N ARG A 33 -34.07 -11.46 -9.10
CA ARG A 33 -34.41 -11.01 -10.45
C ARG A 33 -33.48 -11.61 -11.49
N ASP A 34 -33.72 -11.24 -12.75
CA ASP A 34 -32.82 -11.59 -13.85
C ASP A 34 -31.65 -10.60 -13.84
N ILE A 35 -30.53 -11.01 -13.26
CA ILE A 35 -29.39 -10.12 -13.02
C ILE A 35 -28.12 -10.70 -13.61
N ARG A 36 -27.28 -9.82 -14.18
CA ARG A 36 -25.88 -10.13 -14.48
C ARG A 36 -24.97 -9.12 -13.78
N SER A 37 -23.86 -9.62 -13.24
CA SER A 37 -22.93 -8.80 -12.50
C SER A 37 -22.06 -8.01 -13.46
N LEU A 38 -21.81 -6.73 -13.13
CA LEU A 38 -20.77 -5.93 -13.75
C LEU A 38 -19.52 -5.81 -12.88
N ASN A 39 -19.38 -6.65 -11.86
CA ASN A 39 -18.20 -6.60 -11.03
C ASN A 39 -16.98 -6.97 -11.87
N GLY A 40 -15.82 -6.83 -11.26
CA GLY A 40 -14.60 -7.13 -11.96
C GLY A 40 -13.64 -5.99 -11.83
N LYS A 41 -12.60 -6.05 -12.64
CA LYS A 41 -11.56 -5.04 -12.67
C LYS A 41 -12.02 -3.91 -13.57
N TRP A 42 -12.38 -2.78 -12.97
CA TRP A 42 -12.62 -1.56 -13.71
C TRP A 42 -11.35 -0.77 -13.81
N ASN A 43 -11.21 -0.04 -14.91
CA ASN A 43 -10.10 0.88 -15.11
C ASN A 43 -10.33 2.14 -14.31
N ALA A 44 -9.23 2.69 -13.78
CA ALA A 44 -9.33 3.72 -12.77
C ALA A 44 -8.38 4.88 -13.04
N ILE A 45 -8.86 6.10 -12.80
CA ILE A 45 -8.03 7.30 -12.80
C ILE A 45 -8.24 8.02 -11.47
N ILE A 46 -7.15 8.19 -10.73
CA ILE A 46 -7.13 9.06 -9.55
C ILE A 46 -7.14 10.51 -10.01
N ASP A 47 -8.11 11.31 -9.54
CA ASP A 47 -8.32 12.68 -10.02
C ASP A 47 -8.24 13.67 -8.87
N LEU A 48 -7.02 13.90 -8.33
CA LEU A 48 -6.88 14.66 -7.09
C LEU A 48 -7.49 16.06 -7.18
N TYR A 49 -7.21 16.81 -8.25
CA TYR A 49 -7.73 18.18 -8.31
C TYR A 49 -9.05 18.28 -9.03
N ASP A 50 -9.77 17.17 -9.22
CA ASP A 50 -11.10 17.17 -9.84
C ASP A 50 -11.12 17.91 -11.18
N GLN A 51 -10.21 17.51 -12.08
CA GLN A 51 -10.20 18.02 -13.45
C GLN A 51 -10.85 17.09 -14.46
N GLY A 52 -11.09 15.84 -14.09
CA GLY A 52 -11.64 14.88 -15.04
C GLY A 52 -12.98 15.27 -15.62
N ARG A 53 -13.83 15.95 -14.85
CA ARG A 53 -15.16 16.26 -15.37
C ARG A 53 -15.08 17.26 -16.51
N GLY A 54 -14.33 18.35 -16.30
CA GLY A 54 -14.14 19.32 -17.38
C GLY A 54 -13.41 18.76 -18.58
N MET A 55 -12.50 17.80 -18.39
CA MET A 55 -11.87 17.26 -19.59
C MET A 55 -12.78 16.27 -20.28
N LYS A 56 -13.97 16.07 -19.72
CA LYS A 56 -14.98 15.13 -20.19
C LYS A 56 -14.36 13.77 -20.48
N VAL A 57 -13.56 13.26 -19.53
CA VAL A 57 -12.94 11.95 -19.69
C VAL A 57 -14.00 10.86 -19.80
N TYR A 58 -15.23 11.13 -19.36
CA TYR A 58 -16.26 10.13 -19.55
C TYR A 58 -16.56 9.87 -21.03
N ARG A 59 -16.10 10.74 -21.94
CA ARG A 59 -16.34 10.49 -23.36
C ARG A 59 -15.44 9.39 -23.92
N ASN A 60 -14.38 9.03 -23.20
CA ASN A 60 -13.43 8.00 -23.63
C ASN A 60 -12.83 8.31 -25.00
N GLN A 61 -12.25 9.51 -25.15
CA GLN A 61 -11.78 9.95 -26.45
C GLN A 61 -10.38 9.42 -26.74
N SER A 62 -10.19 8.92 -27.94
CA SER A 62 -8.90 8.48 -28.48
C SER A 62 -8.42 9.40 -29.60
N PRO A 63 -7.14 9.72 -29.64
CA PRO A 63 -6.60 10.53 -30.75
C PRO A 63 -6.81 9.86 -32.10
N LYS A 64 -7.13 10.67 -33.10
CA LYS A 64 -7.34 10.13 -34.45
C LYS A 64 -6.65 10.90 -35.56
N GLY A 65 -6.27 12.15 -35.36
CA GLY A 65 -5.52 12.91 -36.34
C GLY A 65 -4.03 12.99 -36.00
N ASN A 66 -3.36 13.94 -36.64
CA ASN A 66 -1.97 14.27 -36.34
C ASN A 66 -1.83 15.35 -35.28
N THR A 67 -2.90 16.07 -34.98
CA THR A 67 -2.84 17.15 -34.00
C THR A 67 -3.66 16.88 -32.74
N ASP A 68 -4.55 15.88 -32.77
CA ASP A 68 -5.24 15.33 -31.59
C ASP A 68 -4.27 15.04 -30.43
N PHE A 69 -4.81 15.11 -29.20
CA PHE A 69 -4.34 14.25 -28.09
C PHE A 69 -5.15 14.42 -26.80
N TYR A 70 -5.28 13.35 -26.03
CA TYR A 70 -6.02 13.34 -24.77
C TYR A 70 -5.12 12.88 -23.62
N GLU A 71 -5.15 13.62 -22.52
CA GLU A 71 -4.27 13.39 -21.38
C GLU A 71 -4.89 12.47 -20.36
N TYR A 72 -5.60 11.47 -20.85
CA TYR A 72 -6.21 10.43 -20.05
C TYR A 72 -6.42 9.26 -20.97
N SER A 73 -6.77 8.14 -20.36
CA SER A 73 -7.13 6.91 -21.04
C SER A 73 -7.61 5.95 -19.99
N PHE A 74 -8.56 5.10 -20.35
CA PHE A 74 -9.06 4.07 -19.47
C PHE A 74 -8.56 2.69 -19.89
N GLN A 75 -7.36 2.64 -20.43
CA GLN A 75 -6.71 1.40 -20.86
C GLN A 75 -5.25 1.50 -20.43
N GLY A 76 -4.67 0.36 -20.04
CA GLY A 76 -3.24 0.25 -19.77
C GLY A 76 -2.79 0.72 -18.42
N GLY A 77 -3.70 1.01 -17.50
CA GLY A 77 -3.30 1.68 -16.29
C GLY A 77 -3.77 0.98 -15.04
N LEU A 78 -3.84 1.72 -13.94
CA LEU A 78 -4.47 1.24 -12.72
C LEU A 78 -5.80 0.56 -13.01
N ARG A 79 -6.02 -0.59 -12.38
CA ARG A 79 -7.31 -1.27 -12.37
C ARG A 79 -7.69 -1.60 -10.92
N LEU A 80 -8.92 -1.28 -10.55
CA LEU A 80 -9.43 -1.51 -9.21
C LEU A 80 -10.46 -2.62 -9.23
N ASN A 81 -10.42 -3.49 -8.23
CA ASN A 81 -11.49 -4.45 -8.05
C ASN A 81 -12.79 -3.74 -7.69
N VAL A 82 -13.88 -4.21 -8.28
CA VAL A 82 -15.23 -3.84 -7.91
C VAL A 82 -15.96 -5.15 -7.67
N PRO A 83 -16.59 -5.33 -6.51
CA PRO A 83 -16.74 -4.28 -5.49
C PRO A 83 -15.57 -4.17 -4.51
N GLY A 84 -15.50 -3.07 -3.77
CA GLY A 84 -14.50 -2.89 -2.73
C GLY A 84 -14.22 -1.43 -2.46
N ASP A 85 -13.63 -1.17 -1.29
CA ASP A 85 -13.02 0.14 -1.09
C ASP A 85 -11.81 0.29 -2.02
N TRP A 86 -11.42 1.53 -2.31
CA TRP A 86 -10.15 1.70 -2.99
C TRP A 86 -8.99 1.78 -2.02
N ASN A 87 -9.26 2.08 -0.75
CA ASN A 87 -8.22 2.45 0.21
C ASN A 87 -7.22 1.33 0.46
N SER A 88 -7.67 0.08 0.45
CA SER A 88 -6.82 -1.08 0.72
C SER A 88 -6.21 -1.69 -0.53
N GLN A 89 -6.58 -1.19 -1.71
CA GLN A 89 -6.09 -1.80 -2.95
C GLN A 89 -4.67 -1.39 -3.29
N THR A 90 -4.29 -0.16 -2.92
CA THR A 90 -2.96 0.37 -3.22
C THR A 90 -2.57 1.29 -2.08
N PRO A 91 -1.31 1.28 -1.67
CA PRO A 91 -0.91 2.11 -0.53
C PRO A 91 -1.05 3.60 -0.77
N GLU A 92 -0.88 4.06 -2.00
CA GLU A 92 -1.14 5.45 -2.37
C GLU A 92 -2.60 5.87 -2.14
N LEU A 93 -3.53 4.91 -2.07
CA LEU A 93 -4.95 5.23 -1.94
C LEU A 93 -5.46 5.09 -0.52
N LYS A 94 -4.62 4.57 0.39
CA LYS A 94 -5.04 4.35 1.76
C LYS A 94 -5.69 5.59 2.37
N TYR A 95 -5.04 6.75 2.25
CA TYR A 95 -5.65 7.97 2.79
C TYR A 95 -6.29 8.83 1.72
N TYR A 96 -6.52 8.30 0.54
CA TYR A 96 -7.00 9.13 -0.55
C TYR A 96 -8.42 9.63 -0.29
N GLU A 97 -8.58 10.94 -0.25
CA GLU A 97 -9.88 11.59 -0.32
C GLU A 97 -9.98 12.42 -1.59
N GLY A 98 -11.12 12.32 -2.25
CA GLY A 98 -11.40 13.03 -3.46
C GLY A 98 -12.20 12.15 -4.41
N THR A 99 -11.94 12.35 -5.69
CA THR A 99 -12.61 11.68 -6.79
C THR A 99 -11.74 10.55 -7.35
N VAL A 100 -12.35 9.40 -7.60
CA VAL A 100 -11.75 8.35 -8.43
C VAL A 100 -12.75 7.99 -9.52
N TRP A 101 -12.28 7.90 -10.76
CA TRP A 101 -13.11 7.56 -11.91
C TRP A 101 -12.97 6.07 -12.16
N TYR A 102 -14.09 5.36 -12.11
CA TYR A 102 -14.17 3.96 -12.51
C TYR A 102 -14.79 3.85 -13.90
N ALA A 103 -14.24 2.98 -14.73
CA ALA A 103 -14.82 2.82 -16.05
C ALA A 103 -14.58 1.41 -16.56
N ARG A 104 -15.51 0.95 -17.41
CA ARG A 104 -15.39 -0.33 -18.09
C ARG A 104 -16.33 -0.37 -19.30
N HIS A 105 -16.03 -1.29 -20.18
CA HIS A 105 -16.91 -1.66 -21.28
C HIS A 105 -17.74 -2.84 -20.86
N PHE A 106 -18.90 -2.99 -21.47
CA PHE A 106 -19.67 -4.21 -21.29
C PHE A 106 -20.56 -4.38 -22.50
N ASP A 107 -20.88 -5.63 -22.81
CA ASP A 107 -21.81 -5.86 -23.90
C ASP A 107 -23.24 -5.88 -23.36
N ALA A 108 -24.19 -5.44 -24.19
CA ALA A 108 -25.58 -5.57 -23.82
C ALA A 108 -26.41 -5.74 -25.08
N LYS A 109 -27.58 -6.36 -24.90
CA LYS A 109 -28.54 -6.55 -25.98
C LYS A 109 -29.76 -5.71 -25.68
N ARG A 110 -30.10 -4.82 -26.62
CA ARG A 110 -31.25 -3.94 -26.49
C ARG A 110 -32.53 -4.75 -26.71
N LEU A 111 -33.15 -5.17 -25.61
CA LEU A 111 -34.25 -6.12 -25.69
C LEU A 111 -35.53 -5.40 -26.06
N THR A 112 -36.11 -5.81 -27.19
CA THR A 112 -37.38 -5.26 -27.67
C THR A 112 -38.46 -5.30 -26.58
N HIS A 113 -38.57 -6.42 -25.88
CA HIS A 113 -39.69 -6.65 -24.99
C HIS A 113 -39.46 -6.13 -23.57
N LYS A 114 -38.26 -6.30 -23.04
CA LYS A 114 -38.01 -6.13 -21.61
C LYS A 114 -37.38 -4.77 -21.30
N ARG A 115 -37.19 -4.51 -20.01
CA ARG A 115 -36.50 -3.33 -19.53
C ARG A 115 -35.24 -3.75 -18.78
N GLN A 116 -34.20 -2.89 -18.86
CA GLN A 116 -32.92 -3.15 -18.22
C GLN A 116 -32.52 -1.95 -17.37
N PHE A 117 -31.99 -2.21 -16.18
CA PHE A 117 -31.62 -1.19 -15.20
C PHE A 117 -30.18 -1.41 -14.75
N LEU A 118 -29.52 -0.33 -14.33
CA LEU A 118 -28.29 -0.42 -13.54
C LEU A 118 -28.62 -0.31 -12.06
N TYR A 119 -28.00 -1.14 -11.24
CA TYR A 119 -28.29 -1.17 -9.81
C TYR A 119 -27.01 -1.26 -8.99
N PHE A 120 -26.85 -0.31 -8.08
CA PHE A 120 -25.67 -0.20 -7.24
C PHE A 120 -26.04 -0.50 -5.80
N GLY A 121 -25.50 -1.58 -5.22
CA GLY A 121 -25.72 -1.84 -3.82
C GLY A 121 -25.26 -0.70 -2.92
N ALA A 122 -24.23 0.03 -3.34
CA ALA A 122 -23.64 1.15 -2.62
C ALA A 122 -22.44 1.68 -3.41
N VAL A 123 -22.31 3.01 -3.42
CA VAL A 123 -21.15 3.71 -3.93
C VAL A 123 -20.88 4.79 -2.91
N SER A 124 -19.67 4.83 -2.36
CA SER A 124 -19.36 5.70 -1.25
C SER A 124 -18.41 6.82 -1.72
N TYR A 125 -18.75 8.07 -1.44
CA TYR A 125 -19.93 8.51 -0.73
C TYR A 125 -20.93 9.16 -1.70
N ARG A 126 -20.42 9.75 -2.79
CA ARG A 126 -21.26 10.40 -3.80
C ARG A 126 -20.70 10.10 -5.17
N CYS A 127 -21.56 10.13 -6.19
CA CYS A 127 -21.14 9.67 -7.49
C CYS A 127 -21.98 10.32 -8.58
N ARG A 128 -21.41 10.34 -9.80
CA ARG A 128 -22.12 10.67 -11.03
C ARG A 128 -21.85 9.56 -12.03
N VAL A 129 -22.90 8.98 -12.57
CA VAL A 129 -22.81 7.84 -13.47
C VAL A 129 -22.96 8.32 -14.92
N TYR A 130 -22.00 7.98 -15.77
CA TYR A 130 -22.01 8.35 -17.18
C TYR A 130 -22.08 7.07 -18.02
N LEU A 131 -22.92 7.08 -19.06
CA LEU A 131 -23.06 5.95 -19.98
C LEU A 131 -22.91 6.45 -21.42
N ASN A 132 -22.03 5.80 -22.18
CA ASN A 132 -21.75 6.17 -23.56
C ASN A 132 -21.50 7.67 -23.77
N GLY A 133 -20.86 8.32 -22.81
CA GLY A 133 -20.50 9.71 -22.94
C GLY A 133 -21.46 10.69 -22.37
N ALA A 134 -22.50 10.23 -21.66
CA ALA A 134 -23.59 11.08 -21.22
C ALA A 134 -23.94 10.79 -19.76
N GLU A 135 -24.06 11.85 -18.97
CA GLU A 135 -24.43 11.67 -17.57
C GLU A 135 -25.86 11.16 -17.48
N ILE A 136 -26.09 10.18 -16.63
CA ILE A 136 -27.42 9.58 -16.61
C ILE A 136 -27.93 9.46 -15.19
N GLY A 137 -27.14 9.86 -14.20
CA GLY A 137 -27.60 9.67 -12.83
C GLY A 137 -26.56 10.12 -11.84
N SER A 138 -26.95 10.09 -10.57
CA SER A 138 -26.10 10.55 -9.47
C SER A 138 -26.66 9.95 -8.18
N HIS A 139 -25.84 9.95 -7.13
CA HIS A 139 -26.31 9.50 -5.82
C HIS A 139 -25.41 10.08 -4.74
N GLU A 140 -25.97 10.26 -3.54
CA GLU A 140 -25.23 10.74 -2.38
C GLU A 140 -25.55 9.84 -1.20
N GLY A 141 -24.52 9.50 -0.40
CA GLY A 141 -24.71 8.60 0.72
C GLY A 141 -24.21 7.20 0.45
N GLY A 142 -23.22 6.74 1.19
CA GLY A 142 -22.40 5.65 0.75
C GLY A 142 -22.76 4.25 1.23
N PHE A 143 -23.93 4.05 1.82
CA PHE A 143 -24.27 2.75 2.37
C PHE A 143 -25.63 2.23 1.91
N THR A 144 -26.23 2.86 0.91
CA THR A 144 -27.57 2.48 0.48
C THR A 144 -27.61 2.35 -1.03
N PRO A 145 -28.46 1.47 -1.54
CA PRO A 145 -28.52 1.25 -2.98
C PRO A 145 -29.33 2.32 -3.72
N PHE A 146 -29.30 2.21 -5.04
CA PHE A 146 -29.93 3.13 -5.95
C PHE A 146 -29.77 2.54 -7.35
N GLN A 147 -30.62 3.00 -8.25
CA GLN A 147 -30.69 2.38 -9.56
C GLN A 147 -31.09 3.40 -10.62
N ILE A 148 -30.69 3.10 -11.85
CA ILE A 148 -30.98 3.91 -13.02
C ILE A 148 -31.50 2.98 -14.11
N GLU A 149 -32.66 3.33 -14.68
CA GLU A 149 -33.18 2.57 -15.81
C GLU A 149 -32.39 2.93 -17.06
N VAL A 150 -31.95 1.94 -17.82
CA VAL A 150 -31.14 2.20 -19.01
C VAL A 150 -31.78 1.60 -20.27
N THR A 151 -33.08 1.30 -20.23
CA THR A 151 -33.72 0.60 -21.34
C THR A 151 -33.52 1.34 -22.65
N ASP A 152 -33.65 2.66 -22.64
CA ASP A 152 -33.54 3.39 -23.89
C ASP A 152 -32.13 3.89 -24.17
N LEU A 153 -31.19 3.76 -23.21
CA LEU A 153 -29.89 4.38 -23.36
C LEU A 153 -28.78 3.43 -23.80
N LEU A 154 -29.04 2.13 -23.87
CA LEU A 154 -28.00 1.16 -24.24
C LEU A 154 -27.84 1.07 -25.75
N ASN A 155 -26.59 1.14 -26.22
CA ASN A 155 -26.27 0.63 -27.54
C ASN A 155 -26.47 -0.88 -27.58
N GLU A 156 -26.63 -1.41 -28.79
CA GLU A 156 -26.57 -2.85 -29.03
C GLU A 156 -25.11 -3.25 -29.24
N GLY A 157 -24.62 -4.16 -28.41
CA GLY A 157 -23.22 -4.50 -28.42
C GLY A 157 -22.46 -3.72 -27.36
N GLU A 158 -21.29 -3.18 -27.72
CA GLU A 158 -20.40 -2.57 -26.75
C GLU A 158 -21.02 -1.31 -26.16
N ASN A 159 -21.03 -1.24 -24.83
CA ASN A 159 -21.38 -0.04 -24.08
C ASN A 159 -20.21 0.33 -23.17
N PHE A 160 -20.08 1.61 -22.88
CA PHE A 160 -19.03 2.13 -22.02
C PHE A 160 -19.65 2.92 -20.88
N ILE A 161 -19.20 2.65 -19.66
CA ILE A 161 -19.72 3.30 -18.45
C ILE A 161 -18.56 3.85 -17.66
N ALA A 162 -18.70 5.11 -17.24
CA ALA A 162 -17.71 5.79 -16.40
C ALA A 162 -18.41 6.33 -15.18
N ILE A 163 -17.82 6.17 -14.01
CA ILE A 163 -18.41 6.62 -12.75
C ILE A 163 -17.41 7.48 -11.99
N GLU A 164 -17.82 8.70 -11.70
CA GLU A 164 -17.10 9.66 -10.88
C GLU A 164 -17.46 9.39 -9.41
N VAL A 165 -16.63 8.62 -8.71
CA VAL A 165 -16.86 8.29 -7.31
C VAL A 165 -16.05 9.23 -6.44
N ASN A 166 -16.72 9.84 -5.44
CA ASN A 166 -16.09 10.87 -4.62
C ASN A 166 -16.36 10.64 -3.13
N ASN A 167 -15.36 10.96 -2.29
CA ASN A 167 -15.52 10.77 -0.84
C ASN A 167 -15.01 11.95 0.00
N ARG A 168 -15.07 13.16 -0.55
CA ARG A 168 -14.68 14.34 0.22
C ARG A 168 -15.66 14.61 1.33
N ARG A 169 -15.15 14.82 2.53
CA ARG A 169 -15.96 15.10 3.71
C ARG A 169 -16.47 16.55 3.68
N THR A 170 -17.77 16.73 3.87
CA THR A 170 -18.37 18.06 3.86
C THR A 170 -19.30 18.23 5.05
N LYS A 171 -19.45 19.50 5.45
CA LYS A 171 -20.24 19.86 6.62
C LYS A 171 -21.68 19.38 6.51
N ASP A 172 -22.21 19.30 5.30
CA ASP A 172 -23.62 18.99 5.05
C ASP A 172 -23.88 17.51 4.79
N ALA A 173 -22.86 16.65 4.95
CA ALA A 173 -23.02 15.26 4.59
C ALA A 173 -23.37 14.40 5.81
N ILE A 174 -23.70 13.14 5.54
CA ILE A 174 -23.98 12.17 6.59
C ILE A 174 -23.13 10.93 6.34
N PRO A 175 -22.06 10.70 7.12
CA PRO A 175 -21.58 11.57 8.21
C PRO A 175 -20.92 12.84 7.69
N ALA A 176 -20.29 13.62 8.54
CA ALA A 176 -19.87 14.97 8.18
C ALA A 176 -18.35 15.04 8.22
N MET A 177 -17.73 15.97 8.96
CA MET A 177 -16.31 16.15 8.75
C MET A 177 -15.50 15.14 9.54
N SER A 178 -16.08 14.56 10.59
CA SER A 178 -15.34 13.66 11.47
C SER A 178 -16.31 12.58 11.95
N PHE A 179 -15.80 11.37 12.05
CA PHE A 179 -16.56 10.18 12.42
C PHE A 179 -15.53 9.12 12.72
N ASP A 180 -15.89 8.16 13.57
CA ASP A 180 -14.90 7.24 14.14
C ASP A 180 -14.84 5.96 13.32
N TRP A 181 -14.38 6.12 12.08
CA TRP A 181 -14.18 5.00 11.17
C TRP A 181 -13.50 5.54 9.91
N TRP A 182 -12.95 4.64 9.12
CA TRP A 182 -12.14 5.07 8.00
C TRP A 182 -13.00 5.52 6.82
N ASN A 183 -12.55 6.57 6.14
CA ASN A 183 -13.31 7.14 5.01
C ASN A 183 -13.02 6.35 3.75
N TYR A 184 -13.51 5.10 3.74
CA TYR A 184 -13.44 4.25 2.58
C TYR A 184 -14.25 4.84 1.44
N GLY A 185 -13.61 5.09 0.31
CA GLY A 185 -14.27 5.47 -0.92
C GLY A 185 -14.30 4.31 -1.89
N GLY A 186 -15.33 4.26 -2.75
CA GLY A 186 -15.32 3.35 -3.87
C GLY A 186 -16.68 2.81 -4.22
N ILE A 187 -16.68 1.87 -5.15
CA ILE A 187 -17.86 1.09 -5.49
C ILE A 187 -17.79 -0.15 -4.60
N THR A 188 -18.29 0.02 -3.40
CA THR A 188 -18.06 -0.90 -2.28
C THR A 188 -18.95 -2.14 -2.32
N ARG A 189 -20.03 -2.17 -3.11
CA ARG A 189 -20.93 -3.32 -3.22
C ARG A 189 -21.25 -3.56 -4.69
N ASP A 190 -22.09 -4.58 -4.95
CA ASP A 190 -22.29 -5.10 -6.30
C ASP A 190 -22.82 -4.04 -7.24
N VAL A 191 -22.38 -4.12 -8.52
CA VAL A 191 -23.01 -3.41 -9.62
C VAL A 191 -23.77 -4.43 -10.47
N LEU A 192 -25.06 -4.23 -10.61
CA LEU A 192 -25.93 -5.21 -11.24
C LEU A 192 -26.58 -4.64 -12.47
N LEU A 193 -26.77 -5.53 -13.45
CA LEU A 193 -27.66 -5.30 -14.57
C LEU A 193 -28.94 -6.06 -14.28
N VAL A 194 -30.05 -5.35 -14.19
CA VAL A 194 -31.33 -5.95 -13.87
C VAL A 194 -32.23 -5.85 -15.10
N THR A 195 -32.74 -7.00 -15.52
CA THR A 195 -33.71 -7.13 -16.60
C THR A 195 -35.05 -7.46 -15.94
N THR A 196 -36.11 -6.79 -16.38
CA THR A 196 -37.47 -6.99 -15.92
C THR A 196 -38.42 -6.86 -17.11
N PRO A 197 -39.63 -7.40 -17.00
CA PRO A 197 -40.62 -7.17 -18.06
C PRO A 197 -41.15 -5.74 -18.01
N GLN A 198 -41.82 -5.35 -19.09
CA GLN A 198 -42.19 -3.95 -19.26
C GLN A 198 -43.11 -3.50 -18.13
N THR A 199 -43.91 -4.42 -17.59
CA THR A 199 -44.73 -4.17 -16.42
C THR A 199 -44.30 -5.18 -15.37
N TYR A 200 -43.64 -4.71 -14.32
CA TYR A 200 -42.98 -5.62 -13.40
C TYR A 200 -43.41 -5.34 -11.96
N LEU A 201 -43.14 -6.32 -11.11
CA LEU A 201 -43.36 -6.23 -9.67
C LEU A 201 -42.29 -5.33 -9.08
N GLU A 202 -42.66 -4.09 -8.77
CA GLU A 202 -41.68 -3.13 -8.31
C GLU A 202 -41.31 -3.35 -6.86
N ASP A 203 -42.26 -3.81 -6.04
CA ASP A 203 -42.00 -3.79 -4.62
C ASP A 203 -43.04 -4.61 -3.89
N TYR A 204 -42.65 -5.18 -2.75
CA TYR A 204 -43.57 -5.91 -1.89
C TYR A 204 -43.08 -5.86 -0.44
N PHE A 205 -44.06 -5.82 0.47
CA PHE A 205 -43.83 -5.77 1.90
C PHE A 205 -44.76 -6.81 2.51
N ILE A 206 -44.18 -7.85 3.12
CA ILE A 206 -44.92 -8.99 3.65
C ILE A 206 -44.33 -9.41 4.97
N GLN A 207 -44.98 -9.01 6.05
CA GLN A 207 -44.51 -9.32 7.39
C GLN A 207 -45.71 -9.57 8.27
N LEU A 208 -45.48 -10.24 9.40
CA LEU A 208 -46.51 -10.23 10.43
C LEU A 208 -46.82 -8.79 10.78
N ASP A 209 -48.10 -8.46 10.79
CA ASP A 209 -48.58 -7.35 11.59
C ASP A 209 -47.95 -7.45 12.98
N LYS A 210 -47.53 -6.33 13.55
CA LYS A 210 -46.87 -6.42 14.83
C LYS A 210 -47.86 -6.84 15.90
N GLU A 211 -47.33 -7.27 17.04
CA GLU A 211 -48.11 -7.90 18.12
C GLU A 211 -48.77 -9.18 17.63
N SER A 212 -49.48 -9.10 16.51
CA SER A 212 -50.39 -10.14 16.04
C SER A 212 -49.67 -11.39 15.56
N PRO A 213 -49.77 -12.51 16.28
CA PRO A 213 -48.98 -13.70 15.92
C PRO A 213 -49.36 -14.35 14.61
N ASN A 214 -50.46 -13.96 13.95
CA ASN A 214 -50.84 -14.66 12.73
C ASN A 214 -51.64 -13.80 11.77
N ARG A 215 -51.45 -12.48 11.79
CA ARG A 215 -52.02 -11.61 10.77
C ARG A 215 -50.89 -11.05 9.90
N MET A 216 -51.08 -11.14 8.59
CA MET A 216 -50.07 -10.84 7.59
C MET A 216 -50.50 -9.64 6.77
N ILE A 217 -49.81 -8.51 6.95
CA ILE A 217 -49.95 -7.43 5.97
C ILE A 217 -49.32 -7.88 4.66
N ALA A 218 -49.89 -7.44 3.55
CA ALA A 218 -49.27 -7.71 2.26
C ALA A 218 -49.55 -6.51 1.36
N LYS A 219 -48.65 -5.53 1.41
CA LYS A 219 -48.66 -4.42 0.48
C LYS A 219 -47.83 -4.83 -0.73
N VAL A 220 -48.38 -4.65 -1.92
CA VAL A 220 -47.72 -5.00 -3.18
C VAL A 220 -48.03 -3.90 -4.19
N ALA A 221 -47.07 -3.64 -5.09
CA ALA A 221 -47.26 -2.57 -6.05
C ALA A 221 -46.58 -2.91 -7.36
N LEU A 222 -47.30 -2.72 -8.47
CA LEU A 222 -46.74 -2.90 -9.80
C LEU A 222 -45.93 -1.66 -10.21
N SER A 223 -45.41 -1.68 -11.43
CA SER A 223 -44.67 -0.53 -11.94
C SER A 223 -45.56 0.43 -12.73
N ASP A 224 -46.43 -0.07 -13.58
CA ASP A 224 -47.43 0.77 -14.23
C ASP A 224 -48.58 1.04 -13.27
N LYS A 225 -49.13 2.24 -13.34
CA LYS A 225 -50.30 2.60 -12.52
C LYS A 225 -51.56 2.24 -13.31
N LYS A 226 -52.08 1.04 -13.09
CA LYS A 226 -53.25 0.57 -13.83
C LYS A 226 -54.20 -0.17 -12.90
N ALA A 227 -55.49 0.05 -13.12
CA ALA A 227 -56.53 -0.53 -12.30
C ALA A 227 -56.76 -2.00 -12.62
N GLY A 228 -57.09 -2.77 -11.59
CA GLY A 228 -57.60 -4.12 -11.75
C GLY A 228 -56.72 -5.08 -12.51
N GLU A 229 -55.44 -5.15 -12.17
CA GLU A 229 -54.57 -6.23 -12.60
C GLU A 229 -54.43 -7.23 -11.46
N LYS A 230 -54.45 -8.52 -11.79
CA LYS A 230 -54.35 -9.55 -10.76
C LYS A 230 -52.95 -9.60 -10.17
N ILE A 231 -52.87 -9.92 -8.89
CA ILE A 231 -51.60 -10.08 -8.18
C ILE A 231 -51.77 -11.17 -7.14
N THR A 232 -50.83 -12.11 -7.10
CA THR A 232 -50.95 -13.32 -6.32
C THR A 232 -49.75 -13.47 -5.40
N VAL A 233 -50.00 -13.86 -4.15
CA VAL A 233 -48.96 -14.16 -3.19
C VAL A 233 -49.19 -15.57 -2.67
N SER A 234 -48.17 -16.42 -2.73
CA SER A 234 -48.27 -17.79 -2.27
C SER A 234 -47.17 -18.11 -1.28
N ILE A 235 -47.52 -18.89 -0.26
CA ILE A 235 -46.56 -19.51 0.64
C ILE A 235 -46.85 -21.00 0.58
N PRO A 236 -46.37 -21.71 -0.44
CA PRO A 236 -46.76 -23.12 -0.61
C PRO A 236 -46.54 -23.96 0.63
N GLU A 237 -45.51 -23.67 1.41
CA GLU A 237 -45.29 -24.46 2.61
C GLU A 237 -46.47 -24.34 3.57
N LEU A 238 -47.10 -23.16 3.63
CA LEU A 238 -48.27 -22.96 4.46
C LEU A 238 -49.57 -23.05 3.67
N LYS A 239 -49.53 -23.67 2.50
CA LYS A 239 -50.72 -23.99 1.71
C LYS A 239 -51.65 -22.78 1.58
N THR A 240 -51.06 -21.61 1.40
CA THR A 240 -51.83 -20.37 1.29
C THR A 240 -51.48 -19.68 -0.03
N SER A 241 -52.51 -19.31 -0.77
CA SER A 241 -52.41 -18.42 -1.92
C SER A 241 -53.54 -17.40 -1.81
N ILE A 242 -53.24 -16.15 -2.14
CA ILE A 242 -54.13 -15.03 -1.85
C ILE A 242 -54.12 -14.07 -3.05
N ASP A 243 -55.27 -13.87 -3.67
CA ASP A 243 -55.40 -13.06 -4.87
C ASP A 243 -55.91 -11.66 -4.54
N MET A 244 -55.43 -10.67 -5.31
CA MET A 244 -55.81 -9.28 -5.13
C MET A 244 -55.70 -8.57 -6.47
N LEU A 245 -56.13 -7.30 -6.51
CA LEU A 245 -56.10 -6.49 -7.72
C LEU A 245 -55.65 -5.06 -7.42
N THR A 246 -55.10 -4.40 -8.45
CA THR A 246 -54.41 -3.13 -8.26
C THR A 246 -55.37 -1.96 -8.08
N ASP A 247 -55.00 -0.94 -7.32
CA ASP A 247 -55.90 0.23 -7.31
C ASP A 247 -55.38 1.13 -8.42
N ALA A 248 -56.00 2.27 -8.66
CA ALA A 248 -55.56 3.16 -9.76
C ALA A 248 -54.06 3.32 -9.76
N GLU A 249 -53.45 3.36 -8.58
CA GLU A 249 -51.99 3.57 -8.47
C GLU A 249 -51.22 2.27 -8.63
N GLY A 250 -51.85 1.24 -9.16
CA GLY A 250 -51.14 -0.01 -9.32
C GLY A 250 -50.72 -0.66 -8.02
N LYS A 251 -51.28 -0.22 -6.88
CA LYS A 251 -50.91 -0.76 -5.57
C LYS A 251 -52.04 -1.64 -5.06
N ALA A 252 -51.67 -2.73 -4.38
CA ALA A 252 -52.65 -3.62 -3.77
C ALA A 252 -52.26 -3.90 -2.33
N GLU A 253 -53.27 -4.18 -1.52
CA GLU A 253 -53.06 -4.36 -0.10
C GLU A 253 -54.14 -5.27 0.44
N THR A 254 -53.73 -6.21 1.29
CA THR A 254 -54.62 -7.18 1.87
C THR A 254 -54.03 -7.63 3.19
N VAL A 255 -54.89 -7.79 4.18
CA VAL A 255 -54.54 -8.50 5.40
C VAL A 255 -55.22 -9.85 5.34
N PHE A 256 -54.57 -10.86 5.89
CA PHE A 256 -55.15 -12.20 5.96
C PHE A 256 -54.52 -12.91 7.15
N ASN A 257 -55.12 -14.03 7.53
CA ASN A 257 -54.70 -14.82 8.69
C ASN A 257 -54.12 -16.15 8.24
N ILE A 258 -53.32 -16.75 9.11
CA ILE A 258 -52.49 -17.88 8.70
C ILE A 258 -52.31 -18.82 9.89
N LYS A 259 -52.31 -20.12 9.62
CA LYS A 259 -52.25 -21.13 10.68
C LYS A 259 -51.16 -22.15 10.37
N LYS A 260 -50.75 -22.87 11.42
CA LYS A 260 -49.63 -23.81 11.36
C LYS A 260 -48.32 -23.10 10.95
N LEU A 261 -48.21 -21.83 11.30
CA LEU A 261 -47.07 -20.99 10.94
C LEU A 261 -46.01 -21.04 12.03
N GLU A 262 -44.80 -21.42 11.65
CA GLU A 262 -43.66 -21.28 12.54
C GLU A 262 -43.13 -19.85 12.44
N ARG A 263 -42.81 -19.26 13.57
CA ARG A 263 -42.33 -17.88 13.59
C ARG A 263 -40.82 -17.88 13.73
N TRP A 264 -40.17 -17.02 12.95
CA TRP A 264 -38.73 -16.88 13.05
C TRP A 264 -38.34 -16.53 14.47
N SER A 265 -37.26 -17.14 14.95
CA SER A 265 -36.75 -16.89 16.28
C SER A 265 -35.23 -17.02 16.25
N SER A 266 -34.58 -16.31 17.17
CA SER A 266 -33.12 -16.47 17.29
C SER A 266 -32.76 -17.91 17.60
N GLU A 267 -33.67 -18.65 18.22
CA GLU A 267 -33.36 -20.03 18.60
C GLU A 267 -33.41 -20.94 17.38
N ASN A 268 -34.56 -21.03 16.72
CA ASN A 268 -34.62 -21.72 15.43
C ASN A 268 -35.08 -20.74 14.35
N PRO A 269 -34.21 -20.40 13.40
CA PRO A 269 -34.50 -19.37 12.40
C PRO A 269 -35.27 -19.81 11.15
N LYS A 270 -36.57 -20.02 11.32
CA LYS A 270 -37.38 -20.52 10.21
C LYS A 270 -37.64 -19.43 9.18
N LEU A 271 -37.49 -19.79 7.91
CA LEU A 271 -37.77 -18.93 6.76
C LEU A 271 -38.62 -19.69 5.76
N TYR A 272 -39.45 -18.98 5.01
CA TYR A 272 -40.45 -19.56 4.12
C TYR A 272 -40.25 -19.14 2.67
N GLU A 273 -40.43 -20.10 1.76
CA GLU A 273 -40.49 -19.78 0.34
C GLU A 273 -41.74 -18.94 0.09
N VAL A 274 -41.55 -17.70 -0.36
CA VAL A 274 -42.66 -16.81 -0.68
C VAL A 274 -42.56 -16.41 -2.15
N ILE A 275 -43.71 -16.38 -2.84
CA ILE A 275 -43.76 -16.14 -4.28
C ILE A 275 -44.76 -15.03 -4.55
N VAL A 276 -44.31 -13.95 -5.19
CA VAL A 276 -45.17 -12.88 -5.67
C VAL A 276 -45.28 -13.01 -7.18
N SER A 277 -46.48 -12.82 -7.73
CA SER A 277 -46.65 -13.02 -9.15
C SER A 277 -47.62 -12.00 -9.74
N SER A 278 -47.41 -11.69 -11.02
CA SER A 278 -48.30 -10.84 -11.79
C SER A 278 -48.54 -11.50 -13.15
N ALA A 279 -49.13 -10.79 -14.10
CA ALA A 279 -49.37 -11.38 -15.41
C ALA A 279 -48.07 -11.73 -16.11
N ASN A 280 -47.00 -10.95 -15.90
CA ASN A 280 -45.74 -11.14 -16.59
C ASN A 280 -44.56 -11.42 -15.66
N ASP A 281 -44.70 -11.14 -14.38
CA ASP A 281 -43.56 -11.09 -13.48
C ASP A 281 -43.75 -12.14 -12.40
N ARG A 282 -42.67 -12.40 -11.66
CA ARG A 282 -42.65 -13.41 -10.60
C ARG A 282 -41.30 -13.32 -9.92
N VAL A 283 -41.27 -13.42 -8.59
CA VAL A 283 -40.01 -13.33 -7.87
C VAL A 283 -40.12 -14.10 -6.56
N GLU A 284 -39.09 -14.90 -6.25
CA GLU A 284 -39.01 -15.73 -5.07
C GLU A 284 -38.10 -15.09 -4.03
N GLU A 285 -38.45 -15.29 -2.75
CA GLU A 285 -37.62 -14.81 -1.65
C GLU A 285 -37.93 -15.55 -0.36
N GLN A 286 -36.87 -15.87 0.37
CA GLN A 286 -36.93 -16.52 1.68
C GLN A 286 -37.27 -15.48 2.73
N ILE A 287 -38.52 -15.47 3.18
CA ILE A 287 -38.98 -14.54 4.20
C ILE A 287 -39.45 -15.33 5.43
N GLY A 288 -39.02 -14.89 6.62
CA GLY A 288 -39.58 -15.35 7.86
C GLY A 288 -40.50 -14.31 8.49
N PHE A 289 -40.93 -14.61 9.71
CA PHE A 289 -42.04 -13.88 10.30
C PHE A 289 -41.92 -13.95 11.81
N ARG A 290 -42.22 -12.84 12.45
CA ARG A 290 -42.00 -12.72 13.88
C ARG A 290 -42.74 -11.49 14.36
N ASN A 291 -42.90 -11.41 15.67
CA ASN A 291 -43.40 -10.23 16.36
C ASN A 291 -42.37 -9.86 17.41
N ILE A 292 -41.99 -8.59 17.43
CA ILE A 292 -41.13 -8.04 18.47
C ILE A 292 -41.86 -6.85 19.06
N THR A 293 -41.94 -6.82 20.39
CA THR A 293 -42.76 -5.83 21.06
C THR A 293 -42.08 -5.45 22.36
N VAL A 294 -42.49 -4.30 22.89
CA VAL A 294 -42.11 -3.84 24.22
C VAL A 294 -43.37 -3.76 25.07
N LYS A 295 -43.25 -4.14 26.35
CA LYS A 295 -44.27 -3.87 27.36
C LYS A 295 -43.53 -3.35 28.59
N GLY A 296 -43.76 -2.08 28.92
CA GLY A 296 -43.08 -1.48 30.05
C GLY A 296 -41.59 -1.37 29.82
N THR A 297 -40.82 -2.13 30.58
CA THR A 297 -39.37 -2.10 30.45
C THR A 297 -38.82 -3.43 29.95
N ASP A 298 -39.63 -4.23 29.26
CA ASP A 298 -39.18 -5.50 28.73
C ASP A 298 -39.39 -5.57 27.23
N ILE A 299 -38.52 -6.32 26.57
CA ILE A 299 -38.57 -6.54 25.13
C ILE A 299 -39.06 -7.96 24.87
N TYR A 300 -39.99 -8.11 23.94
CA TYR A 300 -40.72 -9.36 23.76
C TYR A 300 -40.54 -9.87 22.34
N LEU A 301 -39.80 -10.95 22.19
CA LEU A 301 -39.63 -11.60 20.91
C LEU A 301 -40.65 -12.73 20.82
N ASN A 302 -41.66 -12.55 19.97
CA ASN A 302 -42.65 -13.59 19.70
C ASN A 302 -43.37 -14.04 20.97
N GLY A 303 -43.67 -13.08 21.84
CA GLY A 303 -44.36 -13.35 23.09
C GLY A 303 -43.42 -13.43 24.26
N LYS A 304 -42.29 -14.11 24.11
CA LYS A 304 -41.43 -14.36 25.25
C LYS A 304 -40.52 -13.16 25.51
N PRO A 305 -40.44 -12.67 26.74
CA PRO A 305 -39.46 -11.62 27.04
C PRO A 305 -38.07 -12.16 26.78
N THR A 306 -37.20 -11.29 26.27
CA THR A 306 -35.89 -11.76 25.83
C THR A 306 -34.82 -10.74 26.18
N PHE A 307 -33.67 -11.23 26.61
CA PHE A 307 -32.51 -10.39 26.91
C PHE A 307 -31.55 -10.41 25.72
N MET A 308 -31.19 -9.22 25.24
CA MET A 308 -30.36 -9.04 24.04
C MET A 308 -28.89 -9.19 24.41
N CYS A 309 -28.31 -10.35 24.14
CA CYS A 309 -26.86 -10.52 24.19
C CYS A 309 -26.31 -10.10 22.83
N SER A 310 -25.68 -8.92 22.79
CA SER A 310 -25.43 -8.24 21.53
C SER A 310 -23.95 -7.99 21.30
N ILE A 311 -23.59 -7.76 20.03
CA ILE A 311 -22.26 -7.29 19.66
C ILE A 311 -22.43 -6.40 18.44
N SER A 312 -21.44 -5.54 18.19
CA SER A 312 -21.38 -4.81 16.92
C SER A 312 -20.13 -5.23 16.19
N PHE A 313 -20.15 -5.05 14.86
CA PHE A 313 -18.91 -4.99 14.11
C PHE A 313 -19.10 -4.00 12.98
N HIS A 314 -18.01 -3.35 12.59
CA HIS A 314 -18.01 -2.55 11.38
C HIS A 314 -18.02 -3.43 10.14
N GLU A 315 -18.48 -2.84 9.03
CA GLU A 315 -18.49 -3.52 7.75
C GLU A 315 -17.09 -3.57 7.18
N GLU A 316 -16.21 -4.32 7.83
CA GLU A 316 -14.79 -4.21 7.60
C GLU A 316 -14.15 -5.57 7.86
N ILE A 317 -13.14 -5.90 7.08
CA ILE A 317 -12.46 -7.17 7.26
C ILE A 317 -11.08 -6.81 7.76
N PRO A 318 -10.81 -6.98 9.06
CA PRO A 318 -9.64 -6.30 9.63
C PRO A 318 -8.32 -6.81 9.07
N GLN A 319 -8.25 -8.09 8.67
CA GLN A 319 -6.94 -8.62 8.34
C GLN A 319 -6.39 -8.05 7.02
N ARG A 320 -7.24 -7.43 6.19
CA ARG A 320 -6.83 -6.74 4.98
C ARG A 320 -7.12 -5.24 5.02
N MET A 321 -7.75 -4.73 6.07
CA MET A 321 -7.99 -3.31 6.25
C MET A 321 -8.91 -2.74 5.15
N GLY A 322 -9.99 -3.45 4.85
CA GLY A 322 -10.91 -2.97 3.84
C GLY A 322 -12.34 -3.30 4.18
N ARG A 323 -13.26 -2.71 3.41
CA ARG A 323 -14.68 -3.00 3.50
C ARG A 323 -14.98 -4.45 3.14
N ALA A 324 -16.07 -4.97 3.71
CA ALA A 324 -16.56 -6.31 3.44
C ALA A 324 -17.70 -6.27 2.41
N PHE A 325 -17.68 -7.20 1.47
CA PHE A 325 -18.65 -7.09 0.39
C PHE A 325 -19.17 -8.43 -0.14
N SER A 326 -18.69 -9.57 0.37
CA SER A 326 -19.04 -10.86 -0.23
C SER A 326 -19.69 -11.83 0.76
N GLU A 327 -20.22 -12.93 0.20
CA GLU A 327 -20.74 -14.04 1.01
C GLU A 327 -19.68 -14.57 1.94
N ALA A 328 -18.46 -14.71 1.43
CA ALA A 328 -17.34 -15.18 2.22
C ALA A 328 -17.05 -14.24 3.37
N ASP A 329 -17.06 -12.92 3.12
CA ASP A 329 -16.85 -11.95 4.20
C ASP A 329 -17.88 -12.12 5.29
N ALA A 330 -19.16 -12.15 4.89
CA ALA A 330 -20.26 -12.40 5.81
C ALA A 330 -19.95 -13.57 6.74
N ALA A 331 -19.64 -14.73 6.16
CA ALA A 331 -19.37 -15.92 6.97
C ALA A 331 -18.31 -15.67 8.01
N MET A 332 -17.27 -14.93 7.67
CA MET A 332 -16.17 -14.76 8.61
C MET A 332 -16.60 -13.87 9.76
N LEU A 333 -17.24 -12.75 9.45
CA LEU A 333 -17.74 -11.88 10.51
C LEU A 333 -18.80 -12.57 11.36
N LEU A 334 -19.76 -13.24 10.72
CA LEU A 334 -20.89 -13.80 11.45
C LEU A 334 -20.56 -15.08 12.20
N ASN A 335 -19.54 -15.83 11.77
CA ASN A 335 -19.21 -17.01 12.54
C ASN A 335 -18.38 -16.66 13.75
N GLU A 336 -17.74 -15.50 13.75
CA GLU A 336 -17.08 -15.04 14.94
C GLU A 336 -18.08 -14.51 15.95
N ALA A 337 -19.22 -13.99 15.49
CA ALA A 337 -20.26 -13.56 16.41
C ALA A 337 -21.01 -14.74 17.00
N LYS A 338 -21.28 -15.77 16.18
CA LYS A 338 -21.87 -17.02 16.67
C LYS A 338 -20.97 -17.67 17.72
N ALA A 339 -19.65 -17.62 17.51
CA ALA A 339 -18.75 -18.23 18.47
C ALA A 339 -18.75 -17.50 19.80
N LEU A 340 -19.12 -16.22 19.81
CA LEU A 340 -19.22 -15.49 21.06
C LEU A 340 -20.47 -15.87 21.85
N GLY A 341 -21.47 -16.45 21.17
CA GLY A 341 -22.72 -16.80 21.81
C GLY A 341 -23.83 -15.78 21.71
N VAL A 342 -23.63 -14.68 20.98
CA VAL A 342 -24.62 -13.61 20.98
C VAL A 342 -25.88 -14.04 20.25
N ASN A 343 -27.00 -13.43 20.62
CA ASN A 343 -28.25 -13.62 19.89
C ASN A 343 -28.64 -12.39 19.10
N MET A 344 -27.85 -11.32 19.16
CA MET A 344 -28.18 -10.07 18.49
C MET A 344 -26.91 -9.50 17.87
N ILE A 345 -27.08 -8.69 16.82
CA ILE A 345 -25.97 -7.97 16.19
C ILE A 345 -26.40 -6.53 15.90
N ARG A 346 -25.66 -5.56 16.46
CA ARG A 346 -25.75 -4.17 16.06
C ARG A 346 -24.78 -3.94 14.91
N LEU A 347 -25.31 -3.52 13.77
CA LEU A 347 -24.54 -3.48 12.53
C LEU A 347 -23.78 -2.17 12.37
N ALA A 348 -23.17 -1.71 13.46
CA ALA A 348 -22.37 -0.50 13.50
C ALA A 348 -23.23 0.75 13.33
N HIS A 349 -22.74 1.72 12.57
CA HIS A 349 -23.42 3.00 12.46
C HIS A 349 -24.09 3.20 11.10
N TYR A 350 -24.30 2.15 10.31
CA TYR A 350 -24.83 2.29 8.96
C TYR A 350 -25.46 0.96 8.54
N PRO A 351 -26.36 0.98 7.55
CA PRO A 351 -26.81 -0.29 6.98
C PRO A 351 -25.68 -1.01 6.24
N GLN A 352 -25.64 -2.34 6.36
CA GLN A 352 -24.57 -3.15 5.78
C GLN A 352 -25.10 -3.95 4.59
N ASN A 353 -24.24 -4.79 4.04
CA ASN A 353 -24.67 -5.23 2.73
C ASN A 353 -25.63 -6.41 2.86
N GLU A 354 -26.32 -6.69 1.74
CA GLU A 354 -27.41 -7.67 1.77
C GLU A 354 -26.91 -9.07 2.07
N TYR A 355 -25.65 -9.35 1.76
CA TYR A 355 -25.08 -10.66 2.08
C TYR A 355 -24.99 -10.84 3.60
N THR A 356 -24.36 -9.88 4.27
CA THR A 356 -24.22 -9.96 5.73
C THR A 356 -25.58 -10.05 6.41
N VAL A 357 -26.58 -9.32 5.90
CA VAL A 357 -27.85 -9.25 6.57
C VAL A 357 -28.63 -10.54 6.37
N ARG A 358 -28.65 -11.06 5.14
CA ARG A 358 -29.41 -12.27 4.87
C ARG A 358 -28.72 -13.50 5.42
N LEU A 359 -27.41 -13.47 5.59
CA LEU A 359 -26.77 -14.60 6.28
C LEU A 359 -27.06 -14.55 7.77
N ALA A 360 -27.22 -13.35 8.33
CA ALA A 360 -27.56 -13.22 9.74
C ALA A 360 -28.97 -13.73 10.01
N GLU A 361 -29.90 -13.36 9.15
CA GLU A 361 -31.25 -13.90 9.19
C GLU A 361 -31.22 -15.43 9.16
N LYS A 362 -30.52 -16.00 8.18
CA LYS A 362 -30.45 -17.45 8.06
C LYS A 362 -29.91 -18.08 9.34
N MET A 363 -28.97 -17.43 10.01
CA MET A 363 -28.30 -17.99 11.19
C MET A 363 -28.95 -17.62 12.52
N GLY A 364 -30.04 -16.83 12.50
CA GLY A 364 -30.78 -16.52 13.71
C GLY A 364 -30.17 -15.47 14.61
N PHE A 365 -29.81 -14.32 14.02
CA PHE A 365 -29.35 -13.16 14.77
C PHE A 365 -30.38 -12.06 14.67
N ILE A 366 -30.74 -11.47 15.81
CA ILE A 366 -31.51 -10.24 15.77
C ILE A 366 -30.58 -9.12 15.35
N LEU A 367 -31.08 -8.21 14.51
CA LEU A 367 -30.27 -7.18 13.87
C LEU A 367 -30.77 -5.82 14.29
N TRP A 368 -29.85 -4.93 14.64
CA TRP A 368 -30.15 -3.51 14.74
C TRP A 368 -29.34 -2.82 13.64
N GLN A 369 -30.06 -2.14 12.73
CA GLN A 369 -29.47 -1.34 11.66
C GLN A 369 -29.87 0.13 11.83
N GLU A 370 -28.88 1.03 11.80
CA GLU A 370 -29.06 2.48 11.95
C GLU A 370 -28.44 3.23 10.77
N ILE A 371 -28.76 4.51 10.67
CA ILE A 371 -28.10 5.41 9.73
C ILE A 371 -27.05 6.22 10.48
N PRO A 372 -25.99 6.64 9.83
CA PRO A 372 -24.90 7.34 10.56
C PRO A 372 -25.22 8.75 11.02
N VAL A 373 -26.43 9.00 11.52
CA VAL A 373 -26.71 10.28 12.17
C VAL A 373 -26.15 10.26 13.57
N TRP A 374 -25.45 11.31 13.96
CA TRP A 374 -25.05 11.50 15.35
C TRP A 374 -24.91 13.00 15.62
N GLN A 375 -24.17 13.34 16.68
CA GLN A 375 -24.05 14.74 17.07
C GLN A 375 -23.39 15.59 15.99
N GLY A 376 -22.37 15.05 15.32
CA GLY A 376 -21.63 15.81 14.34
C GLY A 376 -22.47 16.43 13.23
N ILE A 377 -23.61 15.83 12.92
CA ILE A 377 -24.42 16.27 11.80
C ILE A 377 -24.90 17.71 11.97
N ASP A 378 -25.08 18.40 10.86
CA ASP A 378 -25.66 19.73 10.87
C ASP A 378 -27.18 19.63 10.85
N PHE A 379 -27.82 19.85 12.01
CA PHE A 379 -29.27 19.77 12.13
C PHE A 379 -30.00 21.00 11.61
N THR A 380 -29.32 22.12 11.38
CA THR A 380 -29.97 23.34 10.90
C THR A 380 -30.02 23.45 9.38
N ASN A 381 -29.81 22.35 8.66
CA ASN A 381 -29.68 22.34 7.20
C ASN A 381 -30.79 21.46 6.66
N ASN A 382 -31.78 22.07 6.01
CA ASN A 382 -32.98 21.33 5.66
C ASN A 382 -32.66 20.20 4.69
N ASN A 383 -31.74 20.46 3.76
CA ASN A 383 -31.28 19.42 2.84
C ASN A 383 -30.63 18.26 3.57
N THR A 384 -29.94 18.54 4.68
CA THR A 384 -29.38 17.49 5.53
C THR A 384 -30.47 16.71 6.27
N ARG A 385 -31.55 17.35 6.70
CA ARG A 385 -32.70 16.61 7.23
C ARG A 385 -33.31 15.72 6.14
N LYS A 386 -33.48 16.27 4.94
CA LYS A 386 -33.92 15.48 3.80
C LYS A 386 -32.93 14.37 3.45
N LYS A 387 -31.62 14.62 3.60
CA LYS A 387 -30.68 13.56 3.27
C LYS A 387 -30.75 12.43 4.28
N ALA A 388 -30.98 12.78 5.54
CA ALA A 388 -31.16 11.76 6.58
C ALA A 388 -32.43 10.99 6.33
N GLN A 389 -33.51 11.70 6.01
CA GLN A 389 -34.80 11.07 5.77
C GLN A 389 -34.75 10.13 4.58
N ARG A 390 -34.01 10.50 3.53
CA ARG A 390 -33.94 9.61 2.38
C ARG A 390 -33.10 8.38 2.70
N MET A 391 -32.04 8.54 3.48
CA MET A 391 -31.20 7.40 3.81
C MET A 391 -31.96 6.39 4.66
N LEU A 392 -32.59 6.85 5.74
CA LEU A 392 -33.41 5.97 6.57
C LEU A 392 -34.51 5.29 5.77
N SER A 393 -35.04 5.96 4.74
CA SER A 393 -36.06 5.33 3.90
C SER A 393 -35.46 4.30 2.96
N GLU A 394 -34.31 4.59 2.37
CA GLU A 394 -33.63 3.59 1.55
C GLU A 394 -33.30 2.37 2.38
N MET A 395 -32.81 2.58 3.61
CA MET A 395 -32.50 1.47 4.50
C MET A 395 -33.76 0.66 4.78
N ILE A 396 -34.80 1.31 5.31
CA ILE A 396 -36.01 0.58 5.68
C ILE A 396 -36.57 -0.17 4.48
N LYS A 397 -36.75 0.54 3.36
CA LYS A 397 -37.38 -0.09 2.21
C LYS A 397 -36.58 -1.31 1.72
N ARG A 398 -35.25 -1.24 1.75
CA ARG A 398 -34.45 -2.35 1.23
C ARG A 398 -34.67 -3.61 2.07
N ASP A 399 -34.71 -3.46 3.39
CA ASP A 399 -34.76 -4.57 4.34
C ASP A 399 -36.13 -4.76 5.01
N GLN A 400 -37.22 -4.28 4.40
CA GLN A 400 -38.49 -4.32 5.11
C GLN A 400 -38.99 -5.74 5.31
N ASN A 401 -38.59 -6.68 4.45
CA ASN A 401 -38.99 -8.07 4.59
C ASN A 401 -37.98 -8.91 5.37
N ARG A 402 -37.01 -8.30 6.04
CA ARG A 402 -36.01 -9.02 6.82
C ARG A 402 -36.49 -9.09 8.27
N CYS A 403 -37.14 -10.18 8.62
CA CYS A 403 -37.67 -10.38 9.96
C CYS A 403 -36.57 -10.39 11.00
N ALA A 404 -35.32 -10.58 10.59
CA ALA A 404 -34.24 -10.57 11.57
C ALA A 404 -34.02 -9.20 12.19
N VAL A 405 -34.43 -8.13 11.52
CA VAL A 405 -34.28 -6.77 12.05
C VAL A 405 -35.43 -6.49 13.02
N GLY A 406 -35.10 -5.99 14.20
CA GLY A 406 -36.09 -5.61 15.18
C GLY A 406 -35.86 -4.22 15.73
N TYR A 407 -34.89 -3.49 15.17
CA TYR A 407 -34.55 -2.16 15.67
C TYR A 407 -34.08 -1.34 14.48
N TRP A 408 -34.87 -0.33 14.11
CA TRP A 408 -34.36 0.74 13.27
C TRP A 408 -33.71 1.79 14.18
N GLY A 409 -32.42 2.01 14.00
CA GLY A 409 -31.73 3.10 14.69
C GLY A 409 -31.78 4.40 13.88
N ILE A 410 -31.87 5.51 14.61
CA ILE A 410 -32.00 6.82 13.98
C ILE A 410 -30.81 7.73 14.28
N ALA A 411 -30.03 7.46 15.33
CA ALA A 411 -28.87 8.28 15.63
C ALA A 411 -28.01 7.57 16.67
N ASN A 412 -26.71 7.79 16.57
CA ASN A 412 -25.86 7.54 17.72
C ASN A 412 -25.96 8.78 18.60
N GLU A 413 -25.04 8.97 19.52
CA GLU A 413 -25.25 9.93 20.61
C GLU A 413 -25.48 11.36 20.09
N THR A 414 -26.53 12.01 20.58
CA THR A 414 -26.84 13.39 20.21
C THR A 414 -27.32 14.19 21.42
N GLN A 415 -26.81 15.46 21.56
CA GLN A 415 -27.12 16.43 22.62
C GLN A 415 -28.46 17.11 22.35
N PRO A 416 -29.29 17.32 23.38
CA PRO A 416 -30.58 17.99 23.17
C PRO A 416 -30.43 19.41 22.65
N SER A 417 -31.43 19.84 21.86
CA SER A 417 -31.47 21.12 21.17
C SER A 417 -32.76 21.20 20.38
N LYS A 418 -33.29 22.41 20.17
CA LYS A 418 -34.48 22.49 19.34
C LYS A 418 -34.20 21.94 17.94
N ALA A 419 -33.06 22.30 17.36
CA ALA A 419 -32.78 21.86 16.00
C ALA A 419 -32.60 20.34 15.93
N ARG A 420 -32.00 19.75 16.97
CA ARG A 420 -31.86 18.30 16.99
C ARG A 420 -33.21 17.61 17.11
N ASN A 421 -34.02 18.00 18.10
CA ASN A 421 -35.20 17.18 18.38
C ASN A 421 -36.24 17.28 17.27
N GLU A 422 -36.37 18.42 16.57
CA GLU A 422 -37.22 18.42 15.39
C GLU A 422 -36.71 17.42 14.37
N PHE A 423 -35.39 17.40 14.18
CA PHE A 423 -34.67 16.50 13.28
C PHE A 423 -35.00 15.04 13.61
N LEU A 424 -34.55 14.56 14.76
CA LEU A 424 -34.78 13.18 15.18
C LEU A 424 -36.26 12.82 15.13
N THR A 425 -37.13 13.70 15.66
CA THR A 425 -38.57 13.46 15.54
C THR A 425 -39.00 13.26 14.09
N SER A 426 -38.40 14.00 13.16
CA SER A 426 -38.73 13.78 11.76
C SER A 426 -38.15 12.48 11.23
N LEU A 427 -37.15 11.91 11.91
CA LEU A 427 -36.70 10.59 11.51
C LEU A 427 -37.71 9.53 11.90
N LEU A 428 -38.33 9.68 13.07
CA LEU A 428 -39.36 8.74 13.49
C LEU A 428 -40.61 8.84 12.60
N GLU A 429 -41.04 10.07 12.30
CA GLU A 429 -42.19 10.25 11.40
C GLU A 429 -41.96 9.55 10.06
N THR A 430 -40.73 9.60 9.56
CA THR A 430 -40.47 9.05 8.23
C THR A 430 -40.51 7.54 8.25
N GLY A 431 -39.92 6.94 9.29
CA GLY A 431 -39.93 5.49 9.39
C GLY A 431 -41.33 4.93 9.55
N LYS A 432 -42.08 5.47 10.51
CA LYS A 432 -43.40 4.95 10.81
C LYS A 432 -44.33 5.02 9.61
N GLN A 433 -44.11 5.98 8.72
CA GLN A 433 -44.91 6.00 7.49
C GLN A 433 -44.55 4.86 6.56
N LEU A 434 -43.43 4.19 6.79
CA LEU A 434 -43.02 3.02 6.04
C LEU A 434 -43.14 1.73 6.83
N ASP A 435 -42.90 1.78 8.13
CA ASP A 435 -42.75 0.54 8.87
C ASP A 435 -43.12 0.78 10.31
N THR A 436 -43.99 -0.05 10.84
CA THR A 436 -44.29 0.03 12.26
C THR A 436 -44.02 -1.28 12.98
N THR A 437 -43.54 -2.31 12.27
CA THR A 437 -43.39 -3.64 12.82
C THR A 437 -42.12 -3.81 13.61
N ARG A 438 -41.23 -2.83 13.61
CA ARG A 438 -39.94 -2.95 14.24
C ARG A 438 -39.76 -1.83 15.26
N LEU A 439 -38.85 -2.07 16.20
CA LEU A 439 -38.62 -1.08 17.24
C LEU A 439 -37.72 0.05 16.74
N TYR A 440 -37.89 1.23 17.33
CA TYR A 440 -37.05 2.38 17.05
C TYR A 440 -36.25 2.74 18.29
N VAL A 441 -34.99 3.11 18.07
CA VAL A 441 -34.03 3.34 19.13
C VAL A 441 -33.06 4.41 18.66
N ALA A 442 -32.40 5.05 19.62
CA ALA A 442 -31.28 5.95 19.39
C ALA A 442 -30.38 5.80 20.60
N ALA A 443 -29.11 6.15 20.43
CA ALA A 443 -28.15 5.94 21.49
C ALA A 443 -27.81 7.27 22.15
N PHE A 444 -27.44 7.22 23.43
CA PHE A 444 -27.22 8.44 24.18
C PHE A 444 -26.00 8.29 25.07
N ASP A 445 -25.16 9.33 25.07
CA ASP A 445 -24.00 9.38 25.93
C ASP A 445 -24.18 10.39 27.06
N LEU A 446 -25.42 10.58 27.49
CA LEU A 446 -25.75 11.58 28.49
C LEU A 446 -25.97 10.96 29.87
N VAL A 447 -25.30 9.88 30.18
CA VAL A 447 -25.37 9.30 31.51
C VAL A 447 -24.28 9.93 32.37
N ARG A 448 -24.70 10.43 33.53
CA ARG A 448 -23.87 11.25 34.40
C ARG A 448 -24.02 10.73 35.83
N PHE A 449 -22.97 10.90 36.62
CA PHE A 449 -22.97 10.53 38.03
C PHE A 449 -22.91 11.80 38.88
N ASN A 450 -23.99 12.09 39.59
CA ASN A 450 -23.92 13.11 40.63
C ASN A 450 -23.60 12.44 41.97
N ARG A 451 -22.77 13.09 42.77
CA ARG A 451 -22.51 12.57 44.11
C ARG A 451 -23.74 12.64 45.01
N GLU A 452 -24.74 13.45 44.64
CA GLU A 452 -25.89 13.66 45.52
C GLU A 452 -26.74 12.40 45.64
N LYS A 453 -27.35 11.96 44.54
CA LYS A 453 -28.15 10.75 44.61
C LYS A 453 -27.32 9.47 44.69
N LYS A 454 -26.00 9.59 44.51
CA LYS A 454 -25.08 8.46 44.34
C LYS A 454 -25.63 7.43 43.35
N ARG A 455 -26.01 7.94 42.17
CA ARG A 455 -26.62 7.14 41.12
C ARG A 455 -26.14 7.63 39.76
N PHE A 456 -26.45 6.84 38.73
CA PHE A 456 -26.28 7.25 37.34
C PHE A 456 -27.64 7.58 36.79
N VAL A 457 -27.75 8.75 36.14
CA VAL A 457 -29.02 9.28 35.67
C VAL A 457 -28.82 9.94 34.30
N MET A 458 -29.94 10.22 33.64
CA MET A 458 -29.89 10.81 32.32
C MET A 458 -31.06 11.77 32.14
N GLU A 459 -30.73 13.01 31.75
CA GLU A 459 -31.68 14.09 31.54
C GLU A 459 -31.85 14.30 30.03
N ASP A 460 -32.86 13.65 29.45
CA ASP A 460 -33.17 13.84 28.04
C ASP A 460 -34.61 13.39 27.83
N SER A 461 -35.45 14.31 27.39
CA SER A 461 -36.86 14.00 27.24
C SER A 461 -37.20 13.42 25.88
N PHE A 462 -36.27 13.44 24.93
CA PHE A 462 -36.57 12.83 23.64
C PHE A 462 -36.83 11.35 23.79
N THR A 463 -36.15 10.71 24.75
CA THR A 463 -36.32 9.30 25.04
C THR A 463 -37.77 8.87 25.14
N SER A 464 -38.69 9.79 25.42
CA SER A 464 -40.10 9.44 25.51
C SER A 464 -40.58 8.78 24.22
N GLN A 465 -40.15 9.28 23.06
CA GLN A 465 -40.72 8.75 21.82
C GLN A 465 -39.97 7.53 21.28
N LEU A 466 -39.02 6.97 22.03
CA LEU A 466 -38.34 5.76 21.62
C LEU A 466 -39.02 4.52 22.20
N ASP A 467 -38.92 3.40 21.48
CA ASP A 467 -39.34 2.12 22.04
C ASP A 467 -38.32 1.60 23.05
N VAL A 468 -37.04 1.76 22.74
CA VAL A 468 -35.94 1.25 23.52
C VAL A 468 -34.93 2.38 23.61
N VAL A 469 -34.25 2.47 24.73
CA VAL A 469 -33.29 3.53 24.95
C VAL A 469 -31.92 2.87 25.02
N ALA A 470 -31.02 3.32 24.15
CA ALA A 470 -29.67 2.79 24.10
C ALA A 470 -28.74 3.83 24.69
N VAL A 471 -27.71 3.34 25.40
CA VAL A 471 -26.78 4.20 26.10
C VAL A 471 -25.37 3.72 25.82
N ASN A 472 -24.47 4.64 25.47
CA ASN A 472 -23.06 4.34 25.29
C ASN A 472 -22.29 4.92 26.45
N LYS A 473 -21.84 4.06 27.35
CA LYS A 473 -21.00 4.48 28.43
C LYS A 473 -19.77 3.59 28.43
N TYR A 474 -18.63 4.16 28.74
CA TYR A 474 -17.39 3.40 28.81
C TYR A 474 -16.79 3.60 30.20
N MET A 475 -17.41 2.96 31.20
CA MET A 475 -16.88 3.02 32.55
C MET A 475 -15.53 2.30 32.64
N GLY A 476 -14.63 2.85 33.46
CA GLY A 476 -13.27 2.31 33.50
C GLY A 476 -12.42 2.61 32.29
N TRP A 477 -12.95 3.33 31.30
CA TRP A 477 -12.15 3.68 30.13
C TRP A 477 -12.16 5.19 29.90
N TYR A 478 -13.12 5.71 29.11
CA TYR A 478 -13.27 7.15 28.98
C TYR A 478 -13.68 7.76 30.32
N HIS A 479 -14.65 7.15 31.00
CA HIS A 479 -15.11 7.70 32.27
C HIS A 479 -14.68 6.78 33.42
N PRO A 480 -13.66 7.15 34.19
CA PRO A 480 -13.13 6.23 35.20
C PRO A 480 -14.10 6.08 36.36
N TRP A 481 -13.91 5.00 37.10
CA TRP A 481 -14.87 4.62 38.13
C TRP A 481 -14.81 5.58 39.32
N PRO A 482 -15.85 6.35 39.59
CA PRO A 482 -15.86 7.19 40.80
C PRO A 482 -16.28 6.38 42.03
N ILE A 483 -17.43 5.69 41.91
CA ILE A 483 -17.92 4.72 42.89
C ILE A 483 -17.44 3.33 42.50
N GLU A 484 -17.40 2.42 43.48
CA GLU A 484 -17.08 1.03 43.21
C GLU A 484 -18.10 0.41 42.25
N PRO A 485 -17.67 -0.48 41.35
CA PRO A 485 -18.59 -1.06 40.36
C PRO A 485 -19.80 -1.76 40.96
N GLU A 486 -19.60 -2.56 42.02
CA GLU A 486 -20.70 -3.22 42.68
C GLU A 486 -21.64 -2.24 43.35
N ASN A 487 -21.19 -1.00 43.57
CA ASN A 487 -22.02 0.06 44.15
C ASN A 487 -22.51 1.05 43.10
N ALA A 488 -22.31 0.76 41.82
CA ALA A 488 -22.81 1.61 40.75
C ALA A 488 -24.21 1.18 40.36
N VAL A 489 -25.21 1.99 40.70
CA VAL A 489 -26.62 1.69 40.43
C VAL A 489 -27.15 2.74 39.46
N TRP A 490 -28.12 2.34 38.64
CA TRP A 490 -28.50 3.11 37.46
C TRP A 490 -29.94 3.57 37.55
N GLU A 491 -30.15 4.87 37.41
CA GLU A 491 -31.47 5.48 37.34
C GLU A 491 -31.63 6.18 35.99
N VAL A 492 -31.61 5.42 34.90
CA VAL A 492 -31.60 5.98 33.56
C VAL A 492 -32.89 5.60 32.88
N ILE A 493 -33.71 6.60 32.58
CA ILE A 493 -35.02 6.46 31.94
C ILE A 493 -35.72 5.21 32.47
N PRO A 494 -36.08 5.17 33.75
CA PRO A 494 -36.48 3.90 34.38
C PRO A 494 -37.85 3.38 33.96
N ASP A 495 -38.54 4.02 33.03
CA ASP A 495 -39.86 3.56 32.59
C ASP A 495 -39.80 2.93 31.20
N LYS A 496 -38.62 2.63 30.69
CA LYS A 496 -38.46 2.09 29.34
C LYS A 496 -37.39 1.02 29.36
N PRO A 497 -37.35 0.17 28.33
CA PRO A 497 -36.28 -0.83 28.27
C PRO A 497 -34.98 -0.15 27.86
N LEU A 498 -33.91 -0.50 28.58
CA LEU A 498 -32.60 0.13 28.42
C LEU A 498 -31.57 -0.87 27.90
N ILE A 499 -30.83 -0.49 26.86
CA ILE A 499 -29.72 -1.28 26.32
C ILE A 499 -28.45 -0.46 26.37
N ILE A 500 -27.41 -1.00 26.99
CA ILE A 500 -26.07 -0.46 26.80
C ILE A 500 -25.58 -0.97 25.44
N SER A 501 -25.43 -0.05 24.49
CA SER A 501 -25.05 -0.41 23.12
C SER A 501 -23.56 -0.26 22.85
N GLU A 502 -22.80 0.38 23.75
CA GLU A 502 -21.37 0.52 23.60
C GLU A 502 -20.75 0.60 24.99
N PHE A 503 -19.66 -0.15 25.18
CA PHE A 503 -18.83 -0.13 26.38
C PHE A 503 -17.62 -1.01 26.09
N GLY A 504 -16.53 -0.75 26.80
CA GLY A 504 -15.31 -1.51 26.64
C GLY A 504 -14.10 -0.62 26.83
N GLY A 505 -12.95 -1.16 26.46
CA GLY A 505 -11.72 -0.38 26.46
C GLY A 505 -10.71 -1.06 25.57
N GLU A 506 -9.54 -0.42 25.41
CA GLU A 506 -8.64 -0.84 24.35
C GLU A 506 -7.61 -1.84 24.86
N ALA A 507 -7.10 -2.66 23.93
CA ALA A 507 -6.05 -3.63 24.22
C ALA A 507 -5.40 -4.09 22.93
N LEU A 508 -4.07 -4.05 22.88
CA LEU A 508 -3.32 -4.68 21.81
C LEU A 508 -3.21 -6.16 22.12
N TYR A 509 -3.61 -7.02 21.19
CA TYR A 509 -3.50 -8.45 21.45
C TYR A 509 -2.05 -8.83 21.67
N GLY A 510 -1.81 -9.77 22.58
CA GLY A 510 -0.48 -10.23 22.89
C GLY A 510 0.28 -9.39 23.92
N GLN A 511 -0.11 -8.15 24.16
CA GLN A 511 0.69 -7.27 25.01
C GLN A 511 0.32 -7.48 26.47
N SER A 512 1.23 -8.01 27.27
CA SER A 512 0.95 -8.17 28.70
C SER A 512 1.23 -6.87 29.45
N GLY A 513 0.34 -6.55 30.38
CA GLY A 513 0.53 -5.32 31.13
C GLY A 513 -0.24 -5.39 32.44
N ASP A 514 -0.09 -4.33 33.23
CA ASP A 514 -0.55 -4.34 34.60
C ASP A 514 -2.07 -4.19 34.62
N GLU A 515 -2.74 -5.20 35.21
CA GLU A 515 -4.19 -5.23 35.38
C GLU A 515 -4.80 -3.90 35.82
N ASN A 516 -4.04 -3.03 36.50
CA ASN A 516 -4.61 -1.85 37.11
C ASN A 516 -4.39 -0.55 36.32
N VAL A 517 -3.59 -0.57 35.25
CA VAL A 517 -3.14 0.64 34.55
C VAL A 517 -3.82 0.69 33.18
N ALA A 518 -4.71 1.67 32.97
CA ALA A 518 -5.46 1.76 31.71
C ALA A 518 -4.56 1.97 30.50
N SER A 519 -3.55 2.86 30.63
CA SER A 519 -2.63 3.12 29.55
C SER A 519 -1.74 1.95 29.24
N SER A 520 -1.88 0.80 29.90
CA SER A 520 -1.01 -0.32 29.54
C SER A 520 -1.37 -0.91 28.17
N TRP A 521 -2.58 -0.64 27.67
CA TRP A 521 -3.11 -1.28 26.46
C TRP A 521 -2.92 -2.79 26.53
N SER A 522 -3.03 -3.33 27.74
CA SER A 522 -2.85 -4.75 27.96
C SER A 522 -4.18 -5.46 27.83
N GLU A 523 -4.12 -6.71 27.36
CA GLU A 523 -5.30 -7.56 27.44
C GLU A 523 -5.77 -7.68 28.88
N GLU A 524 -4.83 -7.71 29.83
CA GLU A 524 -5.20 -7.92 31.23
C GLU A 524 -5.99 -6.73 31.78
N TYR A 525 -5.63 -5.50 31.41
CA TYR A 525 -6.51 -4.39 31.83
C TYR A 525 -7.88 -4.51 31.19
N GLN A 526 -7.97 -4.85 29.91
CA GLN A 526 -9.27 -4.87 29.26
C GLN A 526 -10.16 -5.95 29.83
N ALA A 527 -9.59 -7.08 30.24
CA ALA A 527 -10.38 -8.12 30.89
C ALA A 527 -10.98 -7.61 32.20
N ARG A 528 -10.15 -7.04 33.08
CA ARG A 528 -10.63 -6.51 34.35
C ARG A 528 -11.71 -5.47 34.15
N LEU A 529 -11.49 -4.52 33.24
CA LEU A 529 -12.55 -3.58 32.87
C LEU A 529 -13.83 -4.29 32.52
N TYR A 530 -13.74 -5.40 31.79
CA TYR A 530 -14.95 -6.12 31.45
C TYR A 530 -15.51 -6.85 32.65
N ARG A 531 -14.65 -7.31 33.55
CA ARG A 531 -15.10 -7.85 34.84
C ARG A 531 -15.96 -6.83 35.57
N ASP A 532 -15.48 -5.58 35.67
CA ASP A 532 -16.17 -4.57 36.48
C ASP A 532 -17.53 -4.23 35.90
N ASN A 533 -17.63 -4.11 34.58
CA ASN A 533 -18.89 -3.73 33.97
C ASN A 533 -19.94 -4.84 34.09
N ILE A 534 -19.50 -6.10 34.15
CA ILE A 534 -20.41 -7.20 34.44
C ILE A 534 -21.10 -6.97 35.78
N ARG A 535 -20.32 -6.59 36.80
CA ARG A 535 -20.89 -6.22 38.09
C ARG A 535 -21.94 -5.13 37.93
N MET A 536 -21.53 -4.00 37.36
CA MET A 536 -22.42 -2.87 37.21
C MET A 536 -23.74 -3.26 36.58
N PHE A 537 -23.75 -4.24 35.68
CA PHE A 537 -24.96 -4.55 34.93
C PHE A 537 -26.03 -5.17 35.81
N ASP A 538 -25.64 -5.73 36.95
CA ASP A 538 -26.68 -6.32 37.78
C ASP A 538 -27.42 -5.24 38.55
N ASN A 539 -26.77 -4.12 38.81
CA ASN A 539 -27.36 -2.96 39.46
C ASN A 539 -28.15 -2.07 38.52
N ILE A 540 -28.64 -2.57 37.39
CA ILE A 540 -29.33 -1.71 36.42
C ILE A 540 -30.70 -2.30 36.14
N PRO A 541 -31.74 -1.85 36.81
CA PRO A 541 -33.01 -2.62 36.79
C PRO A 541 -33.65 -2.76 35.42
N ASN A 542 -33.74 -1.69 34.63
CA ASN A 542 -34.39 -1.74 33.32
C ASN A 542 -33.51 -2.30 32.20
N LEU A 543 -32.31 -2.77 32.53
CA LEU A 543 -31.38 -3.29 31.52
C LEU A 543 -31.92 -4.55 30.83
N ARG A 544 -32.15 -4.46 29.52
CA ARG A 544 -32.64 -5.59 28.73
C ARG A 544 -31.70 -5.96 27.58
N GLY A 545 -30.46 -5.49 27.61
CA GLY A 545 -29.47 -5.93 26.68
C GLY A 545 -28.16 -5.23 26.94
N VAL A 546 -27.04 -5.91 26.68
CA VAL A 546 -25.76 -5.24 26.58
C VAL A 546 -25.13 -5.63 25.24
N SER A 547 -24.03 -4.98 24.94
CA SER A 547 -23.42 -5.07 23.63
C SER A 547 -22.01 -4.52 23.67
N PRO A 548 -20.98 -5.34 23.72
CA PRO A 548 -19.64 -4.77 23.71
C PRO A 548 -19.42 -3.99 22.42
N TRP A 549 -18.77 -2.85 22.59
CA TRP A 549 -18.10 -2.16 21.51
C TRP A 549 -16.64 -2.53 21.69
N ILE A 550 -16.10 -3.43 20.85
CA ILE A 550 -16.72 -3.94 19.62
C ILE A 550 -16.15 -5.35 19.34
N LEU A 551 -16.64 -6.05 18.32
CA LEU A 551 -16.16 -7.40 18.07
C LEU A 551 -14.69 -7.41 17.64
N PHE A 552 -14.35 -6.75 16.53
CA PHE A 552 -12.99 -6.72 16.00
C PHE A 552 -12.39 -5.33 16.13
N ASP A 553 -11.07 -5.26 16.31
CA ASP A 553 -10.38 -4.00 16.10
C ASP A 553 -10.77 -3.47 14.74
N PHE A 554 -10.97 -2.15 14.64
CA PHE A 554 -11.34 -1.56 13.36
C PHE A 554 -10.53 -0.29 13.11
N ARG A 555 -10.58 0.20 11.88
CA ARG A 555 -9.76 1.33 11.42
C ARG A 555 -10.42 2.68 11.72
N SER A 556 -9.62 3.61 12.21
CA SER A 556 -10.07 4.95 12.57
C SER A 556 -8.91 5.92 12.44
N PRO A 557 -9.11 7.05 11.77
CA PRO A 557 -8.02 8.00 11.51
C PRO A 557 -7.64 8.92 12.66
N PHE A 558 -8.26 8.84 13.84
CA PHE A 558 -7.73 9.65 14.94
C PHE A 558 -7.28 8.80 16.12
N ARG A 559 -6.96 7.53 15.90
CA ARG A 559 -6.32 6.68 16.89
C ARG A 559 -4.85 6.64 16.51
N PHE A 560 -4.08 7.60 17.05
CA PHE A 560 -2.73 7.92 16.59
C PHE A 560 -1.62 7.26 17.37
N HIS A 561 -1.92 6.54 18.45
CA HIS A 561 -0.80 6.12 19.27
C HIS A 561 0.07 5.22 18.42
N PRO A 562 1.34 5.55 18.21
CA PRO A 562 2.09 4.84 17.18
C PRO A 562 2.24 3.36 17.47
N THR A 563 2.45 3.01 18.73
CA THR A 563 2.76 1.63 19.09
C THR A 563 1.56 0.85 19.65
N ASN A 564 0.55 1.51 20.20
CA ASN A 564 -0.63 0.79 20.67
C ASN A 564 -1.82 0.90 19.75
N GLN A 565 -1.82 1.87 18.82
CA GLN A 565 -3.01 2.06 17.98
C GLN A 565 -2.70 1.93 16.48
N ASP A 566 -1.80 2.76 15.94
CA ASP A 566 -1.40 2.69 14.54
C ASP A 566 -2.62 2.69 13.61
N GLY A 567 -3.59 3.55 13.90
CA GLY A 567 -4.78 3.62 13.09
C GLY A 567 -5.92 2.72 13.51
N TRP A 568 -5.74 1.91 14.56
CA TRP A 568 -6.76 0.99 15.05
C TRP A 568 -7.37 1.48 16.35
N ASN A 569 -8.69 1.48 16.40
CA ASN A 569 -9.43 1.47 17.65
C ASN A 569 -9.37 0.05 18.23
N ARG A 570 -8.49 -0.17 19.19
CA ARG A 570 -8.24 -1.52 19.71
C ARG A 570 -9.30 -1.99 20.69
N LYS A 571 -10.54 -1.53 20.54
CA LYS A 571 -11.60 -1.93 21.45
C LYS A 571 -12.21 -3.27 21.09
N GLY A 572 -11.70 -3.96 20.08
CA GLY A 572 -12.26 -5.23 19.71
C GLY A 572 -12.05 -6.26 20.79
N LEU A 573 -13.01 -7.17 20.93
CA LEU A 573 -12.76 -8.40 21.69
C LEU A 573 -11.89 -9.36 20.91
N VAL A 574 -11.67 -9.09 19.63
CA VAL A 574 -10.79 -9.86 18.78
C VAL A 574 -9.80 -8.88 18.13
N SER A 575 -8.60 -9.37 17.83
CA SER A 575 -7.55 -8.51 17.30
C SER A 575 -7.80 -8.13 15.84
N ASP A 576 -7.03 -7.17 15.36
CA ASP A 576 -7.10 -6.86 13.95
C ASP A 576 -6.70 -8.08 13.12
N GLN A 577 -5.83 -8.93 13.66
CA GLN A 577 -5.44 -10.19 13.04
C GLN A 577 -6.48 -11.28 13.24
N GLY A 578 -7.53 -11.03 14.01
CA GLY A 578 -8.52 -12.06 14.16
C GLY A 578 -8.25 -13.11 15.22
N ILE A 579 -7.36 -12.80 16.21
CA ILE A 579 -7.14 -13.62 17.41
C ILE A 579 -8.01 -13.07 18.54
N ARG A 580 -8.58 -13.97 19.34
CA ARG A 580 -9.46 -13.58 20.44
C ARG A 580 -8.66 -13.06 21.63
N LYS A 581 -9.06 -11.89 22.16
CA LYS A 581 -8.41 -11.33 23.34
C LYS A 581 -8.98 -11.94 24.62
N LYS A 582 -8.27 -11.73 25.72
CA LYS A 582 -8.75 -12.22 27.02
C LYS A 582 -10.20 -11.85 27.26
N ALA A 583 -10.57 -10.58 27.02
CA ALA A 583 -11.93 -10.13 27.32
C ALA A 583 -13.00 -10.85 26.50
N TRP A 584 -12.64 -11.49 25.37
CA TRP A 584 -13.63 -12.20 24.54
C TRP A 584 -14.27 -13.38 25.29
N TYR A 585 -13.49 -14.09 26.09
CA TYR A 585 -14.00 -15.27 26.79
C TYR A 585 -14.93 -14.89 27.95
N LEU A 586 -14.69 -13.76 28.61
CA LEU A 586 -15.60 -13.31 29.66
C LEU A 586 -17.01 -13.10 29.12
N MET A 587 -17.11 -12.53 27.92
CA MET A 587 -18.42 -12.24 27.35
C MET A 587 -19.11 -13.51 26.88
N ARG A 588 -18.36 -14.47 26.37
CA ARG A 588 -18.95 -15.77 26.06
C ARG A 588 -19.54 -16.43 27.30
N GLU A 589 -18.85 -16.30 28.43
CA GLU A 589 -19.36 -16.86 29.68
C GLU A 589 -20.53 -16.04 30.22
N TYR A 590 -20.45 -14.71 30.12
CA TYR A 590 -21.60 -13.90 30.53
C TYR A 590 -22.82 -14.26 29.71
N TYR A 591 -22.61 -14.67 28.46
CA TYR A 591 -23.66 -14.91 27.50
C TYR A 591 -24.23 -16.33 27.53
N LYS A 592 -23.59 -17.27 28.22
CA LYS A 592 -24.14 -18.62 28.38
C LYS A 592 -25.20 -18.69 29.48
N THR A 593 -25.18 -17.75 30.43
CA THR A 593 -26.14 -17.66 31.52
C THR A 593 -27.46 -17.00 31.10
N LYS A 594 -27.81 -17.05 29.82
CA LYS A 594 -28.92 -16.25 29.31
C LYS A 594 -29.95 -17.02 28.51
N GLN B 25 7.60 -37.86 20.68
CA GLN B 25 8.43 -36.68 20.47
C GLN B 25 7.62 -35.41 20.72
N ASN B 26 6.35 -35.44 20.29
CA ASN B 26 5.50 -34.25 20.22
C ASN B 26 4.23 -34.47 21.02
N ILE B 27 3.99 -33.58 21.98
CA ILE B 27 2.87 -33.73 22.88
C ILE B 27 1.56 -33.64 22.11
N THR B 28 0.74 -34.67 22.23
CA THR B 28 -0.53 -34.71 21.53
C THR B 28 -1.47 -33.64 22.09
N ASN B 29 -2.38 -33.18 21.25
CA ASN B 29 -3.47 -32.28 21.63
C ASN B 29 -2.97 -31.08 22.44
N VAL B 30 -2.05 -30.31 21.84
CA VAL B 30 -1.53 -29.13 22.53
C VAL B 30 -2.66 -28.19 22.94
N TYR B 31 -3.75 -28.15 22.19
CA TYR B 31 -4.81 -27.18 22.47
C TYR B 31 -5.73 -27.61 23.60
N GLY B 32 -5.47 -28.75 24.21
CA GLY B 32 -6.19 -29.18 25.40
C GLY B 32 -5.36 -29.17 26.66
N ARG B 33 -4.16 -28.61 26.63
CA ARG B 33 -3.27 -28.60 27.78
C ARG B 33 -3.36 -27.27 28.48
N ASP B 34 -2.38 -27.03 29.37
CA ASP B 34 -2.23 -25.74 30.04
C ASP B 34 -1.35 -24.89 29.15
N ILE B 35 -1.97 -23.98 28.41
CA ILE B 35 -1.27 -23.27 27.34
C ILE B 35 -1.37 -21.76 27.58
N ARG B 36 -0.46 -21.06 26.91
CA ARG B 36 -0.25 -19.63 27.13
C ARG B 36 0.31 -19.09 25.82
N SER B 37 -0.42 -18.21 25.14
CA SER B 37 0.01 -17.72 23.84
C SER B 37 1.23 -16.84 23.98
N LEU B 38 2.15 -16.97 23.02
CA LEU B 38 3.21 -16.00 22.82
C LEU B 38 3.00 -15.18 21.55
N ASN B 39 1.81 -15.21 20.97
CA ASN B 39 1.52 -14.46 19.76
C ASN B 39 1.49 -12.98 20.08
N GLY B 40 1.30 -12.17 19.04
CA GLY B 40 1.31 -10.74 19.20
C GLY B 40 2.42 -10.17 18.35
N LYS B 41 2.83 -8.92 18.57
CA LYS B 41 3.80 -8.29 17.69
C LYS B 41 5.22 -8.54 18.20
N TRP B 42 6.06 -9.17 17.38
CA TRP B 42 7.46 -9.32 17.71
C TRP B 42 8.30 -8.30 16.96
N ASN B 43 9.48 -8.02 17.47
CA ASN B 43 10.38 -7.16 16.75
C ASN B 43 11.15 -8.00 15.74
N ALA B 44 11.42 -7.40 14.59
CA ALA B 44 12.00 -8.14 13.47
C ALA B 44 13.18 -7.40 12.88
N ILE B 45 14.12 -8.17 12.33
CA ILE B 45 15.19 -7.64 11.51
C ILE B 45 15.29 -8.48 10.25
N ILE B 46 15.30 -7.81 9.10
CA ILE B 46 15.42 -8.46 7.80
C ILE B 46 16.91 -8.63 7.49
N ASP B 47 17.34 -9.89 7.37
CA ASP B 47 18.77 -10.23 7.34
C ASP B 47 19.17 -10.74 5.95
N LEU B 48 19.20 -9.82 4.98
CA LEU B 48 19.36 -10.20 3.57
C LEU B 48 20.63 -11.02 3.34
N TYR B 49 21.74 -10.61 3.97
CA TYR B 49 23.02 -11.28 3.76
C TYR B 49 23.35 -12.29 4.83
N ASP B 50 22.41 -12.62 5.71
CA ASP B 50 22.61 -13.62 6.76
C ASP B 50 23.81 -13.28 7.65
N GLN B 51 24.12 -11.99 7.75
CA GLN B 51 25.09 -11.48 8.69
C GLN B 51 24.55 -11.38 10.10
N GLY B 52 23.33 -11.87 10.36
CA GLY B 52 22.79 -11.75 11.70
C GLY B 52 23.43 -12.70 12.69
N ARG B 53 23.57 -13.98 12.30
CA ARG B 53 24.15 -14.95 13.22
C ARG B 53 25.59 -14.60 13.54
N GLY B 54 26.34 -14.12 12.54
CA GLY B 54 27.73 -13.79 12.76
C GLY B 54 27.95 -12.75 13.84
N MET B 55 26.98 -11.85 14.01
CA MET B 55 27.09 -10.82 15.03
C MET B 55 26.23 -11.09 16.26
N LYS B 56 25.66 -12.29 16.34
CA LYS B 56 24.95 -12.77 17.53
C LYS B 56 23.92 -11.77 18.01
N VAL B 57 22.97 -11.45 17.11
CA VAL B 57 21.89 -10.56 17.48
C VAL B 57 21.00 -11.22 18.53
N TYR B 58 21.07 -12.54 18.66
CA TYR B 58 20.27 -13.24 19.65
C TYR B 58 20.71 -12.97 21.08
N ARG B 59 21.86 -12.31 21.27
CA ARG B 59 22.31 -11.93 22.61
C ARG B 59 21.72 -10.60 23.06
N ASN B 60 21.21 -9.79 22.12
CA ASN B 60 20.50 -8.55 22.45
C ASN B 60 21.39 -7.64 23.29
N GLN B 61 22.64 -7.50 22.86
CA GLN B 61 23.62 -6.68 23.55
C GLN B 61 23.35 -5.19 23.28
N SER B 62 23.12 -4.41 24.37
CA SER B 62 22.97 -2.95 24.42
C SER B 62 24.31 -2.30 24.77
N PRO B 63 24.60 -1.07 24.33
CA PRO B 63 25.93 -0.50 24.55
C PRO B 63 26.16 -0.09 26.00
N LYS B 64 27.37 -0.36 26.49
CA LYS B 64 27.78 -0.19 27.88
C LYS B 64 28.27 1.23 28.19
N GLY B 65 29.17 1.77 27.36
CA GLY B 65 29.72 3.09 27.61
C GLY B 65 30.50 3.57 26.40
N ASN B 66 31.10 4.75 26.56
CA ASN B 66 31.75 5.53 25.50
C ASN B 66 32.43 4.71 24.41
N THR B 67 33.03 3.57 24.79
CA THR B 67 33.71 2.73 23.80
C THR B 67 32.71 1.90 23.00
N ASP B 68 31.73 1.31 23.68
CA ASP B 68 30.82 0.36 23.07
C ASP B 68 29.94 1.03 22.02
N PHE B 69 29.77 0.36 20.89
CA PHE B 69 28.63 0.68 20.02
C PHE B 69 28.24 -0.57 19.25
N TYR B 70 26.94 -0.68 18.98
CA TYR B 70 26.33 -1.85 18.33
C TYR B 70 25.45 -1.41 17.16
N GLU B 71 25.52 -2.16 16.07
CA GLU B 71 24.81 -1.78 14.84
C GLU B 71 23.45 -2.48 14.72
N TYR B 72 22.79 -2.74 15.83
CA TYR B 72 21.51 -3.44 15.80
C TYR B 72 20.79 -3.20 17.12
N SER B 73 19.46 -3.21 17.04
CA SER B 73 18.60 -3.21 18.22
C SER B 73 17.39 -4.08 17.90
N PHE B 74 16.68 -4.49 18.96
CA PHE B 74 15.44 -5.27 18.83
C PHE B 74 14.25 -4.53 19.40
N GLN B 75 14.29 -3.20 19.38
CA GLN B 75 13.11 -2.41 19.62
C GLN B 75 13.29 -1.04 18.99
N GLY B 76 12.19 -0.46 18.50
CA GLY B 76 12.18 0.85 17.89
C GLY B 76 11.73 0.86 16.44
N GLY B 77 11.95 -0.23 15.72
CA GLY B 77 11.52 -0.32 14.33
C GLY B 77 10.44 -1.33 14.05
N LEU B 78 10.68 -2.20 13.07
CA LEU B 78 9.64 -3.04 12.49
C LEU B 78 9.18 -4.17 13.43
N ARG B 79 7.86 -4.38 13.46
CA ARG B 79 7.25 -5.47 14.19
C ARG B 79 6.37 -6.30 13.26
N LEU B 80 6.61 -7.61 13.21
CA LEU B 80 5.80 -8.54 12.45
C LEU B 80 4.77 -9.22 13.35
N ASN B 81 3.53 -9.32 12.86
CA ASN B 81 2.52 -10.10 13.56
C ASN B 81 2.91 -11.58 13.63
N VAL B 82 2.67 -12.16 14.80
CA VAL B 82 2.81 -13.60 15.01
C VAL B 82 1.46 -14.05 15.55
N PRO B 83 0.83 -15.07 14.98
CA PRO B 83 1.26 -15.86 13.80
C PRO B 83 1.06 -15.16 12.43
N GLY B 84 1.85 -15.56 11.45
CA GLY B 84 1.58 -15.17 10.07
C GLY B 84 2.81 -15.32 9.19
N ASP B 85 2.56 -15.19 7.88
CA ASP B 85 3.63 -15.01 6.93
C ASP B 85 4.14 -13.58 7.01
N TRP B 86 5.42 -13.40 6.71
CA TRP B 86 5.94 -12.06 6.65
C TRP B 86 5.61 -11.38 5.33
N ASN B 87 5.33 -12.17 4.28
CA ASN B 87 5.20 -11.62 2.93
C ASN B 87 4.06 -10.61 2.82
N SER B 88 2.94 -10.86 3.47
CA SER B 88 1.81 -9.97 3.24
C SER B 88 1.79 -8.78 4.17
N GLN B 89 2.79 -8.63 5.03
CA GLN B 89 2.71 -7.61 6.06
C GLN B 89 3.38 -6.30 5.67
N THR B 90 4.24 -6.35 4.65
CA THR B 90 4.78 -5.14 4.13
C THR B 90 5.18 -5.45 2.70
N PRO B 91 5.01 -4.51 1.76
CA PRO B 91 5.27 -4.85 0.35
C PRO B 91 6.73 -5.16 0.09
N GLU B 92 7.64 -4.56 0.85
CA GLU B 92 9.05 -4.89 0.77
C GLU B 92 9.34 -6.36 1.08
N LEU B 93 8.41 -7.05 1.75
CA LEU B 93 8.61 -8.45 2.15
C LEU B 93 7.91 -9.44 1.25
N LYS B 94 7.02 -8.98 0.35
CA LYS B 94 6.26 -9.85 -0.55
C LYS B 94 7.14 -10.91 -1.22
N TYR B 95 8.27 -10.51 -1.81
CA TYR B 95 9.12 -11.46 -2.52
C TYR B 95 10.34 -11.88 -1.72
N TYR B 96 10.41 -11.53 -0.44
CA TYR B 96 11.66 -11.66 0.30
C TYR B 96 11.98 -13.11 0.62
N GLU B 97 13.20 -13.52 0.25
CA GLU B 97 13.71 -14.84 0.56
C GLU B 97 15.05 -14.65 1.26
N GLY B 98 15.17 -15.21 2.45
CA GLY B 98 16.32 -14.99 3.29
C GLY B 98 15.95 -15.15 4.75
N THR B 99 16.82 -14.66 5.61
CA THR B 99 16.58 -14.76 7.04
C THR B 99 15.86 -13.50 7.52
N VAL B 100 14.84 -13.72 8.33
CA VAL B 100 14.22 -12.67 9.14
C VAL B 100 14.33 -13.10 10.60
N TRP B 101 14.80 -12.19 11.45
CA TRP B 101 14.94 -12.47 12.88
C TRP B 101 13.72 -11.95 13.62
N TYR B 102 13.01 -12.83 14.32
CA TYR B 102 11.90 -12.51 15.21
C TYR B 102 12.35 -12.56 16.66
N ALA B 103 11.96 -11.57 17.48
CA ALA B 103 12.35 -11.57 18.89
C ALA B 103 11.32 -10.87 19.76
N ARG B 104 11.24 -11.29 21.03
CA ARG B 104 10.39 -10.63 22.01
C ARG B 104 10.78 -11.01 23.44
N HIS B 105 10.33 -10.17 24.38
CA HIS B 105 10.44 -10.40 25.83
C HIS B 105 9.16 -11.06 26.34
N PHE B 106 9.29 -11.81 27.43
CA PHE B 106 8.13 -12.39 28.10
C PHE B 106 8.51 -12.85 29.50
N ASP B 107 7.50 -12.94 30.36
CA ASP B 107 7.68 -13.24 31.78
C ASP B 107 7.45 -14.72 32.06
N ALA B 108 8.06 -15.21 33.13
CA ALA B 108 7.93 -16.62 33.45
C ALA B 108 8.29 -16.89 34.91
N LYS B 109 7.51 -17.77 35.53
CA LYS B 109 7.81 -18.30 36.86
C LYS B 109 8.49 -19.67 36.74
N ARG B 110 9.52 -19.89 37.55
CA ARG B 110 10.20 -21.18 37.58
C ARG B 110 9.49 -22.08 38.60
N LEU B 111 8.80 -23.11 38.10
CA LEU B 111 8.07 -24.05 38.95
C LEU B 111 8.88 -25.34 39.03
N THR B 112 9.42 -25.64 40.22
CA THR B 112 10.23 -26.83 40.38
C THR B 112 9.42 -28.11 40.17
N HIS B 113 8.13 -28.08 40.52
CA HIS B 113 7.31 -29.28 40.42
C HIS B 113 7.01 -29.63 38.96
N LYS B 114 6.64 -28.62 38.17
CA LYS B 114 6.07 -28.81 36.84
C LYS B 114 7.07 -28.45 35.75
N ARG B 115 6.81 -28.95 34.54
CA ARG B 115 7.73 -28.74 33.42
C ARG B 115 7.06 -27.95 32.28
N GLN B 116 7.89 -27.33 31.43
CA GLN B 116 7.39 -26.34 30.49
C GLN B 116 8.08 -26.41 29.12
N PHE B 117 7.26 -26.27 28.08
CA PHE B 117 7.73 -26.37 26.69
C PHE B 117 7.29 -25.19 25.85
N LEU B 118 8.17 -24.80 24.93
CA LEU B 118 7.79 -23.98 23.79
C LEU B 118 7.22 -24.88 22.70
N TYR B 119 6.03 -24.54 22.19
CA TYR B 119 5.41 -25.28 21.10
C TYR B 119 5.12 -24.36 19.92
N PHE B 120 5.73 -24.66 18.77
CA PHE B 120 5.52 -23.93 17.53
C PHE B 120 4.61 -24.73 16.61
N GLY B 121 3.43 -24.18 16.27
CA GLY B 121 2.54 -24.86 15.35
C GLY B 121 3.13 -25.03 13.95
N ALA B 122 3.95 -24.06 13.52
CA ALA B 122 4.69 -24.15 12.27
C ALA B 122 5.56 -22.91 12.06
N VAL B 123 6.80 -23.13 11.63
CA VAL B 123 7.73 -22.10 11.23
C VAL B 123 8.26 -22.49 9.85
N SER B 124 8.03 -21.63 8.85
CA SER B 124 8.35 -21.94 7.46
C SER B 124 9.48 -21.02 6.99
N TYR B 125 10.55 -21.60 6.43
CA TYR B 125 10.76 -23.04 6.21
C TYR B 125 11.62 -23.72 7.30
N ARG B 126 12.69 -23.04 7.70
CA ARG B 126 13.65 -23.57 8.64
C ARG B 126 13.98 -22.48 9.66
N CYS B 127 14.41 -22.88 10.84
CA CYS B 127 14.72 -21.88 11.86
C CYS B 127 15.68 -22.45 12.90
N ARG B 128 16.37 -21.52 13.57
CA ARG B 128 17.11 -21.79 14.80
C ARG B 128 16.56 -20.90 15.91
N VAL B 129 16.20 -21.52 17.05
CA VAL B 129 15.63 -20.83 18.20
C VAL B 129 16.73 -20.50 19.21
N TYR B 130 16.61 -19.32 19.85
CA TYR B 130 17.67 -18.74 20.68
C TYR B 130 17.09 -18.16 21.97
N LEU B 131 17.11 -18.96 23.04
CA LEU B 131 16.56 -18.49 24.31
C LEU B 131 17.63 -17.80 25.13
N ASN B 132 17.34 -16.57 25.55
CA ASN B 132 18.14 -15.85 26.55
C ASN B 132 19.62 -15.78 26.20
N GLY B 133 20.01 -16.10 24.97
CA GLY B 133 21.38 -15.86 24.56
C GLY B 133 22.07 -17.01 23.85
N ALA B 134 21.42 -18.16 23.72
CA ALA B 134 22.09 -19.28 23.07
C ALA B 134 21.06 -20.17 22.41
N GLU B 135 21.50 -20.90 21.39
CA GLU B 135 20.59 -21.75 20.64
C GLU B 135 20.03 -22.83 21.54
N ILE B 136 18.79 -23.23 21.28
CA ILE B 136 18.06 -24.17 22.13
C ILE B 136 17.30 -25.17 21.27
N GLY B 137 17.44 -25.09 19.96
CA GLY B 137 16.69 -25.97 19.08
C GLY B 137 16.67 -25.47 17.65
N SER B 138 16.19 -26.35 16.78
CA SER B 138 16.08 -26.07 15.36
C SER B 138 14.99 -26.95 14.78
N HIS B 139 14.53 -26.59 13.57
CA HIS B 139 13.55 -27.40 12.86
C HIS B 139 13.59 -27.08 11.38
N GLU B 140 13.17 -28.05 10.57
CA GLU B 140 13.20 -27.91 9.11
C GLU B 140 11.94 -28.53 8.53
N GLY B 141 11.27 -27.80 7.65
CA GLY B 141 9.94 -28.17 7.21
C GLY B 141 8.94 -27.22 7.81
N GLY B 142 8.17 -26.54 6.97
CA GLY B 142 7.39 -25.41 7.41
C GLY B 142 5.89 -25.62 7.49
N PHE B 143 5.44 -26.87 7.60
CA PHE B 143 4.00 -27.11 7.66
C PHE B 143 3.59 -27.98 8.84
N THR B 144 4.51 -28.32 9.72
CA THR B 144 4.23 -29.24 10.81
C THR B 144 4.86 -28.69 12.09
N PRO B 145 4.31 -29.05 13.26
CA PRO B 145 4.75 -28.43 14.50
C PRO B 145 6.06 -29.03 15.03
N PHE B 146 6.62 -28.35 16.03
CA PHE B 146 7.74 -28.90 16.78
C PHE B 146 7.69 -28.30 18.18
N GLN B 147 8.70 -28.59 19.00
CA GLN B 147 8.70 -28.11 20.39
C GLN B 147 10.06 -28.30 21.04
N ILE B 148 10.26 -27.51 22.11
CA ILE B 148 11.50 -27.46 22.89
C ILE B 148 11.12 -27.30 24.37
N GLU B 149 11.56 -28.24 25.21
CA GLU B 149 11.39 -28.09 26.66
C GLU B 149 12.36 -27.05 27.18
N VAL B 150 11.90 -26.22 28.13
CA VAL B 150 12.75 -25.11 28.56
C VAL B 150 12.93 -25.06 30.07
N THR B 151 12.10 -25.82 30.81
CA THR B 151 12.18 -26.05 32.26
C THR B 151 13.39 -25.47 32.97
N ASP B 152 14.55 -26.01 32.66
CA ASP B 152 15.77 -25.67 33.35
C ASP B 152 16.51 -24.53 32.65
N LEU B 153 15.88 -23.90 31.64
CA LEU B 153 16.50 -22.83 30.88
C LEU B 153 15.85 -21.46 31.11
N LEU B 154 14.63 -21.40 31.61
CA LEU B 154 13.98 -20.10 31.82
C LEU B 154 14.64 -19.35 32.97
N ASN B 155 14.93 -18.07 32.75
CA ASN B 155 15.18 -17.16 33.87
C ASN B 155 13.87 -16.98 34.65
N GLU B 156 13.93 -16.18 35.70
CA GLU B 156 12.74 -15.82 36.47
C GLU B 156 12.31 -14.42 36.05
N GLY B 157 11.08 -14.30 35.54
CA GLY B 157 10.66 -13.06 34.92
C GLY B 157 11.16 -12.90 33.49
N GLU B 158 11.92 -11.84 33.23
CA GLU B 158 12.29 -11.48 31.86
C GLU B 158 13.03 -12.62 31.17
N ASN B 159 12.43 -13.11 30.10
CA ASN B 159 13.09 -14.01 29.18
C ASN B 159 13.11 -13.39 27.79
N PHE B 160 14.18 -13.64 27.06
CA PHE B 160 14.33 -13.14 25.70
C PHE B 160 14.44 -14.31 24.74
N ILE B 161 13.63 -14.29 23.68
CA ILE B 161 13.63 -15.33 22.67
C ILE B 161 13.81 -14.68 21.31
N ALA B 162 14.81 -15.15 20.58
CA ALA B 162 15.07 -14.72 19.22
C ALA B 162 14.93 -15.94 18.32
N ILE B 163 14.30 -15.76 17.16
CA ILE B 163 14.14 -16.86 16.21
C ILE B 163 14.66 -16.43 14.85
N GLU B 164 15.66 -17.17 14.35
CA GLU B 164 16.25 -16.99 13.02
C GLU B 164 15.41 -17.79 12.02
N VAL B 165 14.51 -17.12 11.31
CA VAL B 165 13.59 -17.81 10.41
C VAL B 165 14.06 -17.63 8.99
N ASN B 166 14.06 -18.71 8.21
CA ASN B 166 14.63 -18.63 6.88
C ASN B 166 13.79 -19.41 5.89
N ASN B 167 13.68 -18.89 4.64
CA ASN B 167 12.86 -19.56 3.63
C ASN B 167 13.57 -19.67 2.29
N ARG B 168 14.90 -19.73 2.30
CA ARG B 168 15.66 -20.00 1.09
C ARG B 168 15.26 -21.36 0.49
N ARG B 169 14.96 -21.37 -0.79
CA ARG B 169 14.67 -22.63 -1.47
C ARG B 169 15.96 -23.41 -1.66
N THR B 170 15.88 -24.74 -1.57
CA THR B 170 17.06 -25.59 -1.79
C THR B 170 16.64 -26.86 -2.51
N LYS B 171 17.63 -27.50 -3.16
CA LYS B 171 17.40 -28.69 -3.98
C LYS B 171 16.97 -29.88 -3.14
N ASP B 172 17.44 -29.94 -1.90
CA ASP B 172 17.24 -31.07 -1.00
C ASP B 172 16.10 -30.87 -0.02
N ALA B 173 15.27 -29.85 -0.18
CA ALA B 173 14.19 -29.61 0.77
C ALA B 173 12.87 -30.13 0.21
N ILE B 174 11.85 -30.15 1.07
CA ILE B 174 10.53 -30.57 0.63
C ILE B 174 9.54 -29.46 0.96
N PRO B 175 9.16 -28.63 -0.01
CA PRO B 175 9.52 -28.79 -1.43
C PRO B 175 10.85 -28.11 -1.78
N ALA B 176 11.25 -28.22 -3.04
CA ALA B 176 12.59 -27.79 -3.44
C ALA B 176 12.59 -26.46 -4.18
N MET B 177 13.13 -26.43 -5.39
CA MET B 177 13.42 -25.17 -6.09
C MET B 177 12.21 -24.57 -6.77
N SER B 178 11.13 -25.32 -6.92
CA SER B 178 9.98 -24.82 -7.64
C SER B 178 8.76 -25.56 -7.13
N PHE B 179 7.67 -24.82 -6.98
CA PHE B 179 6.40 -25.34 -6.52
C PHE B 179 5.37 -24.28 -6.86
N ASP B 180 4.12 -24.70 -7.02
CA ASP B 180 3.08 -23.84 -7.57
C ASP B 180 2.31 -23.17 -6.44
N TRP B 181 3.04 -22.45 -5.59
CA TRP B 181 2.43 -21.61 -4.57
C TRP B 181 3.48 -20.66 -3.99
N TRP B 182 3.02 -19.66 -3.26
CA TRP B 182 3.92 -18.60 -2.83
C TRP B 182 4.81 -19.11 -1.72
N ASN B 183 6.05 -18.59 -1.70
CA ASN B 183 7.02 -19.01 -0.68
C ASN B 183 6.90 -18.13 0.55
N TYR B 184 5.76 -18.31 1.22
CA TYR B 184 5.50 -17.62 2.47
C TYR B 184 6.48 -18.07 3.53
N GLY B 185 7.21 -17.13 4.11
CA GLY B 185 8.08 -17.41 5.23
C GLY B 185 7.59 -16.75 6.50
N GLY B 186 8.05 -17.21 7.64
CA GLY B 186 7.76 -16.57 8.91
C GLY B 186 7.13 -17.54 9.90
N ILE B 187 6.78 -16.99 11.06
CA ILE B 187 6.18 -17.79 12.13
C ILE B 187 4.69 -17.84 11.82
N THR B 188 4.27 -18.91 11.17
CA THR B 188 2.99 -18.91 10.45
C THR B 188 1.83 -19.47 11.28
N ARG B 189 2.10 -20.10 12.41
CA ARG B 189 1.07 -20.66 13.29
C ARG B 189 1.37 -20.29 14.73
N ASP B 190 0.48 -20.74 15.65
CA ASP B 190 0.54 -20.30 17.04
C ASP B 190 1.88 -20.68 17.66
N VAL B 191 2.30 -19.88 18.64
CA VAL B 191 3.49 -20.18 19.43
C VAL B 191 3.11 -20.16 20.90
N LEU B 192 3.28 -21.29 21.57
CA LEU B 192 2.74 -21.50 22.90
C LEU B 192 3.84 -21.87 23.89
N LEU B 193 3.60 -21.52 25.15
CA LEU B 193 4.28 -22.10 26.30
C LEU B 193 3.31 -23.04 26.99
N VAL B 194 3.67 -24.33 27.04
CA VAL B 194 2.77 -25.34 27.61
C VAL B 194 3.32 -25.82 28.94
N THR B 195 2.43 -25.97 29.92
CA THR B 195 2.78 -26.50 31.23
C THR B 195 2.15 -27.88 31.41
N THR B 196 2.95 -28.84 31.87
CA THR B 196 2.46 -30.15 32.27
C THR B 196 3.18 -30.57 33.54
N PRO B 197 2.54 -31.40 34.37
CA PRO B 197 3.23 -31.94 35.55
C PRO B 197 4.46 -32.74 35.14
N GLN B 198 5.35 -32.98 36.12
CA GLN B 198 6.65 -33.59 35.81
C GLN B 198 6.51 -34.87 35.00
N THR B 199 5.47 -35.66 35.24
CA THR B 199 5.21 -36.85 34.45
C THR B 199 3.81 -36.73 33.88
N TYR B 200 3.67 -36.93 32.57
CA TYR B 200 2.42 -36.60 31.88
C TYR B 200 2.18 -37.59 30.75
N LEU B 201 0.95 -37.58 30.24
CA LEU B 201 0.59 -38.41 29.09
C LEU B 201 1.13 -37.73 27.84
N GLU B 202 2.28 -38.20 27.33
CA GLU B 202 2.88 -37.56 26.17
C GLU B 202 2.10 -37.84 24.89
N ASP B 203 1.26 -38.87 24.86
CA ASP B 203 0.61 -39.21 23.59
C ASP B 203 -0.46 -40.27 23.82
N TYR B 204 -1.49 -40.20 22.99
CA TYR B 204 -2.48 -41.26 22.97
C TYR B 204 -3.10 -41.37 21.59
N PHE B 205 -3.54 -42.58 21.26
CA PHE B 205 -4.24 -42.86 20.02
C PHE B 205 -5.51 -43.63 20.32
N ILE B 206 -6.65 -43.07 19.94
CA ILE B 206 -7.96 -43.60 20.34
C ILE B 206 -8.92 -43.48 19.16
N GLN B 207 -9.19 -44.60 18.47
CA GLN B 207 -10.03 -44.64 17.29
C GLN B 207 -10.61 -46.03 17.14
N LEU B 208 -11.82 -46.11 16.59
CA LEU B 208 -12.36 -47.39 16.16
C LEU B 208 -11.34 -48.13 15.32
N ASP B 209 -11.25 -49.43 15.52
CA ASP B 209 -10.49 -50.30 14.66
C ASP B 209 -10.99 -50.17 13.22
N LYS B 210 -10.09 -50.41 12.26
CA LYS B 210 -10.52 -50.47 10.87
C LYS B 210 -11.55 -51.58 10.70
N GLU B 211 -12.55 -51.34 9.84
CA GLU B 211 -13.54 -52.35 9.46
C GLU B 211 -14.63 -52.58 10.51
N SER B 212 -14.28 -52.58 11.82
CA SER B 212 -15.21 -53.08 12.84
C SER B 212 -15.97 -51.94 13.50
N PRO B 213 -17.31 -52.02 13.57
CA PRO B 213 -18.13 -50.86 13.96
C PRO B 213 -18.41 -50.69 15.44
N ASN B 214 -17.67 -51.36 16.32
CA ASN B 214 -18.01 -51.27 17.75
C ASN B 214 -16.83 -51.68 18.61
N ARG B 215 -15.65 -51.82 18.03
CA ARG B 215 -14.46 -52.12 18.79
C ARG B 215 -13.49 -50.98 18.62
N MET B 216 -12.98 -50.49 19.73
CA MET B 216 -12.14 -49.30 19.75
C MET B 216 -10.71 -49.67 20.10
N ILE B 217 -9.78 -48.84 19.68
CA ILE B 217 -8.39 -48.96 20.08
C ILE B 217 -8.09 -47.85 21.09
N ALA B 218 -7.09 -48.09 21.95
CA ALA B 218 -6.78 -47.15 23.02
C ALA B 218 -5.32 -47.34 23.42
N LYS B 219 -4.43 -46.63 22.75
CA LYS B 219 -3.01 -46.60 23.09
C LYS B 219 -2.70 -45.29 23.78
N VAL B 220 -1.79 -45.34 24.77
CA VAL B 220 -1.30 -44.17 25.48
C VAL B 220 0.17 -44.40 25.78
N ALA B 221 0.89 -43.30 25.99
CA ALA B 221 2.29 -43.31 26.38
C ALA B 221 2.48 -42.29 27.49
N LEU B 222 3.68 -42.24 28.06
CA LEU B 222 4.01 -41.25 29.09
C LEU B 222 5.45 -40.84 28.96
N SER B 223 5.78 -39.71 29.59
CA SER B 223 7.16 -39.23 29.58
C SER B 223 8.08 -40.24 30.25
N ASP B 224 7.71 -40.67 31.45
CA ASP B 224 8.47 -41.67 32.21
C ASP B 224 8.30 -43.04 31.57
N LYS B 225 9.40 -43.65 31.13
CA LYS B 225 9.37 -45.03 30.65
C LYS B 225 9.30 -45.91 31.90
N LYS B 226 8.09 -46.02 32.45
CA LYS B 226 7.86 -46.59 33.76
C LYS B 226 6.73 -47.60 33.70
N ALA B 227 6.99 -48.80 34.22
CA ALA B 227 5.99 -49.84 34.33
C ALA B 227 5.04 -49.54 35.50
N GLY B 228 3.92 -50.26 35.52
CA GLY B 228 3.03 -50.20 36.65
C GLY B 228 2.04 -49.06 36.66
N GLU B 229 2.49 -47.85 36.30
CA GLU B 229 1.65 -46.66 36.30
C GLU B 229 0.32 -46.92 35.58
N LYS B 230 -0.75 -46.30 36.06
CA LYS B 230 -2.08 -46.56 35.52
C LYS B 230 -2.65 -45.35 34.78
N ILE B 231 -3.36 -45.65 33.68
CA ILE B 231 -4.06 -44.72 32.80
C ILE B 231 -5.51 -45.16 32.75
N THR B 232 -6.43 -44.19 32.68
CA THR B 232 -7.87 -44.48 32.64
C THR B 232 -8.54 -43.70 31.51
N VAL B 233 -8.72 -44.35 30.37
CA VAL B 233 -9.49 -43.78 29.27
C VAL B 233 -10.97 -43.94 29.59
N SER B 234 -11.78 -42.95 29.21
CA SER B 234 -13.22 -43.01 29.48
C SER B 234 -13.93 -42.00 28.60
N ILE B 235 -15.15 -42.35 28.18
CA ILE B 235 -16.01 -41.44 27.43
C ILE B 235 -17.39 -41.38 28.08
N PRO B 236 -17.69 -40.31 28.80
CA PRO B 236 -18.95 -40.27 29.56
C PRO B 236 -20.20 -40.59 28.77
N GLU B 237 -20.35 -40.05 27.55
CA GLU B 237 -21.65 -40.11 26.88
C GLU B 237 -22.11 -41.55 26.64
N LEU B 238 -21.17 -42.48 26.50
CA LEU B 238 -21.53 -43.88 26.32
C LEU B 238 -21.28 -44.72 27.57
N LYS B 239 -21.28 -44.07 28.75
CA LYS B 239 -21.21 -44.75 30.04
C LYS B 239 -20.12 -45.81 30.07
N THR B 240 -19.03 -45.55 29.34
CA THR B 240 -18.00 -46.54 29.11
C THR B 240 -16.68 -46.02 29.64
N SER B 241 -15.98 -46.85 30.41
CA SER B 241 -14.72 -46.46 31.03
C SER B 241 -13.84 -47.69 31.08
N ILE B 242 -12.54 -47.49 30.90
CA ILE B 242 -11.58 -48.60 30.80
C ILE B 242 -10.32 -48.21 31.57
N ASP B 243 -9.75 -49.19 32.28
CA ASP B 243 -8.50 -49.05 33.02
C ASP B 243 -7.38 -49.77 32.30
N MET B 244 -6.16 -49.30 32.51
CA MET B 244 -5.00 -50.04 32.01
C MET B 244 -3.75 -49.52 32.70
N LEU B 245 -2.64 -50.22 32.47
CA LEU B 245 -1.37 -49.94 33.13
C LEU B 245 -0.23 -50.04 32.12
N THR B 246 0.89 -49.43 32.47
CA THR B 246 2.01 -49.27 31.55
C THR B 246 2.94 -50.46 31.60
N ASP B 247 3.59 -50.73 30.45
CA ASP B 247 4.73 -51.64 30.44
C ASP B 247 5.96 -50.88 30.90
N ALA B 248 7.13 -51.50 30.81
CA ALA B 248 8.36 -50.82 31.21
C ALA B 248 8.66 -49.59 30.38
N GLU B 249 8.01 -49.43 29.23
CA GLU B 249 8.25 -48.31 28.34
C GLU B 249 7.25 -47.18 28.53
N GLY B 250 6.27 -47.35 29.42
CA GLY B 250 5.27 -46.34 29.68
C GLY B 250 4.07 -46.38 28.76
N LYS B 251 4.02 -47.34 27.85
CA LYS B 251 3.01 -47.39 26.80
C LYS B 251 2.00 -48.49 27.16
N ALA B 252 0.77 -48.07 27.43
CA ALA B 252 -0.36 -48.95 27.65
C ALA B 252 -1.10 -49.15 26.33
N GLU B 253 -2.03 -50.10 26.31
CA GLU B 253 -2.76 -50.42 25.09
C GLU B 253 -3.78 -51.52 25.36
N THR B 254 -4.98 -51.35 24.82
CA THR B 254 -6.01 -52.38 24.84
C THR B 254 -7.05 -52.09 23.76
N VAL B 255 -7.83 -53.12 23.44
CA VAL B 255 -8.98 -53.03 22.54
C VAL B 255 -10.22 -53.33 23.35
N PHE B 256 -11.36 -52.74 22.97
CA PHE B 256 -12.56 -53.03 23.74
C PHE B 256 -13.82 -52.80 22.92
N ASN B 257 -14.91 -53.42 23.39
CA ASN B 257 -16.24 -53.26 22.83
C ASN B 257 -16.92 -52.04 23.43
N ILE B 258 -17.77 -51.40 22.64
CA ILE B 258 -18.46 -50.17 23.04
C ILE B 258 -19.82 -50.13 22.37
N LYS B 259 -20.82 -49.64 23.11
CA LYS B 259 -22.21 -49.90 22.76
C LYS B 259 -22.94 -48.62 22.38
N LYS B 260 -23.99 -48.78 21.58
CA LYS B 260 -24.87 -47.70 21.14
C LYS B 260 -24.11 -46.58 20.44
N LEU B 261 -22.94 -46.89 19.88
CA LEU B 261 -22.03 -45.88 19.36
C LEU B 261 -22.64 -45.16 18.16
N GLU B 262 -22.75 -43.84 18.25
CA GLU B 262 -23.06 -43.01 17.10
C GLU B 262 -21.76 -42.72 16.36
N ARG B 263 -21.71 -43.05 15.08
CA ARG B 263 -20.50 -42.86 14.31
C ARG B 263 -20.55 -41.56 13.50
N TRP B 264 -19.36 -41.02 13.28
CA TRP B 264 -19.20 -39.77 12.56
C TRP B 264 -19.49 -39.95 11.07
N SER B 265 -20.22 -39.00 10.50
CA SER B 265 -20.49 -39.01 9.07
C SER B 265 -20.74 -37.59 8.59
N SER B 266 -20.72 -37.42 7.27
CA SER B 266 -20.96 -36.11 6.66
C SER B 266 -22.33 -35.56 7.04
N GLU B 267 -23.35 -36.43 7.07
CA GLU B 267 -24.71 -35.98 7.38
C GLU B 267 -24.86 -35.68 8.86
N ASN B 268 -24.19 -36.45 9.72
CA ASN B 268 -24.31 -36.29 11.18
C ASN B 268 -22.94 -36.52 11.80
N PRO B 269 -22.16 -35.41 12.04
CA PRO B 269 -20.78 -35.53 12.55
C PRO B 269 -20.59 -35.59 14.07
N LYS B 270 -20.95 -36.74 14.65
CA LYS B 270 -20.88 -36.94 16.09
C LYS B 270 -19.44 -36.94 16.57
N LEU B 271 -19.09 -35.94 17.38
CA LEU B 271 -17.93 -35.93 18.24
C LEU B 271 -18.35 -36.29 19.66
N TYR B 272 -17.40 -36.76 20.46
CA TYR B 272 -17.65 -37.25 21.80
C TYR B 272 -16.64 -36.62 22.74
N GLU B 273 -17.04 -36.45 24.00
CA GLU B 273 -16.10 -35.99 25.01
C GLU B 273 -15.24 -37.16 25.46
N VAL B 274 -13.92 -37.02 25.34
CA VAL B 274 -12.99 -38.08 25.69
C VAL B 274 -12.05 -37.54 26.76
N ILE B 275 -12.11 -38.15 27.94
CA ILE B 275 -11.23 -37.81 29.05
C ILE B 275 -10.28 -38.97 29.26
N VAL B 276 -9.01 -38.65 29.47
CA VAL B 276 -8.01 -39.64 29.80
C VAL B 276 -7.24 -39.15 31.01
N SER B 277 -7.05 -40.03 31.99
CA SER B 277 -6.42 -39.68 33.26
C SER B 277 -5.22 -40.57 33.53
N SER B 278 -4.16 -39.95 34.07
CA SER B 278 -3.01 -40.62 34.63
C SER B 278 -3.00 -40.35 36.14
N ALA B 279 -1.82 -40.40 36.76
CA ALA B 279 -1.74 -40.06 38.18
C ALA B 279 -1.91 -38.56 38.38
N ASN B 280 -1.13 -37.76 37.67
CA ASN B 280 -1.08 -36.32 37.89
C ASN B 280 -1.57 -35.50 36.70
N ASP B 281 -2.21 -36.14 35.72
CA ASP B 281 -2.50 -35.46 34.46
C ASP B 281 -3.80 -36.00 33.88
N ARG B 282 -4.49 -35.13 33.14
CA ARG B 282 -5.82 -35.39 32.60
C ARG B 282 -6.04 -34.48 31.39
N VAL B 283 -6.55 -35.04 30.28
CA VAL B 283 -6.73 -34.29 29.05
C VAL B 283 -8.09 -34.65 28.46
N GLU B 284 -8.83 -33.63 28.02
CA GLU B 284 -10.09 -33.82 27.31
C GLU B 284 -9.89 -33.54 25.81
N GLU B 285 -10.82 -34.06 25.00
CA GLU B 285 -10.77 -33.83 23.57
C GLU B 285 -12.04 -34.35 22.94
N GLN B 286 -12.59 -33.55 22.02
CA GLN B 286 -13.66 -33.99 21.14
C GLN B 286 -13.08 -34.95 20.12
N ILE B 287 -13.60 -36.17 20.09
CA ILE B 287 -13.19 -37.20 19.14
C ILE B 287 -14.42 -37.92 18.67
N GLY B 288 -14.48 -38.22 17.38
CA GLY B 288 -15.52 -39.03 16.81
C GLY B 288 -14.93 -40.32 16.26
N PHE B 289 -15.81 -41.14 15.68
CA PHE B 289 -15.44 -42.49 15.33
C PHE B 289 -16.22 -42.93 14.11
N ARG B 290 -15.50 -43.52 13.14
CA ARG B 290 -16.08 -43.88 11.86
C ARG B 290 -15.21 -44.98 11.28
N ASN B 291 -15.68 -45.59 10.20
CA ASN B 291 -14.88 -46.58 9.49
C ASN B 291 -14.74 -46.15 8.03
N ILE B 292 -13.49 -46.10 7.55
CA ILE B 292 -13.18 -45.82 6.17
C ILE B 292 -12.47 -47.05 5.57
N THR B 293 -13.04 -47.59 4.49
CA THR B 293 -12.59 -48.85 3.94
C THR B 293 -12.77 -48.85 2.42
N VAL B 294 -11.87 -49.57 1.75
CA VAL B 294 -11.99 -49.86 0.32
C VAL B 294 -12.30 -51.34 0.13
N LYS B 295 -13.35 -51.62 -0.63
CA LYS B 295 -13.69 -52.99 -0.97
C LYS B 295 -14.08 -52.97 -2.45
N GLY B 296 -13.20 -53.51 -3.28
CA GLY B 296 -13.37 -53.47 -4.72
C GLY B 296 -12.94 -52.14 -5.32
N THR B 297 -13.80 -51.59 -6.19
CA THR B 297 -13.61 -50.25 -6.72
C THR B 297 -14.47 -49.23 -5.96
N ASP B 298 -14.69 -49.46 -4.68
CA ASP B 298 -15.65 -48.69 -3.89
C ASP B 298 -15.02 -48.23 -2.59
N ILE B 299 -15.35 -47.02 -2.19
CA ILE B 299 -14.95 -46.48 -0.90
C ILE B 299 -16.13 -46.59 0.04
N TYR B 300 -15.87 -47.08 1.24
CA TYR B 300 -16.93 -47.39 2.19
C TYR B 300 -16.73 -46.53 3.43
N LEU B 301 -17.82 -45.91 3.88
CA LEU B 301 -17.81 -45.02 5.04
C LEU B 301 -18.93 -45.48 5.96
N ASN B 302 -18.58 -45.92 7.16
CA ASN B 302 -19.53 -46.59 8.07
C ASN B 302 -20.38 -47.60 7.30
N GLY B 303 -19.71 -48.41 6.50
CA GLY B 303 -20.41 -49.38 5.68
C GLY B 303 -21.09 -48.79 4.46
N LYS B 304 -21.34 -47.48 4.45
CA LYS B 304 -22.09 -46.92 3.33
C LYS B 304 -21.14 -46.66 2.16
N PRO B 305 -21.45 -47.17 0.97
CA PRO B 305 -20.70 -46.76 -0.23
C PRO B 305 -21.05 -45.33 -0.58
N THR B 306 -20.01 -44.52 -0.85
CA THR B 306 -20.18 -43.06 -0.89
C THR B 306 -19.31 -42.41 -1.98
N PHE B 307 -19.91 -41.46 -2.69
CA PHE B 307 -19.22 -40.69 -3.71
C PHE B 307 -18.62 -39.43 -3.07
N MET B 308 -17.37 -39.12 -3.43
CA MET B 308 -16.64 -38.00 -2.81
C MET B 308 -16.82 -36.75 -3.66
N CYS B 309 -17.69 -35.85 -3.19
CA CYS B 309 -17.85 -34.53 -3.79
C CYS B 309 -16.87 -33.65 -3.04
N SER B 310 -15.68 -33.47 -3.60
CA SER B 310 -14.51 -32.92 -2.94
C SER B 310 -14.13 -31.56 -3.52
N ILE B 311 -13.25 -30.86 -2.81
CA ILE B 311 -12.66 -29.63 -3.31
C ILE B 311 -11.36 -29.44 -2.53
N SER B 312 -10.45 -28.63 -3.08
CA SER B 312 -9.20 -28.31 -2.41
C SER B 312 -9.14 -26.79 -2.26
N PHE B 313 -8.37 -26.33 -1.27
CA PHE B 313 -7.96 -24.95 -1.15
C PHE B 313 -6.58 -24.90 -0.51
N HIS B 314 -5.78 -23.92 -0.90
CA HIS B 314 -4.52 -23.69 -0.23
C HIS B 314 -4.77 -23.08 1.13
N GLU B 315 -3.73 -23.08 1.96
CA GLU B 315 -3.79 -22.46 3.27
C GLU B 315 -3.50 -20.96 3.11
N GLU B 316 -4.45 -20.28 2.48
CA GLU B 316 -4.26 -18.90 2.06
C GLU B 316 -5.58 -18.15 2.06
N ILE B 317 -5.51 -16.88 2.44
CA ILE B 317 -6.67 -16.01 2.50
C ILE B 317 -6.48 -15.06 1.32
N PRO B 318 -7.13 -15.32 0.18
CA PRO B 318 -6.75 -14.60 -1.06
C PRO B 318 -6.87 -13.09 -0.94
N GLN B 319 -7.97 -12.57 -0.37
CA GLN B 319 -8.20 -11.12 -0.32
C GLN B 319 -7.09 -10.38 0.40
N ARG B 320 -6.36 -11.10 1.23
CA ARG B 320 -5.32 -10.61 2.11
C ARG B 320 -3.93 -11.00 1.60
N MET B 321 -3.87 -11.95 0.66
CA MET B 321 -2.61 -12.42 0.07
C MET B 321 -1.69 -13.06 1.11
N GLY B 322 -2.27 -13.71 2.12
CA GLY B 322 -1.52 -14.22 3.24
C GLY B 322 -1.97 -15.62 3.64
N ARG B 323 -1.10 -16.28 4.39
CA ARG B 323 -1.44 -17.57 4.96
C ARG B 323 -2.57 -17.44 5.97
N ALA B 324 -3.35 -18.50 6.10
CA ALA B 324 -4.35 -18.63 7.14
C ALA B 324 -3.69 -19.14 8.40
N PHE B 325 -4.35 -18.89 9.53
CA PHE B 325 -3.77 -19.32 10.80
C PHE B 325 -4.77 -19.32 11.94
N SER B 326 -5.93 -18.71 11.76
CA SER B 326 -6.82 -18.43 12.87
C SER B 326 -8.18 -19.11 12.65
N GLU B 327 -9.00 -19.05 13.71
CA GLU B 327 -10.34 -19.61 13.62
C GLU B 327 -11.17 -18.84 12.61
N ALA B 328 -10.95 -17.53 12.54
CA ALA B 328 -11.72 -16.71 11.61
C ALA B 328 -11.41 -17.12 10.18
N ASP B 329 -10.13 -17.34 9.89
CA ASP B 329 -9.70 -17.77 8.58
C ASP B 329 -10.35 -19.07 8.24
N ALA B 330 -10.31 -20.02 9.19
CA ALA B 330 -10.89 -21.34 8.99
C ALA B 330 -12.36 -21.26 8.63
N ALA B 331 -13.10 -20.41 9.32
CA ALA B 331 -14.55 -20.38 9.05
C ALA B 331 -14.83 -19.81 7.67
N MET B 332 -14.03 -18.84 7.22
CA MET B 332 -14.23 -18.31 5.87
C MET B 332 -13.94 -19.38 4.82
N LEU B 333 -12.81 -20.08 4.95
CA LEU B 333 -12.48 -21.16 4.01
C LEU B 333 -13.54 -22.25 4.01
N LEU B 334 -13.97 -22.70 5.20
CA LEU B 334 -14.87 -23.85 5.26
C LEU B 334 -16.32 -23.50 4.95
N ASN B 335 -16.74 -22.26 5.18
CA ASN B 335 -18.12 -21.95 4.83
C ASN B 335 -18.29 -21.77 3.35
N GLU B 336 -17.19 -21.47 2.66
CA GLU B 336 -17.23 -21.41 1.21
C GLU B 336 -17.29 -22.82 0.63
N ALA B 337 -16.58 -23.77 1.25
CA ALA B 337 -16.69 -25.17 0.85
C ALA B 337 -18.06 -25.76 1.19
N LYS B 338 -18.63 -25.43 2.36
CA LYS B 338 -19.98 -25.91 2.66
C LYS B 338 -21.00 -25.36 1.68
N ALA B 339 -20.87 -24.08 1.32
CA ALA B 339 -21.82 -23.50 0.37
C ALA B 339 -21.82 -24.24 -0.96
N LEU B 340 -20.67 -24.82 -1.33
CA LEU B 340 -20.54 -25.44 -2.65
C LEU B 340 -21.20 -26.82 -2.70
N GLY B 341 -21.34 -27.49 -1.56
CA GLY B 341 -22.04 -28.75 -1.48
C GLY B 341 -21.17 -29.96 -1.31
N VAL B 342 -19.94 -29.78 -0.89
CA VAL B 342 -18.98 -30.87 -0.82
C VAL B 342 -19.11 -31.61 0.50
N ASN B 343 -18.80 -32.91 0.48
CA ASN B 343 -18.60 -33.70 1.69
C ASN B 343 -17.13 -33.92 2.01
N MET B 344 -16.23 -33.54 1.12
CA MET B 344 -14.81 -33.83 1.30
C MET B 344 -13.99 -32.60 1.01
N ILE B 345 -12.84 -32.48 1.69
CA ILE B 345 -11.86 -31.43 1.44
C ILE B 345 -10.48 -32.03 1.35
N ARG B 346 -9.77 -31.73 0.25
CA ARG B 346 -8.36 -32.07 0.07
C ARG B 346 -7.53 -30.84 0.42
N LEU B 347 -6.80 -30.92 1.51
CA LEU B 347 -6.16 -29.73 2.04
C LEU B 347 -4.92 -29.36 1.23
N ALA B 348 -5.04 -29.38 -0.10
CA ALA B 348 -3.98 -28.96 -1.04
C ALA B 348 -2.76 -29.85 -0.80
N HIS B 349 -1.53 -29.31 -0.80
CA HIS B 349 -0.36 -30.16 -0.97
C HIS B 349 0.47 -30.32 0.29
N TYR B 350 -0.11 -30.04 1.45
CA TYR B 350 0.64 -29.98 2.69
C TYR B 350 -0.34 -30.03 3.83
N PRO B 351 0.08 -30.47 5.01
CA PRO B 351 -0.84 -30.46 6.14
C PRO B 351 -1.10 -29.01 6.57
N GLN B 352 -2.36 -28.71 6.88
CA GLN B 352 -2.79 -27.37 7.23
C GLN B 352 -2.93 -27.24 8.76
N ASN B 353 -3.43 -26.09 9.22
CA ASN B 353 -3.34 -25.81 10.64
C ASN B 353 -4.46 -26.52 11.42
N GLU B 354 -4.26 -26.60 12.74
CA GLU B 354 -5.17 -27.35 13.59
C GLU B 354 -6.54 -26.69 13.69
N TYR B 355 -6.63 -25.38 13.52
CA TYR B 355 -7.95 -24.76 13.53
C TYR B 355 -8.76 -25.25 12.35
N THR B 356 -8.17 -25.20 11.15
CA THR B 356 -8.89 -25.61 9.96
C THR B 356 -9.34 -27.06 10.06
N VAL B 357 -8.38 -27.96 10.33
CA VAL B 357 -8.69 -29.38 10.44
C VAL B 357 -9.77 -29.63 11.48
N ARG B 358 -9.56 -29.15 12.71
CA ARG B 358 -10.52 -29.44 13.78
C ARG B 358 -11.91 -28.91 13.47
N LEU B 359 -12.01 -27.72 12.89
CA LEU B 359 -13.34 -27.19 12.60
C LEU B 359 -13.97 -27.93 11.44
N ALA B 360 -13.17 -28.35 10.46
CA ALA B 360 -13.69 -29.21 9.39
C ALA B 360 -14.27 -30.50 9.94
N GLU B 361 -13.62 -31.08 10.95
CA GLU B 361 -14.15 -32.25 11.63
C GLU B 361 -15.48 -31.95 12.31
N LYS B 362 -15.59 -30.77 12.92
CA LYS B 362 -16.86 -30.44 13.57
C LYS B 362 -17.97 -30.19 12.55
N MET B 363 -17.63 -29.76 11.33
CA MET B 363 -18.67 -29.46 10.36
C MET B 363 -19.09 -30.68 9.54
N GLY B 364 -18.25 -31.70 9.42
CA GLY B 364 -18.64 -32.84 8.63
C GLY B 364 -18.00 -32.92 7.27
N PHE B 365 -16.75 -32.45 7.14
CA PHE B 365 -15.97 -32.64 5.92
C PHE B 365 -15.04 -33.84 6.10
N ILE B 366 -15.13 -34.81 5.20
CA ILE B 366 -14.07 -35.81 5.15
C ILE B 366 -12.82 -35.10 4.66
N LEU B 367 -11.70 -35.33 5.33
CA LEU B 367 -10.47 -34.63 5.03
C LEU B 367 -9.45 -35.58 4.42
N TRP B 368 -8.81 -35.10 3.36
CA TRP B 368 -7.61 -35.69 2.77
C TRP B 368 -6.45 -34.76 3.07
N GLN B 369 -5.36 -35.31 3.55
CA GLN B 369 -4.21 -34.48 3.91
C GLN B 369 -2.94 -35.19 3.47
N GLU B 370 -1.97 -34.44 2.95
CA GLU B 370 -0.83 -35.00 2.24
C GLU B 370 0.43 -34.20 2.55
N ILE B 371 1.58 -34.72 2.10
CA ILE B 371 2.86 -34.03 2.24
C ILE B 371 3.34 -33.55 0.87
N PRO B 372 4.13 -32.47 0.80
CA PRO B 372 4.50 -31.87 -0.49
C PRO B 372 5.68 -32.54 -1.19
N VAL B 373 5.59 -33.85 -1.38
CA VAL B 373 6.52 -34.52 -2.29
C VAL B 373 5.80 -34.74 -3.60
N TRP B 374 6.54 -34.52 -4.69
CA TRP B 374 6.10 -34.68 -6.07
C TRP B 374 7.37 -34.78 -6.92
N GLN B 375 7.21 -34.84 -8.23
CA GLN B 375 8.33 -35.13 -9.13
C GLN B 375 9.54 -34.23 -8.91
N GLY B 376 9.34 -33.03 -8.34
CA GLY B 376 10.43 -32.07 -8.26
C GLY B 376 11.60 -32.51 -7.40
N ILE B 377 11.34 -33.22 -6.30
CA ILE B 377 12.38 -33.50 -5.32
C ILE B 377 13.26 -34.66 -5.75
N ASP B 378 14.38 -34.85 -5.04
CA ASP B 378 15.47 -35.75 -5.44
C ASP B 378 15.27 -37.12 -4.79
N PHE B 379 14.61 -38.01 -5.54
CA PHE B 379 14.32 -39.35 -5.03
C PHE B 379 15.57 -40.17 -4.78
N THR B 380 16.69 -39.77 -5.38
CA THR B 380 17.96 -40.44 -5.19
C THR B 380 18.71 -39.92 -3.99
N ASN B 381 18.13 -38.99 -3.25
CA ASN B 381 18.74 -38.48 -2.03
C ASN B 381 18.09 -39.19 -0.85
N ASN B 382 18.79 -40.18 -0.30
CA ASN B 382 18.28 -40.90 0.87
C ASN B 382 18.03 -39.96 2.04
N ASN B 383 18.83 -38.89 2.13
CA ASN B 383 18.59 -37.88 3.15
C ASN B 383 17.26 -37.16 2.95
N THR B 384 16.86 -36.93 1.70
CA THR B 384 15.55 -36.33 1.46
C THR B 384 14.44 -37.33 1.68
N ARG B 385 14.69 -38.63 1.45
CA ARG B 385 13.70 -39.62 1.85
C ARG B 385 13.46 -39.57 3.35
N LYS B 386 14.51 -39.40 4.13
CA LYS B 386 14.36 -39.29 5.57
C LYS B 386 13.47 -38.12 5.95
N LYS B 387 13.67 -36.97 5.31
CA LYS B 387 12.81 -35.82 5.54
C LYS B 387 11.37 -36.13 5.19
N ALA B 388 11.16 -36.73 4.02
CA ALA B 388 9.80 -37.07 3.62
C ALA B 388 9.14 -37.96 4.67
N GLN B 389 9.91 -38.91 5.19
CA GLN B 389 9.38 -39.85 6.18
C GLN B 389 9.14 -39.16 7.51
N ARG B 390 10.08 -38.33 7.95
CA ARG B 390 9.87 -37.60 9.20
C ARG B 390 8.69 -36.64 9.08
N MET B 391 8.43 -36.09 7.89
CA MET B 391 7.29 -35.19 7.68
C MET B 391 5.96 -35.94 7.62
N LEU B 392 5.94 -37.13 7.00
CA LEU B 392 4.72 -37.93 6.98
C LEU B 392 4.33 -38.41 8.38
N SER B 393 5.32 -38.71 9.23
CA SER B 393 5.03 -39.14 10.59
C SER B 393 4.50 -37.98 11.41
N GLU B 394 5.15 -36.83 11.31
CA GLU B 394 4.68 -35.64 12.01
C GLU B 394 3.24 -35.34 11.64
N MET B 395 2.90 -35.39 10.34
CA MET B 395 1.52 -35.16 9.94
C MET B 395 0.60 -36.21 10.54
N ILE B 396 0.99 -37.48 10.44
CA ILE B 396 0.11 -38.53 10.96
C ILE B 396 0.02 -38.45 12.47
N LYS B 397 1.15 -38.19 13.15
CA LYS B 397 1.13 -38.07 14.61
C LYS B 397 0.17 -36.98 15.05
N ARG B 398 0.35 -35.76 14.54
CA ARG B 398 -0.43 -34.63 15.06
C ARG B 398 -1.92 -34.88 14.95
N ASP B 399 -2.37 -35.49 13.85
CA ASP B 399 -3.79 -35.60 13.57
C ASP B 399 -4.30 -37.04 13.62
N GLN B 400 -3.61 -37.88 14.41
CA GLN B 400 -4.04 -39.26 14.68
C GLN B 400 -5.51 -39.41 15.07
N ASN B 401 -6.03 -38.49 15.87
CA ASN B 401 -7.37 -38.63 16.44
C ASN B 401 -8.45 -37.95 15.60
N ARG B 402 -8.10 -37.41 14.43
CA ARG B 402 -9.08 -36.68 13.64
C ARG B 402 -9.88 -37.67 12.83
N CYS B 403 -11.07 -38.02 13.30
CA CYS B 403 -11.87 -39.01 12.60
C CYS B 403 -12.31 -38.53 11.23
N ALA B 404 -12.20 -37.23 10.95
CA ALA B 404 -12.60 -36.73 9.63
C ALA B 404 -11.51 -36.95 8.59
N VAL B 405 -10.25 -36.99 9.01
CA VAL B 405 -9.16 -37.34 8.12
C VAL B 405 -9.37 -38.75 7.61
N GLY B 406 -9.77 -38.87 6.35
CA GLY B 406 -10.02 -40.17 5.77
C GLY B 406 -8.85 -40.69 4.96
N TYR B 407 -7.97 -39.79 4.51
CA TYR B 407 -6.88 -40.12 3.60
C TYR B 407 -5.59 -39.49 4.04
N TRP B 408 -4.53 -40.28 4.10
CA TRP B 408 -3.17 -39.75 4.04
C TRP B 408 -2.69 -39.90 2.61
N GLY B 409 -2.17 -38.80 2.06
CA GLY B 409 -1.57 -38.81 0.74
C GLY B 409 -0.08 -38.70 0.87
N ILE B 410 0.64 -39.52 0.13
CA ILE B 410 2.08 -39.57 0.30
C ILE B 410 2.79 -38.76 -0.75
N ALA B 411 2.11 -38.40 -1.84
CA ALA B 411 2.76 -37.76 -2.95
C ALA B 411 1.70 -37.20 -3.86
N ASN B 412 1.97 -36.01 -4.41
CA ASN B 412 1.22 -35.55 -5.57
C ASN B 412 1.82 -36.25 -6.77
N GLU B 413 1.56 -35.75 -7.98
CA GLU B 413 1.94 -36.49 -9.18
C GLU B 413 3.45 -36.73 -9.22
N THR B 414 3.83 -37.97 -9.54
CA THR B 414 5.21 -38.42 -9.68
C THR B 414 5.24 -39.45 -10.81
N GLN B 415 6.42 -39.63 -11.42
CA GLN B 415 6.47 -40.55 -12.54
C GLN B 415 7.31 -41.79 -12.22
N PRO B 416 6.97 -42.95 -12.79
CA PRO B 416 7.62 -44.21 -12.37
C PRO B 416 9.12 -44.21 -12.66
N SER B 417 9.87 -44.76 -11.72
CA SER B 417 11.30 -45.04 -11.86
C SER B 417 11.70 -45.86 -10.64
N LYS B 418 12.92 -46.41 -10.69
CA LYS B 418 13.41 -47.21 -9.57
C LYS B 418 13.42 -46.40 -8.29
N ALA B 419 14.17 -45.29 -8.28
CA ALA B 419 14.27 -44.49 -7.07
C ALA B 419 12.91 -44.00 -6.60
N ARG B 420 12.00 -43.63 -7.54
CA ARG B 420 10.69 -43.13 -7.12
C ARG B 420 9.89 -44.20 -6.40
N ASN B 421 9.74 -45.37 -7.05
CA ASN B 421 9.04 -46.49 -6.44
C ASN B 421 9.61 -46.86 -5.08
N GLU B 422 10.94 -46.85 -4.94
CA GLU B 422 11.53 -47.06 -3.63
C GLU B 422 11.07 -45.98 -2.67
N PHE B 423 11.31 -44.71 -3.05
CA PHE B 423 10.95 -43.56 -2.22
C PHE B 423 9.50 -43.65 -1.76
N LEU B 424 8.58 -43.95 -2.68
CA LEU B 424 7.16 -43.96 -2.31
C LEU B 424 6.84 -45.12 -1.38
N THR B 425 7.29 -46.32 -1.71
CA THR B 425 6.94 -47.49 -0.90
C THR B 425 7.41 -47.32 0.55
N SER B 426 8.60 -46.75 0.75
CA SER B 426 9.09 -46.52 2.10
C SER B 426 8.14 -45.61 2.87
N LEU B 427 7.60 -44.59 2.19
CA LEU B 427 6.62 -43.72 2.84
C LEU B 427 5.36 -44.50 3.19
N LEU B 428 4.94 -45.42 2.32
CA LEU B 428 3.80 -46.26 2.69
C LEU B 428 4.10 -47.11 3.91
N GLU B 429 5.37 -47.53 4.08
CA GLU B 429 5.72 -48.35 5.25
C GLU B 429 5.81 -47.48 6.50
N THR B 430 6.58 -46.40 6.43
CA THR B 430 6.60 -45.42 7.49
C THR B 430 5.21 -45.16 8.07
N GLY B 431 4.24 -44.88 7.20
CA GLY B 431 2.90 -44.58 7.65
C GLY B 431 2.14 -45.75 8.22
N LYS B 432 2.10 -46.87 7.49
CA LYS B 432 1.30 -48.02 7.91
C LYS B 432 1.73 -48.58 9.25
N GLN B 433 2.97 -48.32 9.68
CA GLN B 433 3.33 -48.68 11.04
C GLN B 433 2.60 -47.79 12.05
N LEU B 434 2.51 -46.48 11.74
CA LEU B 434 1.87 -45.53 12.64
C LEU B 434 0.36 -45.54 12.54
N ASP B 435 -0.22 -45.95 11.42
CA ASP B 435 -1.67 -45.91 11.32
C ASP B 435 -2.13 -46.79 10.18
N THR B 436 -3.20 -47.52 10.43
CA THR B 436 -3.82 -48.36 9.41
C THR B 436 -5.32 -48.17 9.40
N THR B 437 -5.81 -47.10 10.03
CA THR B 437 -7.25 -46.85 10.03
C THR B 437 -7.71 -46.14 8.77
N ARG B 438 -6.83 -45.41 8.09
CA ARG B 438 -7.22 -44.61 6.94
C ARG B 438 -6.67 -45.19 5.64
N LEU B 439 -7.33 -44.83 4.56
CA LEU B 439 -6.80 -45.11 3.23
C LEU B 439 -5.50 -44.36 3.00
N TYR B 440 -4.66 -44.90 2.13
CA TYR B 440 -3.47 -44.24 1.64
C TYR B 440 -3.64 -43.98 0.16
N VAL B 441 -3.17 -42.80 -0.30
CA VAL B 441 -3.43 -42.34 -1.65
C VAL B 441 -2.19 -41.64 -2.19
N ALA B 442 -2.07 -41.64 -3.52
CA ALA B 442 -1.13 -40.78 -4.23
C ALA B 442 -1.80 -40.29 -5.50
N ALA B 443 -1.27 -39.21 -6.05
CA ALA B 443 -1.84 -38.62 -7.26
C ALA B 443 -0.95 -38.91 -8.46
N PHE B 444 -1.57 -39.01 -9.64
CA PHE B 444 -0.83 -39.35 -10.85
C PHE B 444 -1.30 -38.45 -11.98
N ASP B 445 -0.39 -38.15 -12.88
CA ASP B 445 -0.71 -37.37 -14.07
C ASP B 445 -0.34 -38.13 -15.33
N LEU B 446 -0.36 -39.45 -15.28
CA LEU B 446 0.12 -40.29 -16.36
C LEU B 446 -0.96 -40.73 -17.33
N VAL B 447 -2.16 -40.19 -17.22
CA VAL B 447 -3.24 -40.68 -18.06
C VAL B 447 -3.07 -40.09 -19.46
N ARG B 448 -2.87 -40.96 -20.41
CA ARG B 448 -2.68 -40.62 -21.81
C ARG B 448 -3.90 -41.10 -22.57
N PHE B 449 -4.21 -40.41 -23.66
CA PHE B 449 -5.20 -40.89 -24.62
C PHE B 449 -4.49 -41.86 -25.56
N ASN B 450 -4.93 -43.11 -25.56
CA ASN B 450 -4.47 -44.08 -26.52
C ASN B 450 -5.33 -43.96 -27.78
N ARG B 451 -4.75 -43.47 -28.86
CA ARG B 451 -5.52 -43.25 -30.08
C ARG B 451 -6.05 -44.57 -30.66
N GLU B 452 -5.32 -45.67 -30.45
CA GLU B 452 -5.72 -46.96 -31.03
C GLU B 452 -6.97 -47.48 -30.33
N LYS B 453 -6.94 -47.56 -29.00
CA LYS B 453 -8.08 -48.04 -28.24
C LYS B 453 -9.21 -47.03 -28.18
N LYS B 454 -8.94 -45.78 -28.54
CA LYS B 454 -9.79 -44.62 -28.24
C LYS B 454 -10.27 -44.66 -26.78
N ARG B 455 -9.29 -44.59 -25.88
CA ARG B 455 -9.54 -44.70 -24.44
C ARG B 455 -8.46 -43.94 -23.70
N PHE B 456 -8.79 -43.48 -22.50
CA PHE B 456 -7.81 -42.88 -21.59
C PHE B 456 -7.27 -43.94 -20.67
N VAL B 457 -5.95 -44.02 -20.55
CA VAL B 457 -5.33 -45.17 -19.91
C VAL B 457 -4.08 -44.74 -19.16
N MET B 458 -3.64 -45.61 -18.25
CA MET B 458 -2.46 -45.40 -17.44
C MET B 458 -1.94 -46.77 -17.05
N GLU B 459 -0.63 -46.95 -17.13
CA GLU B 459 0.01 -48.12 -16.60
C GLU B 459 1.00 -47.65 -15.55
N ASP B 460 0.94 -48.27 -14.38
CA ASP B 460 1.81 -47.92 -13.26
C ASP B 460 1.65 -48.95 -12.16
N SER B 461 2.58 -49.92 -12.12
CA SER B 461 2.44 -51.06 -11.22
C SER B 461 2.29 -50.61 -9.77
N PHE B 462 2.97 -49.52 -9.39
CA PHE B 462 2.97 -49.04 -8.01
C PHE B 462 1.56 -48.79 -7.47
N THR B 463 0.62 -48.43 -8.35
CA THR B 463 -0.73 -48.13 -7.93
C THR B 463 -1.32 -49.25 -7.06
N SER B 464 -1.00 -50.50 -7.37
CA SER B 464 -1.58 -51.62 -6.63
C SER B 464 -1.38 -51.48 -5.13
N GLN B 465 -0.30 -50.80 -4.71
CA GLN B 465 -0.02 -50.67 -3.29
C GLN B 465 -0.89 -49.64 -2.58
N LEU B 466 -1.69 -48.85 -3.31
CA LEU B 466 -2.50 -47.82 -2.68
C LEU B 466 -3.91 -48.33 -2.39
N ASP B 467 -4.54 -47.68 -1.42
CA ASP B 467 -5.97 -47.91 -1.19
C ASP B 467 -6.82 -47.25 -2.25
N VAL B 468 -6.45 -46.03 -2.67
CA VAL B 468 -7.16 -45.30 -3.70
C VAL B 468 -6.13 -44.64 -4.62
N VAL B 469 -6.49 -44.53 -5.91
CA VAL B 469 -5.64 -43.93 -6.92
C VAL B 469 -6.22 -42.58 -7.32
N ALA B 470 -5.42 -41.53 -7.15
CA ALA B 470 -5.83 -40.20 -7.55
C ALA B 470 -5.17 -39.80 -8.85
N VAL B 471 -5.95 -39.15 -9.72
CA VAL B 471 -5.50 -38.70 -11.02
C VAL B 471 -5.63 -37.19 -11.13
N ASN B 472 -4.57 -36.51 -11.57
CA ASN B 472 -4.62 -35.11 -12.00
C ASN B 472 -4.61 -35.05 -13.53
N LYS B 473 -5.68 -34.51 -14.11
CA LYS B 473 -5.82 -34.34 -15.55
C LYS B 473 -6.65 -33.10 -15.82
N TYR B 474 -6.15 -32.23 -16.69
CA TYR B 474 -6.81 -30.98 -17.02
C TYR B 474 -7.27 -31.03 -18.47
N MET B 475 -8.25 -31.88 -18.75
CA MET B 475 -8.82 -31.92 -20.10
C MET B 475 -9.42 -30.58 -20.46
N GLY B 476 -9.03 -30.07 -21.63
CA GLY B 476 -9.57 -28.81 -22.10
C GLY B 476 -8.82 -27.61 -21.60
N TRP B 477 -7.74 -27.81 -20.83
CA TRP B 477 -6.81 -26.77 -20.41
C TRP B 477 -5.37 -27.12 -20.81
N TYR B 478 -4.56 -27.71 -19.91
CA TYR B 478 -3.22 -28.13 -20.31
C TYR B 478 -3.27 -29.13 -21.46
N HIS B 479 -4.27 -30.01 -21.44
CA HIS B 479 -4.42 -31.10 -22.41
C HIS B 479 -5.66 -30.90 -23.25
N PRO B 480 -5.53 -30.35 -24.45
CA PRO B 480 -6.72 -30.16 -25.32
C PRO B 480 -7.47 -31.46 -25.59
N TRP B 481 -8.77 -31.32 -25.83
CA TRP B 481 -9.63 -32.49 -26.06
C TRP B 481 -9.19 -33.26 -27.31
N PRO B 482 -8.86 -34.54 -27.20
CA PRO B 482 -8.59 -35.37 -28.38
C PRO B 482 -9.82 -36.08 -28.93
N ILE B 483 -10.93 -36.07 -28.20
CA ILE B 483 -12.16 -36.71 -28.62
C ILE B 483 -13.29 -35.92 -28.00
N GLU B 484 -14.47 -35.98 -28.59
CA GLU B 484 -15.59 -35.24 -28.04
C GLU B 484 -15.84 -35.69 -26.60
N PRO B 485 -16.17 -34.77 -25.69
CA PRO B 485 -16.30 -35.15 -24.26
C PRO B 485 -17.17 -36.36 -23.98
N GLU B 486 -18.38 -36.44 -24.56
CA GLU B 486 -19.24 -37.58 -24.25
C GLU B 486 -18.70 -38.90 -24.79
N ASN B 487 -17.55 -38.89 -25.45
CA ASN B 487 -16.88 -40.08 -25.94
C ASN B 487 -15.56 -40.32 -25.24
N ALA B 488 -15.20 -39.46 -24.28
CA ALA B 488 -14.03 -39.70 -23.46
C ALA B 488 -14.37 -40.80 -22.48
N VAL B 489 -13.73 -41.94 -22.64
CA VAL B 489 -13.97 -43.11 -21.81
C VAL B 489 -12.63 -43.48 -21.18
N TRP B 490 -12.64 -43.63 -19.85
CA TRP B 490 -11.43 -43.97 -19.12
C TRP B 490 -11.41 -45.45 -18.82
N GLU B 491 -10.28 -46.08 -19.08
CA GLU B 491 -9.94 -47.34 -18.43
C GLU B 491 -8.61 -47.15 -17.71
N VAL B 492 -8.67 -46.45 -16.58
CA VAL B 492 -7.52 -46.17 -15.73
C VAL B 492 -7.65 -47.00 -14.47
N ILE B 493 -6.70 -47.92 -14.28
CA ILE B 493 -6.62 -48.79 -13.10
C ILE B 493 -8.00 -49.40 -12.78
N PRO B 494 -8.56 -50.20 -13.68
CA PRO B 494 -9.98 -50.61 -13.54
C PRO B 494 -10.31 -51.31 -12.23
N ASP B 495 -9.31 -51.70 -11.44
CA ASP B 495 -9.53 -52.49 -10.24
C ASP B 495 -9.49 -51.68 -8.95
N LYS B 496 -8.76 -50.57 -8.91
CA LYS B 496 -8.79 -49.73 -7.72
C LYS B 496 -9.90 -48.69 -7.83
N PRO B 497 -10.32 -48.09 -6.73
CA PRO B 497 -11.21 -46.93 -6.84
C PRO B 497 -10.42 -45.72 -7.33
N LEU B 498 -11.05 -44.95 -8.21
CA LEU B 498 -10.41 -43.80 -8.85
C LEU B 498 -11.00 -42.50 -8.30
N ILE B 499 -10.12 -41.52 -8.04
CA ILE B 499 -10.52 -40.15 -7.66
C ILE B 499 -9.75 -39.18 -8.54
N ILE B 500 -10.47 -38.37 -9.32
CA ILE B 500 -9.85 -37.30 -10.10
C ILE B 500 -9.57 -36.15 -9.12
N SER B 501 -8.32 -36.04 -8.67
CA SER B 501 -7.98 -35.18 -7.54
C SER B 501 -7.73 -33.73 -7.94
N GLU B 502 -7.46 -33.49 -9.22
CA GLU B 502 -7.31 -32.16 -9.78
C GLU B 502 -7.85 -32.17 -11.20
N PHE B 503 -8.54 -31.08 -11.55
CA PHE B 503 -8.90 -30.74 -12.93
C PHE B 503 -9.39 -29.29 -12.90
N GLY B 504 -9.60 -28.73 -14.09
CA GLY B 504 -10.15 -27.40 -14.23
C GLY B 504 -9.44 -26.52 -15.23
N GLY B 505 -9.50 -25.20 -15.03
CA GLY B 505 -8.94 -24.22 -15.96
C GLY B 505 -9.12 -22.82 -15.43
N GLU B 506 -8.44 -21.86 -16.06
CA GLU B 506 -8.32 -20.52 -15.53
C GLU B 506 -9.36 -19.57 -16.12
N ALA B 507 -9.82 -18.64 -15.29
CA ALA B 507 -10.70 -17.55 -15.65
C ALA B 507 -10.42 -16.39 -14.71
N LEU B 508 -10.48 -15.16 -15.24
CA LEU B 508 -10.44 -13.94 -14.45
C LEU B 508 -11.86 -13.46 -14.23
N TYR B 509 -12.32 -13.53 -12.98
CA TYR B 509 -13.65 -13.04 -12.62
C TYR B 509 -13.95 -11.69 -13.29
N GLY B 510 -15.11 -11.62 -13.92
CA GLY B 510 -15.56 -10.45 -14.62
C GLY B 510 -15.23 -10.41 -16.10
N GLN B 511 -14.26 -11.20 -16.55
CA GLN B 511 -13.79 -11.09 -17.94
C GLN B 511 -14.69 -11.95 -18.86
N SER B 512 -15.24 -11.31 -19.89
CA SER B 512 -16.03 -11.99 -20.92
C SER B 512 -15.14 -12.44 -22.08
N GLY B 513 -15.51 -13.56 -22.68
CA GLY B 513 -14.77 -14.06 -23.81
C GLY B 513 -15.52 -15.14 -24.55
N ASP B 514 -14.90 -15.60 -25.62
CA ASP B 514 -15.45 -16.70 -26.38
C ASP B 514 -15.31 -17.99 -25.57
N GLU B 515 -16.42 -18.71 -25.39
CA GLU B 515 -16.43 -19.98 -24.66
C GLU B 515 -15.67 -21.08 -25.38
N ASN B 516 -15.16 -20.81 -26.59
CA ASN B 516 -14.31 -21.75 -27.29
C ASN B 516 -12.84 -21.40 -27.23
N VAL B 517 -12.47 -20.27 -26.63
CA VAL B 517 -11.10 -19.76 -26.68
C VAL B 517 -10.51 -19.79 -25.27
N ALA B 518 -9.58 -20.71 -25.05
CA ALA B 518 -9.06 -20.95 -23.70
C ALA B 518 -8.15 -19.80 -23.23
N SER B 519 -7.44 -19.13 -24.13
CA SER B 519 -6.66 -17.98 -23.70
C SER B 519 -7.51 -16.75 -23.41
N SER B 520 -8.84 -16.85 -23.47
CA SER B 520 -9.63 -15.69 -23.13
C SER B 520 -9.66 -15.41 -21.62
N TRP B 521 -9.20 -16.36 -20.79
CA TRP B 521 -9.27 -16.23 -19.31
C TRP B 521 -10.66 -15.78 -18.87
N SER B 522 -11.69 -16.30 -19.55
CA SER B 522 -13.06 -15.83 -19.35
C SER B 522 -13.87 -16.83 -18.55
N GLU B 523 -14.75 -16.30 -17.70
CA GLU B 523 -15.68 -17.17 -16.99
C GLU B 523 -16.48 -18.04 -17.96
N GLU B 524 -16.76 -17.53 -19.15
CA GLU B 524 -17.51 -18.33 -20.13
C GLU B 524 -16.68 -19.53 -20.58
N TYR B 525 -15.40 -19.36 -20.87
CA TYR B 525 -14.63 -20.54 -21.27
C TYR B 525 -14.49 -21.52 -20.13
N GLN B 526 -14.23 -21.03 -18.92
CA GLN B 526 -14.04 -21.96 -17.83
C GLN B 526 -15.33 -22.71 -17.50
N ALA B 527 -16.49 -22.12 -17.76
CA ALA B 527 -17.73 -22.88 -17.54
C ALA B 527 -17.89 -23.98 -18.59
N ARG B 528 -17.66 -23.65 -19.85
CA ARG B 528 -17.70 -24.68 -20.89
C ARG B 528 -16.76 -25.82 -20.54
N LEU B 529 -15.52 -25.48 -20.17
CA LEU B 529 -14.59 -26.50 -19.70
C LEU B 529 -15.23 -27.39 -18.67
N TYR B 530 -15.97 -26.81 -17.72
CA TYR B 530 -16.51 -27.60 -16.62
C TYR B 530 -17.69 -28.45 -17.08
N ARG B 531 -18.54 -27.93 -17.98
CA ARG B 531 -19.62 -28.75 -18.54
C ARG B 531 -19.04 -29.97 -19.25
N ASP B 532 -18.02 -29.75 -20.07
CA ASP B 532 -17.41 -30.83 -20.83
C ASP B 532 -16.80 -31.87 -19.91
N ASN B 533 -16.13 -31.44 -18.83
CA ASN B 533 -15.54 -32.38 -17.90
C ASN B 533 -16.60 -33.14 -17.11
N ILE B 534 -17.67 -32.46 -16.69
CA ILE B 534 -18.79 -33.15 -16.04
C ILE B 534 -19.28 -34.28 -16.93
N ARG B 535 -19.40 -34.00 -18.24
CA ARG B 535 -19.94 -35.00 -19.14
C ARG B 535 -19.05 -36.22 -19.18
N MET B 536 -17.73 -36.00 -19.20
CA MET B 536 -16.79 -37.10 -19.19
C MET B 536 -16.93 -37.97 -17.96
N PHE B 537 -17.27 -37.38 -16.81
CA PHE B 537 -17.33 -38.17 -15.58
C PHE B 537 -18.41 -39.25 -15.64
N ASP B 538 -19.38 -39.13 -16.57
CA ASP B 538 -20.34 -40.21 -16.79
C ASP B 538 -19.69 -41.46 -17.37
N ASN B 539 -18.46 -41.37 -17.89
CA ASN B 539 -17.87 -42.43 -18.68
C ASN B 539 -16.71 -43.12 -17.97
N ILE B 540 -16.61 -42.94 -16.66
CA ILE B 540 -15.48 -43.47 -15.90
C ILE B 540 -16.07 -44.46 -14.91
N PRO B 541 -15.98 -45.77 -15.18
CA PRO B 541 -16.74 -46.74 -14.35
C PRO B 541 -16.28 -46.80 -12.91
N ASN B 542 -14.97 -46.71 -12.68
CA ASN B 542 -14.44 -46.78 -11.32
C ASN B 542 -14.34 -45.42 -10.64
N LEU B 543 -15.02 -44.40 -11.18
CA LEU B 543 -14.94 -43.05 -10.61
C LEU B 543 -15.75 -42.99 -9.33
N ARG B 544 -15.08 -42.69 -8.21
CA ARG B 544 -15.75 -42.58 -6.92
C ARG B 544 -15.51 -41.24 -6.26
N GLY B 545 -14.92 -40.28 -6.99
CA GLY B 545 -14.69 -38.93 -6.52
C GLY B 545 -14.12 -38.02 -7.58
N VAL B 546 -14.66 -36.80 -7.67
CA VAL B 546 -14.08 -35.69 -8.44
C VAL B 546 -13.79 -34.54 -7.47
N SER B 547 -12.76 -33.74 -7.80
CA SER B 547 -12.30 -32.67 -6.92
C SER B 547 -11.68 -31.55 -7.74
N PRO B 548 -12.43 -30.48 -8.01
CA PRO B 548 -11.87 -29.36 -8.75
C PRO B 548 -10.60 -28.80 -8.10
N TRP B 549 -9.64 -28.47 -8.96
CA TRP B 549 -8.57 -27.55 -8.65
C TRP B 549 -8.97 -26.22 -9.29
N ILE B 550 -9.36 -25.23 -8.47
CA ILE B 550 -9.29 -25.20 -7.02
C ILE B 550 -10.43 -24.29 -6.57
N LEU B 551 -10.62 -24.16 -5.26
CA LEU B 551 -11.75 -23.38 -4.76
C LEU B 551 -11.53 -21.89 -4.96
N PHE B 552 -10.44 -21.35 -4.40
CA PHE B 552 -10.06 -19.94 -4.49
C PHE B 552 -8.86 -19.79 -5.41
N ASP B 553 -8.84 -18.72 -6.19
CA ASP B 553 -7.58 -18.29 -6.79
C ASP B 553 -6.51 -18.21 -5.71
N PHE B 554 -5.28 -18.53 -6.07
CA PHE B 554 -4.20 -18.45 -5.09
C PHE B 554 -2.93 -17.97 -5.75
N ARG B 555 -1.96 -17.62 -4.92
CA ARG B 555 -0.70 -17.03 -5.34
C ARG B 555 0.30 -18.07 -5.82
N SER B 556 0.97 -17.76 -6.91
CA SER B 556 2.05 -18.62 -7.41
C SER B 556 3.04 -17.81 -8.25
N PRO B 557 4.35 -17.93 -8.00
CA PRO B 557 5.28 -16.96 -8.57
C PRO B 557 5.59 -17.16 -10.03
N PHE B 558 5.06 -18.21 -10.69
CA PHE B 558 5.24 -18.27 -12.15
C PHE B 558 3.93 -18.20 -12.92
N ARG B 559 2.85 -17.71 -12.31
CA ARG B 559 1.66 -17.34 -13.06
C ARG B 559 1.85 -15.88 -13.47
N PHE B 560 2.52 -15.67 -14.60
CA PHE B 560 3.10 -14.37 -14.92
C PHE B 560 2.23 -13.44 -15.75
N HIS B 561 1.15 -13.91 -16.33
CA HIS B 561 0.46 -13.09 -17.32
C HIS B 561 0.09 -11.75 -16.67
N PRO B 562 0.56 -10.61 -17.19
CA PRO B 562 0.46 -9.39 -16.40
C PRO B 562 -0.97 -8.95 -16.18
N THR B 563 -1.87 -9.21 -17.12
CA THR B 563 -3.25 -8.77 -16.98
C THR B 563 -4.24 -9.90 -16.80
N ASN B 564 -3.83 -11.16 -16.92
CA ASN B 564 -4.75 -12.25 -16.64
C ASN B 564 -4.46 -12.93 -15.30
N GLN B 565 -3.22 -12.86 -14.82
CA GLN B 565 -2.74 -13.68 -13.72
C GLN B 565 -2.19 -12.82 -12.60
N ASP B 566 -1.15 -12.02 -12.86
CA ASP B 566 -0.63 -11.10 -11.87
C ASP B 566 -0.27 -11.84 -10.58
N GLY B 567 0.34 -13.01 -10.75
CA GLY B 567 0.74 -13.84 -9.64
C GLY B 567 -0.37 -14.69 -9.07
N TRP B 568 -1.52 -14.73 -9.72
CA TRP B 568 -2.65 -15.55 -9.30
C TRP B 568 -2.79 -16.73 -10.27
N ASN B 569 -2.74 -17.94 -9.73
CA ASN B 569 -3.26 -19.09 -10.45
C ASN B 569 -4.77 -18.94 -10.45
N ARG B 570 -5.35 -18.73 -11.63
CA ARG B 570 -6.73 -18.27 -11.72
C ARG B 570 -7.71 -19.42 -11.87
N LYS B 571 -7.38 -20.59 -11.33
CA LYS B 571 -8.22 -21.76 -11.48
C LYS B 571 -9.27 -21.87 -10.39
N GLY B 572 -9.35 -20.90 -9.50
CA GLY B 572 -10.35 -20.96 -8.45
C GLY B 572 -11.75 -20.99 -9.03
N LEU B 573 -12.63 -21.77 -8.40
CA LEU B 573 -14.04 -21.54 -8.67
C LEU B 573 -14.48 -20.20 -8.09
N VAL B 574 -13.69 -19.65 -7.16
CA VAL B 574 -13.94 -18.37 -6.52
C VAL B 574 -12.70 -17.50 -6.71
N SER B 575 -12.92 -16.22 -7.04
CA SER B 575 -11.84 -15.30 -7.36
C SER B 575 -10.98 -15.01 -6.14
N ASP B 576 -9.84 -14.36 -6.40
CA ASP B 576 -9.02 -13.85 -5.30
C ASP B 576 -9.77 -12.84 -4.43
N GLN B 577 -10.88 -12.29 -4.91
CA GLN B 577 -11.68 -11.33 -4.17
C GLN B 577 -12.84 -11.97 -3.44
N GLY B 578 -12.99 -13.29 -3.54
CA GLY B 578 -14.03 -14.01 -2.84
C GLY B 578 -15.37 -14.04 -3.51
N ILE B 579 -15.47 -13.75 -4.84
CA ILE B 579 -16.77 -13.80 -5.53
C ILE B 579 -16.83 -15.02 -6.43
N ARG B 580 -17.95 -15.72 -6.42
CA ARG B 580 -18.11 -16.96 -7.16
C ARG B 580 -18.16 -16.76 -8.68
N LYS B 581 -17.47 -17.62 -9.42
CA LYS B 581 -17.46 -17.57 -10.88
C LYS B 581 -18.52 -18.50 -11.46
N LYS B 582 -18.81 -18.33 -12.75
CA LYS B 582 -19.91 -19.09 -13.37
C LYS B 582 -19.73 -20.59 -13.22
N ALA B 583 -18.48 -21.07 -13.19
CA ALA B 583 -18.22 -22.48 -12.97
C ALA B 583 -18.60 -22.93 -11.58
N TRP B 584 -18.59 -22.00 -10.63
CA TRP B 584 -18.90 -22.37 -9.25
C TRP B 584 -20.28 -23.02 -9.15
N TYR B 585 -21.22 -22.57 -9.98
CA TYR B 585 -22.60 -23.04 -9.91
C TYR B 585 -22.75 -24.42 -10.56
N LEU B 586 -22.07 -24.67 -11.69
CA LEU B 586 -22.12 -25.99 -12.30
C LEU B 586 -21.63 -27.07 -11.35
N MET B 587 -20.57 -26.82 -10.60
CA MET B 587 -20.12 -27.81 -9.61
C MET B 587 -21.12 -27.93 -8.46
N ARG B 588 -21.74 -26.83 -8.03
CA ARG B 588 -22.78 -26.95 -7.01
C ARG B 588 -23.87 -27.90 -7.46
N GLU B 589 -24.42 -27.66 -8.66
CA GLU B 589 -25.51 -28.46 -9.18
C GLU B 589 -25.07 -29.88 -9.42
N TYR B 590 -23.81 -30.07 -9.82
CA TYR B 590 -23.26 -31.40 -9.95
C TYR B 590 -23.27 -32.12 -8.60
N TYR B 591 -22.84 -31.47 -7.53
CA TYR B 591 -22.79 -32.16 -6.25
C TYR B 591 -24.17 -32.50 -5.69
N LYS B 592 -25.21 -31.74 -6.06
CA LYS B 592 -26.56 -32.04 -5.58
C LYS B 592 -27.15 -33.28 -6.26
N THR B 593 -26.60 -33.69 -7.40
CA THR B 593 -27.05 -34.92 -8.03
C THR B 593 -26.33 -36.16 -7.49
N LYS B 594 -25.34 -36.00 -6.63
CA LYS B 594 -24.66 -37.12 -6.02
C LYS B 594 -25.21 -37.45 -4.64
N PHE B 595 -26.40 -36.96 -4.31
CA PHE B 595 -27.04 -37.32 -3.04
C PHE B 595 -28.42 -37.91 -3.31
N ASN C 26 11.01 41.07 9.39
CA ASN C 26 11.71 39.86 8.95
C ASN C 26 13.20 40.08 8.63
N ILE C 27 14.05 39.27 9.25
CA ILE C 27 15.50 39.52 9.25
C ILE C 27 16.12 39.07 7.93
N THR C 28 16.76 40.00 7.22
CA THR C 28 17.36 39.71 5.93
C THR C 28 18.74 39.07 6.10
N ASN C 29 19.17 38.38 5.06
CA ASN C 29 20.42 37.60 5.05
C ASN C 29 20.53 36.73 6.29
N VAL C 30 19.54 35.86 6.44
CA VAL C 30 19.53 34.97 7.59
C VAL C 30 20.74 34.06 7.62
N TYR C 31 21.38 33.82 6.47
CA TYR C 31 22.49 32.88 6.42
C TYR C 31 23.82 33.50 6.78
N GLY C 32 23.86 34.82 6.95
CA GLY C 32 25.03 35.51 7.46
C GLY C 32 25.01 35.70 8.96
N ARG C 33 23.97 35.19 9.61
CA ARG C 33 23.74 35.41 11.03
C ARG C 33 24.28 34.24 11.83
N ASP C 34 23.98 34.21 13.12
CA ASP C 34 24.41 33.13 14.00
C ASP C 34 23.25 32.16 14.12
N ILE C 35 23.33 31.03 13.41
CA ILE C 35 22.21 30.13 13.21
C ILE C 35 22.55 28.76 13.75
N ARG C 36 21.53 28.11 14.30
CA ARG C 36 21.58 26.68 14.60
C ARG C 36 20.43 26.01 13.84
N SER C 37 20.76 24.98 13.07
CA SER C 37 19.75 24.31 12.25
C SER C 37 18.96 23.29 13.06
N LEU C 38 17.64 23.25 12.83
CA LEU C 38 16.77 22.27 13.45
C LEU C 38 16.29 21.19 12.48
N ASN C 39 16.92 21.09 11.31
CA ASN C 39 16.65 19.99 10.39
C ASN C 39 16.96 18.64 11.05
N GLY C 40 16.43 17.57 10.46
CA GLY C 40 16.70 16.22 10.88
C GLY C 40 15.42 15.41 10.94
N LYS C 41 15.42 14.38 11.78
CA LYS C 41 14.30 13.45 11.88
C LYS C 41 13.29 13.98 12.88
N TRP C 42 12.09 14.29 12.43
CA TRP C 42 11.02 14.75 13.31
C TRP C 42 9.94 13.68 13.42
N ASN C 43 9.39 13.53 14.60
CA ASN C 43 8.26 12.63 14.75
C ASN C 43 7.02 13.28 14.17
N ALA C 44 6.15 12.44 13.60
CA ALA C 44 5.00 12.96 12.88
C ALA C 44 3.79 12.08 13.10
N ILE C 45 2.63 12.72 13.01
CA ILE C 45 1.33 12.08 13.11
C ILE C 45 0.48 12.54 11.94
N ILE C 46 -0.03 11.61 11.16
CA ILE C 46 -0.92 11.91 10.05
C ILE C 46 -2.33 12.09 10.61
N ASP C 47 -2.89 13.29 10.44
CA ASP C 47 -4.11 13.75 11.12
C ASP C 47 -5.17 14.09 10.09
N LEU C 48 -5.84 13.05 9.58
CA LEU C 48 -6.68 13.19 8.40
C LEU C 48 -7.99 13.93 8.65
N TYR C 49 -8.50 13.87 9.88
CA TYR C 49 -9.79 14.44 10.25
C TYR C 49 -9.63 15.68 11.12
N ASP C 50 -8.40 16.17 11.27
CA ASP C 50 -8.10 17.43 11.94
C ASP C 50 -8.61 17.40 13.38
N GLN C 51 -8.21 16.33 14.09
CA GLN C 51 -8.55 16.07 15.48
C GLN C 51 -7.41 16.34 16.44
N GLY C 52 -6.18 16.52 15.94
CA GLY C 52 -5.05 16.68 16.84
C GLY C 52 -5.13 17.96 17.67
N ARG C 53 -5.57 19.06 17.05
CA ARG C 53 -5.72 20.30 17.78
C ARG C 53 -6.71 20.11 18.93
N GLY C 54 -7.93 19.64 18.62
CA GLY C 54 -8.91 19.40 19.65
C GLY C 54 -8.44 18.46 20.75
N MET C 55 -7.43 17.62 20.47
CA MET C 55 -6.86 16.74 21.49
C MET C 55 -5.62 17.33 22.12
N LYS C 56 -5.28 18.55 21.73
CA LYS C 56 -4.12 19.27 22.28
C LYS C 56 -2.87 18.40 22.24
N VAL C 57 -2.61 17.82 21.05
CA VAL C 57 -1.46 16.96 20.87
C VAL C 57 -0.16 17.71 21.06
N TYR C 58 -0.19 19.04 20.89
CA TYR C 58 1.01 19.84 21.04
C TYR C 58 1.54 19.86 22.47
N ARG C 59 0.72 19.48 23.47
CA ARG C 59 1.20 19.42 24.85
C ARG C 59 2.12 18.23 25.05
N ASN C 60 2.07 17.24 24.16
CA ASN C 60 2.87 16.02 24.26
C ASN C 60 2.71 15.34 25.60
N GLN C 61 1.46 15.10 25.99
CA GLN C 61 1.16 14.49 27.27
C GLN C 61 1.45 13.00 27.27
N SER C 62 1.95 12.53 28.41
CA SER C 62 2.14 11.13 28.75
C SER C 62 1.23 10.77 29.92
N PRO C 63 0.78 9.51 30.01
CA PRO C 63 -0.06 9.11 31.15
C PRO C 63 0.67 9.26 32.49
N LYS C 64 0.02 9.94 33.42
CA LYS C 64 0.57 10.25 34.73
C LYS C 64 0.21 9.19 35.78
N GLY C 65 -1.03 8.71 35.78
CA GLY C 65 -1.47 7.82 36.84
C GLY C 65 -1.88 6.44 36.40
N ASN C 66 -3.08 6.01 36.82
CA ASN C 66 -3.61 4.69 36.51
C ASN C 66 -4.95 4.75 35.78
N THR C 67 -5.56 5.93 35.67
CA THR C 67 -6.82 6.08 34.96
C THR C 67 -6.73 6.92 33.70
N ASP C 68 -5.65 7.66 33.51
CA ASP C 68 -5.55 8.57 32.37
C ASP C 68 -4.84 7.89 31.20
N PHE C 69 -5.16 8.34 29.98
CA PHE C 69 -4.44 7.85 28.80
C PHE C 69 -4.58 8.82 27.64
N TYR C 70 -3.60 8.77 26.73
CA TYR C 70 -3.56 9.67 25.58
C TYR C 70 -3.40 8.88 24.29
N GLU C 71 -4.26 9.16 23.31
CA GLU C 71 -4.33 8.32 22.11
C GLU C 71 -3.40 8.80 21.02
N TYR C 72 -2.19 9.21 21.39
CA TYR C 72 -1.22 9.77 20.47
C TYR C 72 0.12 9.77 21.20
N SER C 73 1.17 10.08 20.44
CA SER C 73 2.51 10.21 21.01
C SER C 73 3.47 10.66 19.94
N PHE C 74 4.54 11.32 20.33
CA PHE C 74 5.56 11.77 19.40
C PHE C 74 6.86 11.02 19.62
N GLN C 75 6.78 9.74 19.98
CA GLN C 75 7.96 8.92 20.10
C GLN C 75 7.68 7.55 19.50
N GLY C 76 8.65 7.02 18.77
CA GLY C 76 8.55 5.62 18.38
C GLY C 76 7.59 5.33 17.25
N GLY C 77 7.23 6.32 16.44
CA GLY C 77 6.41 6.09 15.28
C GLY C 77 7.02 6.68 14.04
N LEU C 78 6.20 7.04 13.07
CA LEU C 78 6.68 7.68 11.85
C LEU C 78 7.55 8.89 12.16
N ARG C 79 8.68 8.97 11.47
CA ARG C 79 9.53 10.14 11.51
C ARG C 79 9.78 10.62 10.09
N LEU C 80 9.49 11.90 9.83
CA LEU C 80 9.69 12.49 8.53
C LEU C 80 10.95 13.35 8.49
N ASN C 81 11.64 13.33 7.34
CA ASN C 81 12.82 14.15 7.14
C ASN C 81 12.45 15.62 7.00
N VAL C 82 13.18 16.47 7.72
CA VAL C 82 13.06 17.91 7.62
C VAL C 82 14.44 18.44 7.27
N PRO C 83 14.59 19.25 6.20
CA PRO C 83 13.47 19.68 5.35
C PRO C 83 13.00 18.68 4.28
N GLY C 84 11.75 18.80 3.90
CA GLY C 84 11.29 18.05 2.76
C GLY C 84 9.80 18.21 2.57
N ASP C 85 9.35 17.69 1.43
CA ASP C 85 7.95 17.38 1.31
C ASP C 85 7.69 16.05 2.04
N TRP C 86 6.44 15.87 2.45
CA TRP C 86 6.07 14.59 3.00
C TRP C 86 5.64 13.59 1.93
N ASN C 87 5.21 14.05 0.75
CA ASN C 87 4.58 13.15 -0.22
C ASN C 87 5.54 12.09 -0.75
N SER C 88 6.83 12.43 -0.89
CA SER C 88 7.85 11.54 -1.42
C SER C 88 8.45 10.62 -0.37
N GLN C 89 8.00 10.72 0.86
CA GLN C 89 8.70 10.01 1.92
C GLN C 89 8.16 8.61 2.15
N THR C 90 6.87 8.40 1.97
CA THR C 90 6.24 7.07 2.01
C THR C 90 5.12 7.04 0.99
N PRO C 91 4.84 5.88 0.40
CA PRO C 91 3.80 5.84 -0.63
C PRO C 91 2.41 6.19 -0.09
N GLU C 92 2.16 5.95 1.20
CA GLU C 92 0.87 6.30 1.80
C GLU C 92 0.64 7.81 1.77
N LEU C 93 1.71 8.60 1.77
CA LEU C 93 1.63 10.05 1.86
C LEU C 93 1.57 10.74 0.50
N LYS C 94 1.68 9.98 -0.58
CA LYS C 94 1.84 10.57 -1.91
C LYS C 94 0.68 11.51 -2.25
N TYR C 95 -0.57 11.07 -2.05
CA TYR C 95 -1.68 11.96 -2.38
C TYR C 95 -2.27 12.60 -1.16
N TYR C 96 -1.64 12.45 0.00
CA TYR C 96 -2.17 13.00 1.23
C TYR C 96 -2.33 14.51 1.14
N GLU C 97 -3.56 14.98 1.29
CA GLU C 97 -3.82 16.35 1.64
C GLU C 97 -4.52 16.39 2.99
N GLY C 98 -4.21 17.42 3.76
CA GLY C 98 -4.69 17.55 5.13
C GLY C 98 -3.58 18.02 6.06
N THR C 99 -3.69 17.59 7.31
CA THR C 99 -2.80 18.02 8.39
C THR C 99 -1.84 16.89 8.75
N VAL C 100 -0.56 17.23 8.85
CA VAL C 100 0.46 16.35 9.44
C VAL C 100 1.10 17.11 10.60
N TRP C 101 1.21 16.47 11.76
CA TRP C 101 1.84 17.09 12.94
C TRP C 101 3.30 16.72 12.92
N TYR C 102 4.18 17.73 12.85
CA TYR C 102 5.61 17.57 13.06
C TYR C 102 5.96 17.97 14.49
N ALA C 103 6.85 17.19 15.13
CA ALA C 103 7.34 17.52 16.47
C ALA C 103 8.80 17.12 16.64
N ARG C 104 9.42 17.66 17.69
CA ARG C 104 10.87 17.58 17.93
C ARG C 104 11.20 18.18 19.30
N HIS C 105 12.12 17.52 20.01
CA HIS C 105 12.82 18.08 21.16
C HIS C 105 14.11 18.79 20.72
N PHE C 106 14.54 19.79 21.51
CA PHE C 106 15.83 20.44 21.28
C PHE C 106 16.26 21.24 22.51
N ASP C 107 17.54 21.64 22.51
CA ASP C 107 18.19 22.31 23.64
C ASP C 107 18.42 23.79 23.34
N ALA C 108 17.93 24.64 24.25
CA ALA C 108 18.21 26.07 24.24
C ALA C 108 19.01 26.47 25.48
N LYS C 109 19.56 27.66 25.41
CA LYS C 109 20.11 28.35 26.57
C LYS C 109 19.55 29.76 26.56
N ARG C 110 18.78 30.11 27.60
CA ARG C 110 18.28 31.46 27.72
C ARG C 110 19.44 32.42 27.89
N LEU C 111 19.32 33.61 27.29
CA LEU C 111 20.45 34.52 27.18
C LEU C 111 20.12 35.88 27.78
N THR C 112 21.07 36.38 28.59
CA THR C 112 20.95 37.70 29.21
C THR C 112 20.87 38.80 28.17
N HIS C 113 21.62 38.65 27.09
CA HIS C 113 22.07 39.73 26.24
C HIS C 113 21.43 39.66 24.85
N LYS C 114 21.64 38.56 24.15
CA LYS C 114 21.16 38.42 22.78
C LYS C 114 19.81 37.72 22.73
N ARG C 115 19.03 38.03 21.69
CA ARG C 115 17.69 37.52 21.46
C ARG C 115 17.71 36.36 20.49
N GLN C 116 16.61 35.61 20.47
CA GLN C 116 16.51 34.37 19.70
C GLN C 116 15.19 34.26 18.95
N PHE C 117 15.27 33.81 17.70
CA PHE C 117 14.11 33.65 16.82
C PHE C 117 14.10 32.28 16.16
N LEU C 118 12.92 31.66 16.10
CA LEU C 118 12.68 30.55 15.17
C LEU C 118 12.48 31.10 13.77
N TYR C 119 13.11 30.45 12.79
CA TYR C 119 13.05 30.90 11.39
C TYR C 119 12.73 29.73 10.47
N PHE C 120 11.82 29.96 9.53
CA PHE C 120 11.31 28.93 8.64
C PHE C 120 11.43 29.39 7.21
N GLY C 121 12.21 28.66 6.39
CA GLY C 121 12.32 29.00 4.98
C GLY C 121 11.01 28.90 4.22
N ALA C 122 10.19 27.90 4.51
CA ALA C 122 8.89 27.71 3.88
C ALA C 122 8.17 26.56 4.57
N VAL C 123 6.86 26.71 4.76
CA VAL C 123 6.02 25.64 5.28
C VAL C 123 4.75 25.60 4.46
N SER C 124 4.46 24.47 3.85
CA SER C 124 3.46 24.35 2.80
C SER C 124 2.28 23.54 3.35
N TYR C 125 1.09 24.12 3.38
CA TYR C 125 0.82 25.47 2.89
C TYR C 125 0.53 26.47 4.04
N ARG C 126 -0.12 25.97 5.10
CA ARG C 126 -0.47 26.78 6.25
C ARG C 126 -0.02 26.02 7.48
N CYS C 127 0.25 26.74 8.56
CA CYS C 127 0.72 26.04 9.75
C CYS C 127 0.40 26.85 10.99
N ARG C 128 0.59 26.19 12.12
CA ARG C 128 0.53 26.76 13.46
C ARG C 128 1.70 26.16 14.21
N VAL C 129 2.52 27.03 14.82
CA VAL C 129 3.70 26.60 15.56
C VAL C 129 3.34 26.62 17.04
N TYR C 130 3.71 25.56 17.75
CA TYR C 130 3.44 25.43 19.18
C TYR C 130 4.77 25.12 19.85
N LEU C 131 5.21 26.01 20.75
CA LEU C 131 6.39 25.75 21.56
C LEU C 131 5.93 25.47 22.98
N ASN C 132 6.32 24.33 23.52
CA ASN C 132 5.98 23.91 24.87
C ASN C 132 4.51 24.17 25.21
N GLY C 133 3.62 23.55 24.43
CA GLY C 133 2.22 23.50 24.78
C GLY C 133 1.42 24.73 24.45
N ALA C 134 2.01 25.72 23.79
CA ALA C 134 1.26 26.94 23.53
C ALA C 134 1.53 27.40 22.11
N GLU C 135 0.47 27.89 21.46
CA GLU C 135 0.59 28.48 20.15
C GLU C 135 1.43 29.75 20.21
N ILE C 136 2.35 29.91 19.27
CA ILE C 136 3.28 31.03 19.31
C ILE C 136 3.31 31.77 17.98
N GLY C 137 2.63 31.24 16.98
CA GLY C 137 2.64 31.87 15.67
C GLY C 137 1.97 31.01 14.63
N SER C 138 1.90 31.56 13.42
CA SER C 138 1.21 30.91 12.32
C SER C 138 1.63 31.58 11.03
N HIS C 139 1.28 30.92 9.92
CA HIS C 139 1.62 31.46 8.60
C HIS C 139 0.81 30.74 7.54
N GLU C 140 0.66 31.42 6.41
CA GLU C 140 -0.06 30.92 5.26
C GLU C 140 0.72 31.29 4.01
N GLY C 141 0.81 30.34 3.06
CA GLY C 141 1.66 30.49 1.88
C GLY C 141 2.90 29.61 1.97
N GLY C 142 3.07 28.66 1.05
CA GLY C 142 4.06 27.64 1.28
C GLY C 142 5.41 27.84 0.63
N PHE C 143 5.73 29.05 0.14
CA PHE C 143 6.97 29.31 -0.56
C PHE C 143 7.72 30.52 -0.04
N THR C 144 7.24 31.18 1.02
CA THR C 144 7.89 32.36 1.55
C THR C 144 8.25 32.19 3.02
N PRO C 145 9.36 32.76 3.47
CA PRO C 145 9.83 32.53 4.84
C PRO C 145 9.07 33.34 5.89
N PHE C 146 9.23 32.90 7.14
CA PHE C 146 8.59 33.57 8.27
C PHE C 146 9.34 33.20 9.54
N GLN C 147 9.18 34.04 10.57
CA GLN C 147 9.94 33.88 11.80
C GLN C 147 9.08 34.25 13.00
N ILE C 148 9.37 33.60 14.12
CA ILE C 148 8.78 33.89 15.42
C ILE C 148 9.92 34.09 16.41
N GLU C 149 9.82 35.13 17.25
CA GLU C 149 10.82 35.34 18.29
C GLU C 149 10.48 34.48 19.50
N VAL C 150 11.53 33.97 20.16
CA VAL C 150 11.32 33.10 21.32
C VAL C 150 12.29 33.44 22.45
N THR C 151 12.74 34.70 22.51
CA THR C 151 13.74 35.09 23.51
C THR C 151 13.21 34.85 24.91
N ASP C 152 12.00 35.33 25.19
CA ASP C 152 11.31 35.15 26.46
C ASP C 152 10.41 33.92 26.47
N LEU C 153 10.61 33.00 25.53
CA LEU C 153 9.77 31.82 25.42
C LEU C 153 10.54 30.53 25.62
N LEU C 154 11.84 30.52 25.33
CA LEU C 154 12.65 29.32 25.51
C LEU C 154 12.78 28.98 26.97
N ASN C 155 12.35 27.77 27.34
CA ASN C 155 12.86 27.17 28.57
C ASN C 155 14.33 26.86 28.41
N GLU C 156 15.08 26.96 29.51
CA GLU C 156 16.48 26.56 29.50
C GLU C 156 16.60 25.04 29.41
N GLY C 157 17.52 24.56 28.58
CA GLY C 157 17.65 23.13 28.36
C GLY C 157 16.62 22.66 27.37
N GLU C 158 15.91 21.58 27.72
CA GLU C 158 15.04 20.88 26.78
C GLU C 158 13.82 21.71 26.41
N ASN C 159 13.56 21.83 25.09
CA ASN C 159 12.33 22.41 24.58
C ASN C 159 11.60 21.42 23.66
N PHE C 160 10.30 21.63 23.51
CA PHE C 160 9.45 20.79 22.66
C PHE C 160 8.74 21.67 21.64
N ILE C 161 9.00 21.44 20.36
CA ILE C 161 8.38 22.20 19.27
C ILE C 161 7.47 21.27 18.46
N ALA C 162 6.22 21.67 18.28
CA ALA C 162 5.23 20.88 17.56
C ALA C 162 4.48 21.77 16.59
N ILE C 163 4.46 21.38 15.31
CA ILE C 163 3.89 22.22 14.25
C ILE C 163 2.78 21.44 13.57
N GLU C 164 1.66 22.09 13.30
CA GLU C 164 0.61 21.46 12.50
C GLU C 164 0.65 22.06 11.09
N VAL C 165 1.11 21.26 10.14
CA VAL C 165 1.25 21.64 8.73
C VAL C 165 0.03 21.16 7.98
N ASN C 166 -0.54 22.04 7.15
CA ASN C 166 -1.75 21.68 6.44
C ASN C 166 -1.61 22.12 5.00
N ASN C 167 -2.08 21.29 4.05
CA ASN C 167 -2.03 21.65 2.64
C ASN C 167 -3.38 21.48 1.97
N ARG C 168 -4.47 21.57 2.73
CA ARG C 168 -5.80 21.49 2.13
C ARG C 168 -5.99 22.65 1.17
N ARG C 169 -6.48 22.33 -0.02
CA ARG C 169 -6.77 23.32 -1.04
C ARG C 169 -8.10 23.98 -0.75
N THR C 170 -8.15 25.31 -0.88
CA THR C 170 -9.36 26.10 -0.63
C THR C 170 -9.48 27.15 -1.74
N LYS C 171 -10.71 27.60 -1.99
CA LYS C 171 -10.98 28.55 -3.08
C LYS C 171 -10.32 29.90 -2.88
N ASP C 172 -9.80 30.18 -1.70
CA ASP C 172 -9.34 31.52 -1.34
C ASP C 172 -7.84 31.56 -1.09
N ALA C 173 -7.09 30.58 -1.57
CA ALA C 173 -5.66 30.52 -1.29
C ALA C 173 -4.86 30.90 -2.52
N ILE C 174 -3.55 31.01 -2.33
CA ILE C 174 -2.66 31.17 -3.48
C ILE C 174 -1.62 30.06 -3.38
N PRO C 175 -1.68 29.04 -4.27
CA PRO C 175 -2.73 28.91 -5.29
C PRO C 175 -4.05 28.35 -4.77
N ALA C 176 -5.06 28.29 -5.63
CA ALA C 176 -6.40 27.94 -5.17
C ALA C 176 -6.64 26.44 -5.30
N MET C 177 -7.75 26.07 -5.91
CA MET C 177 -8.15 24.67 -5.89
C MET C 177 -7.41 23.83 -6.94
N SER C 178 -6.95 24.44 -8.02
CA SER C 178 -6.30 23.70 -9.08
C SER C 178 -5.04 24.44 -9.55
N PHE C 179 -4.01 23.68 -9.89
CA PHE C 179 -2.75 24.23 -10.36
C PHE C 179 -1.93 23.08 -10.91
N ASP C 180 -1.08 23.39 -11.87
CA ASP C 180 -0.37 22.37 -12.63
C ASP C 180 0.94 21.96 -11.96
N TRP C 181 0.86 21.63 -10.69
CA TRP C 181 2.00 21.02 -10.02
C TRP C 181 1.47 20.29 -8.79
N TRP C 182 2.33 19.49 -8.18
CA TRP C 182 1.88 18.65 -7.09
C TRP C 182 1.71 19.47 -5.82
N ASN C 183 0.70 19.10 -5.05
CA ASN C 183 0.44 19.74 -3.77
C ASN C 183 1.33 19.14 -2.68
N TYR C 184 2.62 19.46 -2.77
CA TYR C 184 3.54 19.01 -1.73
C TYR C 184 3.23 19.73 -0.42
N GLY C 185 3.10 18.95 0.64
CA GLY C 185 2.95 19.49 1.97
C GLY C 185 4.21 19.27 2.77
N GLY C 186 4.42 20.05 3.84
CA GLY C 186 5.42 19.79 4.84
C GLY C 186 6.28 21.00 5.13
N ILE C 187 7.26 20.79 6.01
CA ILE C 187 8.31 21.76 6.29
C ILE C 187 9.32 21.62 5.16
N THR C 188 9.15 22.43 4.11
CA THR C 188 9.87 22.17 2.88
C THR C 188 11.22 22.87 2.78
N ARG C 189 11.64 23.64 3.81
CA ARG C 189 12.93 24.32 3.80
C ARG C 189 13.50 24.33 5.23
N ASP C 190 14.67 24.94 5.38
CA ASP C 190 15.40 24.86 6.65
C ASP C 190 14.62 25.43 7.82
N VAL C 191 14.75 24.78 8.97
CA VAL C 191 14.27 25.29 10.25
C VAL C 191 15.48 25.80 11.02
N LEU C 192 15.49 27.10 11.29
CA LEU C 192 16.65 27.76 11.88
C LEU C 192 16.29 28.45 13.19
N LEU C 193 17.20 28.31 14.17
CA LEU C 193 17.22 29.14 15.38
C LEU C 193 18.27 30.22 15.17
N VAL C 194 17.84 31.47 15.17
CA VAL C 194 18.68 32.62 14.94
C VAL C 194 18.98 33.27 16.29
N THR C 195 20.22 33.71 16.48
CA THR C 195 20.60 34.51 17.65
C THR C 195 21.09 35.87 17.19
N THR C 196 20.52 36.93 17.73
CA THR C 196 20.93 38.29 17.43
C THR C 196 21.19 39.07 18.71
N PRO C 197 22.09 40.05 18.67
CA PRO C 197 22.25 40.94 19.81
C PRO C 197 20.97 41.75 20.02
N GLN C 198 20.82 42.26 21.25
CA GLN C 198 19.54 42.80 21.67
C GLN C 198 19.04 43.89 20.73
N THR C 199 19.94 44.65 20.12
CA THR C 199 19.56 45.61 19.11
C THR C 199 20.34 45.31 17.84
N TYR C 200 19.66 44.78 16.83
CA TYR C 200 20.31 44.20 15.68
C TYR C 200 19.95 44.98 14.42
N LEU C 201 20.72 44.70 13.36
CA LEU C 201 20.34 45.15 12.02
C LEU C 201 19.17 44.31 11.53
N GLU C 202 18.02 44.95 11.30
CA GLU C 202 16.84 44.23 10.87
C GLU C 202 16.92 43.99 9.37
N ASP C 203 16.54 45.00 8.60
CA ASP C 203 16.53 44.94 7.15
C ASP C 203 17.56 45.92 6.58
N TYR C 204 18.01 45.63 5.36
CA TYR C 204 18.73 46.65 4.61
C TYR C 204 18.54 46.40 3.12
N PHE C 205 18.72 47.46 2.34
CA PHE C 205 18.55 47.41 0.90
C PHE C 205 19.71 48.16 0.28
N ILE C 206 20.72 47.43 -0.20
CA ILE C 206 21.98 47.99 -0.71
C ILE C 206 22.13 47.54 -2.16
N GLN C 207 21.74 48.39 -3.09
CA GLN C 207 21.77 48.04 -4.49
C GLN C 207 22.04 49.29 -5.32
N LEU C 208 22.38 49.05 -6.58
CA LEU C 208 22.75 50.09 -7.51
C LEU C 208 21.48 50.67 -8.15
N ASP C 209 21.50 51.98 -8.37
CA ASP C 209 20.33 52.72 -8.80
C ASP C 209 19.76 52.18 -10.13
N LYS C 210 18.50 52.51 -10.39
CA LYS C 210 17.77 51.90 -11.50
C LYS C 210 18.47 52.09 -12.84
N GLU C 211 18.57 53.33 -13.31
CA GLU C 211 19.11 53.59 -14.64
C GLU C 211 20.58 53.99 -14.65
N SER C 212 21.17 54.34 -13.48
CA SER C 212 22.52 54.89 -13.44
C SER C 212 23.54 53.88 -12.90
N PRO C 213 24.72 53.78 -13.51
CA PRO C 213 25.70 52.76 -13.11
C PRO C 213 26.65 53.13 -11.99
N ASN C 214 26.68 54.38 -11.54
CA ASN C 214 27.62 54.80 -10.51
C ASN C 214 26.98 55.29 -9.22
N ARG C 215 25.65 55.41 -9.17
CA ARG C 215 24.95 55.98 -8.02
C ARG C 215 24.39 54.85 -7.16
N MET C 216 24.78 54.82 -5.88
CA MET C 216 24.50 53.69 -4.99
C MET C 216 23.53 54.07 -3.88
N ILE C 217 22.48 53.25 -3.67
CA ILE C 217 21.52 53.40 -2.59
C ILE C 217 21.88 52.44 -1.47
N ALA C 218 21.66 52.87 -0.22
CA ALA C 218 21.91 52.04 0.97
C ALA C 218 20.86 52.40 2.04
N LYS C 219 19.69 51.77 1.95
CA LYS C 219 18.66 51.90 2.98
C LYS C 219 18.88 50.83 4.04
N VAL C 220 18.85 51.22 5.32
CA VAL C 220 19.08 50.29 6.42
C VAL C 220 18.09 50.59 7.53
N ALA C 221 17.70 49.54 8.26
CA ALA C 221 16.79 49.68 9.40
C ALA C 221 17.28 48.83 10.56
N LEU C 222 16.94 49.27 11.77
CA LEU C 222 17.34 48.60 13.00
C LEU C 222 16.17 47.87 13.63
N SER C 223 16.46 47.22 14.77
CA SER C 223 15.44 46.49 15.49
C SER C 223 14.69 47.39 16.46
N ASP C 224 15.43 48.08 17.33
CA ASP C 224 14.95 49.18 18.15
C ASP C 224 14.77 50.45 17.29
N LYS C 225 13.92 51.35 17.76
CA LYS C 225 13.57 52.56 17.03
C LYS C 225 14.05 53.78 17.81
N LYS C 226 15.35 54.07 17.70
CA LYS C 226 15.91 55.27 18.33
C LYS C 226 16.66 56.09 17.29
N ALA C 227 16.56 57.41 17.41
CA ALA C 227 17.31 58.33 16.58
C ALA C 227 18.68 58.60 17.19
N GLY C 228 19.69 58.73 16.33
CA GLY C 228 21.06 59.02 16.75
C GLY C 228 22.00 57.84 16.66
N GLU C 229 21.49 56.61 16.70
CA GLU C 229 22.34 55.46 16.41
C GLU C 229 22.88 55.57 15.00
N LYS C 230 24.07 55.04 14.79
CA LYS C 230 24.68 55.22 13.48
C LYS C 230 24.95 53.88 12.81
N ILE C 231 24.92 53.93 11.47
CA ILE C 231 24.98 52.77 10.59
C ILE C 231 26.06 53.02 9.56
N THR C 232 26.87 52.00 9.28
CA THR C 232 27.94 52.15 8.32
C THR C 232 28.03 50.97 7.36
N VAL C 233 28.21 51.27 6.08
CA VAL C 233 28.23 50.29 4.99
C VAL C 233 29.62 50.29 4.35
N SER C 234 30.30 49.15 4.39
CA SER C 234 31.65 48.97 3.84
C SER C 234 31.64 48.14 2.56
N ILE C 235 32.63 48.40 1.71
CA ILE C 235 33.05 47.51 0.64
C ILE C 235 34.57 47.58 0.57
N PRO C 236 35.29 46.72 1.29
CA PRO C 236 36.76 46.86 1.36
C PRO C 236 37.50 46.59 0.06
N GLU C 237 36.95 45.81 -0.87
CA GLU C 237 37.59 45.65 -2.17
C GLU C 237 37.56 46.97 -2.93
N LEU C 238 36.39 47.57 -3.05
CA LEU C 238 36.35 49.00 -3.30
C LEU C 238 37.01 49.72 -2.14
N LYS C 239 37.24 51.02 -2.27
CA LYS C 239 37.76 51.79 -1.16
C LYS C 239 36.65 52.75 -0.72
N THR C 240 35.64 52.16 -0.08
CA THR C 240 34.38 52.84 0.17
C THR C 240 33.81 52.42 1.52
N SER C 241 33.22 53.39 2.21
CA SER C 241 32.67 53.20 3.56
C SER C 241 31.83 54.40 3.96
N ILE C 242 30.52 54.21 4.01
CA ILE C 242 29.57 55.29 4.24
C ILE C 242 29.10 55.22 5.69
N ASP C 243 28.85 56.38 6.29
CA ASP C 243 28.22 56.44 7.60
C ASP C 243 26.89 57.15 7.49
N MET C 244 26.01 56.87 8.45
CA MET C 244 24.69 57.49 8.48
C MET C 244 24.11 57.32 9.88
N LEU C 245 23.16 58.19 10.22
CA LEU C 245 22.49 58.13 11.52
C LEU C 245 21.03 57.72 11.37
N THR C 246 20.57 56.88 12.28
CA THR C 246 19.19 56.42 12.26
C THR C 246 18.24 57.54 12.68
N ASP C 247 17.05 57.54 12.08
CA ASP C 247 15.99 58.44 12.50
C ASP C 247 15.25 57.83 13.70
N ALA C 248 14.14 58.47 14.09
CA ALA C 248 13.40 58.00 15.27
C ALA C 248 12.88 56.60 15.09
N GLU C 249 12.47 56.24 13.87
CA GLU C 249 12.04 54.90 13.52
C GLU C 249 13.19 53.93 13.34
N GLY C 250 14.44 54.36 13.57
CA GLY C 250 15.60 53.50 13.45
C GLY C 250 16.14 53.28 12.05
N LYS C 251 15.58 53.94 11.04
CA LYS C 251 15.93 53.74 9.63
C LYS C 251 16.94 54.77 9.16
N ALA C 252 17.74 54.39 8.16
CA ALA C 252 18.79 55.24 7.61
C ALA C 252 18.82 55.07 6.09
N GLU C 253 18.91 56.19 5.38
CA GLU C 253 18.81 56.19 3.93
C GLU C 253 19.77 57.23 3.34
N THR C 254 20.74 56.77 2.55
CA THR C 254 21.69 57.66 1.86
C THR C 254 21.87 57.19 0.42
N VAL C 255 22.36 58.10 -0.41
CA VAL C 255 22.69 57.80 -1.80
C VAL C 255 24.04 58.44 -2.12
N PHE C 256 24.93 57.69 -2.76
CA PHE C 256 26.31 58.12 -2.89
C PHE C 256 26.97 57.53 -4.12
N ASN C 257 28.09 58.13 -4.51
CA ASN C 257 28.84 57.73 -5.70
C ASN C 257 29.81 56.61 -5.37
N ILE C 258 30.00 55.72 -6.36
CA ILE C 258 30.84 54.53 -6.21
C ILE C 258 31.79 54.46 -7.40
N LYS C 259 33.01 54.00 -7.13
CA LYS C 259 34.14 54.31 -8.00
C LYS C 259 34.47 53.20 -9.00
N LYS C 260 35.53 52.43 -8.78
CA LYS C 260 35.99 51.46 -9.78
C LYS C 260 35.07 50.23 -9.79
N LEU C 261 33.81 50.48 -10.13
CA LEU C 261 32.74 49.50 -9.89
C LEU C 261 32.59 48.55 -11.07
N GLU C 262 32.75 47.25 -10.78
CA GLU C 262 32.66 46.17 -11.76
C GLU C 262 31.29 45.51 -11.67
N ARG C 263 30.42 45.81 -12.64
CA ARG C 263 29.02 45.38 -12.54
C ARG C 263 28.82 43.89 -12.85
N TRP C 264 28.00 43.23 -12.03
CA TRP C 264 27.68 41.82 -12.20
C TRP C 264 27.09 41.56 -13.58
N SER C 265 27.51 40.46 -14.20
CA SER C 265 26.94 40.02 -15.47
C SER C 265 26.87 38.51 -15.50
N SER C 266 26.24 38.00 -16.56
CA SER C 266 26.31 36.57 -16.84
C SER C 266 27.71 36.15 -17.23
N GLU C 267 28.38 36.96 -18.08
CA GLU C 267 29.77 36.73 -18.48
C GLU C 267 30.68 36.58 -17.27
N ASN C 268 30.88 37.65 -16.50
CA ASN C 268 31.56 37.49 -15.21
C ASN C 268 30.59 37.79 -14.06
N PRO C 269 30.25 36.80 -13.25
CA PRO C 269 29.27 37.01 -12.18
C PRO C 269 29.95 37.65 -10.97
N LYS C 270 30.07 38.98 -11.04
CA LYS C 270 30.85 39.73 -10.06
C LYS C 270 30.02 39.96 -8.79
N LEU C 271 30.52 39.44 -7.67
CA LEU C 271 29.94 39.68 -6.35
C LEU C 271 31.02 40.19 -5.41
N TYR C 272 30.82 41.39 -4.86
CA TYR C 272 31.68 41.95 -3.82
C TYR C 272 31.24 41.49 -2.44
N GLU C 273 32.15 41.63 -1.48
CA GLU C 273 31.84 41.40 -0.07
C GLU C 273 31.41 42.70 0.57
N VAL C 274 30.12 42.83 0.84
CA VAL C 274 29.54 43.99 1.51
C VAL C 274 29.42 43.69 3.00
N ILE C 275 29.65 44.72 3.82
CA ILE C 275 29.62 44.60 5.28
C ILE C 275 28.77 45.74 5.82
N VAL C 276 27.79 45.39 6.67
CA VAL C 276 26.99 46.36 7.40
C VAL C 276 27.30 46.19 8.88
N SER C 277 27.48 47.30 9.56
CA SER C 277 27.81 47.26 10.99
C SER C 277 27.10 48.41 11.68
N SER C 278 27.04 48.31 13.00
CA SER C 278 26.32 49.28 13.80
C SER C 278 26.85 49.17 15.23
N ALA C 279 26.08 49.70 16.18
CA ALA C 279 26.33 49.57 17.60
C ALA C 279 26.86 48.19 17.99
N ASN C 280 26.06 47.13 17.79
CA ASN C 280 26.51 45.81 18.23
C ASN C 280 26.11 44.70 17.26
N ASP C 281 25.82 45.02 16.01
CA ASP C 281 25.49 44.02 15.01
C ASP C 281 26.45 44.13 13.83
N ARG C 282 26.52 43.06 13.04
CA ARG C 282 27.51 42.97 11.97
C ARG C 282 27.22 41.81 11.04
N VAL C 283 26.86 42.11 9.80
CA VAL C 283 26.52 41.12 8.79
C VAL C 283 27.47 41.25 7.60
N GLU C 284 27.80 40.11 7.00
CA GLU C 284 28.55 40.07 5.76
C GLU C 284 27.71 39.36 4.71
N GLU C 285 27.61 39.95 3.52
CA GLU C 285 26.92 39.34 2.41
C GLU C 285 27.67 39.62 1.12
N GLN C 286 27.76 38.61 0.26
CA GLN C 286 28.32 38.81 -1.08
C GLN C 286 27.21 39.32 -2.01
N ILE C 287 27.40 40.54 -2.52
CA ILE C 287 26.37 41.24 -3.28
C ILE C 287 26.97 41.79 -4.56
N GLY C 288 26.19 41.76 -5.64
CA GLY C 288 26.59 42.31 -6.91
C GLY C 288 25.63 43.41 -7.33
N PHE C 289 25.99 44.06 -8.42
CA PHE C 289 25.34 45.32 -8.80
C PHE C 289 25.25 45.41 -10.32
N ARG C 290 24.11 45.89 -10.80
CA ARG C 290 23.91 46.00 -12.24
C ARG C 290 22.70 46.88 -12.49
N ASN C 291 22.62 47.39 -13.71
CA ASN C 291 21.44 48.10 -14.19
C ASN C 291 20.75 47.22 -15.22
N ILE C 292 19.44 47.06 -15.07
CA ILE C 292 18.62 46.40 -16.06
C ILE C 292 17.41 47.28 -16.29
N THR C 293 17.18 47.66 -17.54
CA THR C 293 16.16 48.65 -17.85
C THR C 293 15.70 48.46 -19.28
N VAL C 294 14.82 49.34 -19.72
CA VAL C 294 14.19 49.20 -21.03
C VAL C 294 13.88 50.59 -21.59
N LYS C 295 14.08 50.73 -22.91
CA LYS C 295 13.44 51.78 -23.68
C LYS C 295 13.17 51.21 -25.07
N GLY C 296 11.93 51.39 -25.53
CA GLY C 296 11.50 50.82 -26.80
C GLY C 296 11.22 49.33 -26.67
N THR C 297 11.92 48.53 -27.46
CA THR C 297 11.78 47.07 -27.46
C THR C 297 13.15 46.41 -27.28
N ASP C 298 13.93 46.90 -26.32
CA ASP C 298 15.27 46.36 -26.08
C ASP C 298 15.57 46.34 -24.58
N ILE C 299 16.17 45.25 -24.11
CA ILE C 299 16.42 45.02 -22.70
C ILE C 299 17.92 45.11 -22.46
N TYR C 300 18.34 46.02 -21.58
CA TYR C 300 19.74 46.36 -21.40
C TYR C 300 20.20 45.86 -20.03
N LEU C 301 20.98 44.80 -20.04
CA LEU C 301 21.77 44.46 -18.87
C LEU C 301 23.04 45.30 -18.90
N ASN C 302 23.22 46.13 -17.88
CA ASN C 302 24.34 47.07 -17.80
C ASN C 302 24.34 47.88 -19.10
N GLY C 303 25.46 47.96 -19.82
CA GLY C 303 25.45 48.66 -21.08
C GLY C 303 24.76 47.95 -22.24
N LYS C 304 25.16 46.68 -22.52
CA LYS C 304 24.82 45.97 -23.75
C LYS C 304 23.38 45.46 -23.70
N PRO C 305 22.65 45.56 -24.82
CA PRO C 305 21.33 44.92 -24.90
C PRO C 305 21.48 43.41 -24.98
N THR C 306 20.76 42.70 -24.12
CA THR C 306 20.92 41.27 -23.98
C THR C 306 19.65 40.54 -24.42
N PHE C 307 19.85 39.43 -25.13
CA PHE C 307 18.76 38.52 -25.45
C PHE C 307 18.64 37.51 -24.32
N MET C 308 17.41 37.25 -23.90
CA MET C 308 17.16 36.36 -22.75
C MET C 308 17.05 34.93 -23.26
N CYS C 309 18.11 34.14 -23.10
CA CYS C 309 18.12 32.73 -23.49
C CYS C 309 17.81 31.92 -22.24
N SER C 310 16.55 31.65 -22.01
CA SER C 310 16.13 31.23 -20.69
C SER C 310 15.81 29.74 -20.65
N ILE C 311 15.30 29.31 -19.50
CA ILE C 311 14.76 27.97 -19.27
C ILE C 311 14.00 28.09 -17.96
N SER C 312 12.95 27.29 -17.77
CA SER C 312 12.37 27.19 -16.45
C SER C 312 12.55 25.79 -15.90
N PHE C 313 12.25 25.67 -14.61
CA PHE C 313 12.10 24.39 -13.94
C PHE C 313 11.38 24.64 -12.62
N HIS C 314 10.69 23.61 -12.15
CA HIS C 314 9.99 23.62 -10.87
C HIS C 314 10.97 23.33 -9.75
N GLU C 315 10.54 23.61 -8.52
CA GLU C 315 11.40 23.36 -7.36
C GLU C 315 11.25 21.87 -7.02
N GLU C 316 11.96 21.04 -7.77
CA GLU C 316 11.69 19.60 -7.70
C GLU C 316 12.83 18.85 -8.38
N ILE C 317 13.26 17.77 -7.74
CA ILE C 317 14.24 16.83 -8.28
C ILE C 317 13.48 15.62 -8.84
N PRO C 318 13.30 15.50 -10.15
CA PRO C 318 12.35 14.49 -10.65
C PRO C 318 12.70 13.06 -10.24
N GLN C 319 13.98 12.73 -10.08
CA GLN C 319 14.41 11.36 -9.85
C GLN C 319 13.92 10.80 -8.53
N ARG C 320 13.63 11.64 -7.53
CA ARG C 320 13.06 11.15 -6.29
C ARG C 320 11.63 11.65 -6.08
N MET C 321 11.05 12.34 -7.06
CA MET C 321 9.67 12.80 -7.04
C MET C 321 9.30 13.55 -5.77
N GLY C 322 10.17 14.49 -5.37
CA GLY C 322 9.92 15.34 -4.22
C GLY C 322 10.57 16.69 -4.41
N ARG C 323 10.27 17.59 -3.49
CA ARG C 323 10.78 18.97 -3.54
C ARG C 323 12.30 19.04 -3.37
N ALA C 324 12.91 19.95 -4.13
CA ALA C 324 14.31 20.32 -3.97
C ALA C 324 14.48 21.28 -2.79
N PHE C 325 15.47 21.02 -1.93
CA PHE C 325 15.58 21.84 -0.73
C PHE C 325 17.01 22.12 -0.26
N SER C 326 18.04 21.62 -0.93
CA SER C 326 19.40 21.70 -0.40
C SER C 326 20.36 22.37 -1.40
N GLU C 327 21.60 22.58 -0.93
CA GLU C 327 22.67 23.06 -1.81
C GLU C 327 22.96 22.06 -2.93
N ALA C 328 23.02 20.76 -2.58
CA ALA C 328 23.22 19.74 -3.60
C ALA C 328 22.12 19.77 -4.66
N ASP C 329 20.85 19.97 -4.25
CA ASP C 329 19.77 19.97 -5.23
C ASP C 329 19.94 21.13 -6.20
N ALA C 330 20.39 22.28 -5.69
CA ALA C 330 20.61 23.43 -6.56
C ALA C 330 21.66 23.12 -7.60
N ALA C 331 22.74 22.45 -7.19
CA ALA C 331 23.79 22.10 -8.12
C ALA C 331 23.21 21.33 -9.31
N MET C 332 22.42 20.30 -9.02
CA MET C 332 21.87 19.46 -10.07
C MET C 332 20.98 20.26 -11.02
N LEU C 333 20.04 21.02 -10.47
CA LEU C 333 19.14 21.78 -11.32
C LEU C 333 19.90 22.83 -12.14
N LEU C 334 20.80 23.58 -11.50
CA LEU C 334 21.47 24.67 -12.20
C LEU C 334 22.59 24.17 -13.12
N ASN C 335 23.33 23.14 -12.72
CA ASN C 335 24.38 22.60 -13.58
C ASN C 335 23.81 21.97 -14.84
N GLU C 336 22.50 21.72 -14.89
CA GLU C 336 21.91 21.27 -16.13
C GLU C 336 21.48 22.46 -16.98
N ALA C 337 20.92 23.51 -16.34
CA ALA C 337 20.72 24.77 -17.04
C ALA C 337 22.02 25.29 -17.64
N LYS C 338 23.13 25.09 -16.92
CA LYS C 338 24.44 25.41 -17.45
C LYS C 338 24.68 24.71 -18.79
N ALA C 339 24.77 23.37 -18.76
CA ALA C 339 25.05 22.59 -19.96
C ALA C 339 24.07 22.86 -21.09
N LEU C 340 22.85 23.28 -20.78
CA LEU C 340 21.98 23.67 -21.87
C LEU C 340 22.41 25.01 -22.46
N GLY C 341 23.18 25.78 -21.70
CA GLY C 341 23.62 27.10 -22.13
C GLY C 341 22.56 28.17 -22.08
N VAL C 342 22.05 28.48 -20.90
CA VAL C 342 21.11 29.56 -20.74
C VAL C 342 21.82 30.74 -20.09
N ASN C 343 21.25 31.94 -20.26
CA ASN C 343 21.63 33.09 -19.46
C ASN C 343 20.56 33.52 -18.46
N MET C 344 19.30 33.11 -18.65
CA MET C 344 18.23 33.43 -17.72
C MET C 344 17.59 32.14 -17.18
N ILE C 345 16.86 32.27 -16.07
CA ILE C 345 16.13 31.16 -15.47
C ILE C 345 14.81 31.68 -14.88
N ARG C 346 13.68 31.12 -15.31
CA ARG C 346 12.40 31.42 -14.69
C ARG C 346 12.12 30.34 -13.65
N LEU C 347 11.98 30.74 -12.39
CA LEU C 347 11.94 29.82 -11.26
C LEU C 347 10.55 29.23 -11.14
N ALA C 348 9.91 28.99 -12.29
CA ALA C 348 8.59 28.37 -12.40
C ALA C 348 7.55 29.35 -11.93
N HIS C 349 6.74 29.04 -10.93
CA HIS C 349 5.61 29.89 -10.64
C HIS C 349 5.54 30.43 -9.20
N TYR C 350 6.58 30.26 -8.41
CA TYR C 350 6.58 30.62 -7.00
C TYR C 350 8.01 30.94 -6.63
N PRO C 351 8.25 31.66 -5.54
CA PRO C 351 9.62 31.87 -5.08
C PRO C 351 10.26 30.56 -4.68
N GLN C 352 11.44 30.28 -5.24
CA GLN C 352 12.16 29.09 -4.85
C GLN C 352 13.10 29.44 -3.71
N ASN C 353 13.84 28.44 -3.21
CA ASN C 353 14.58 28.64 -1.98
C ASN C 353 15.87 29.42 -2.25
N GLU C 354 16.57 29.80 -1.17
CA GLU C 354 17.69 30.71 -1.34
C GLU C 354 18.95 30.00 -1.86
N TYR C 355 19.22 28.77 -1.39
CA TYR C 355 20.31 27.99 -1.98
C TYR C 355 20.27 28.01 -3.50
N THR C 356 19.08 27.87 -4.08
CA THR C 356 18.98 27.93 -5.53
C THR C 356 19.24 29.34 -6.04
N VAL C 357 18.54 30.33 -5.47
CA VAL C 357 18.69 31.72 -5.89
C VAL C 357 20.13 32.19 -5.69
N ARG C 358 20.72 31.91 -4.53
CA ARG C 358 22.11 32.37 -4.29
C ARG C 358 23.09 31.67 -5.24
N LEU C 359 22.85 30.38 -5.53
CA LEU C 359 23.79 29.65 -6.38
C LEU C 359 23.63 30.02 -7.84
N ALA C 360 22.44 30.49 -8.23
CA ALA C 360 22.29 30.95 -9.61
C ALA C 360 22.94 32.31 -9.80
N GLU C 361 22.96 33.13 -8.75
CA GLU C 361 23.60 34.43 -8.81
C GLU C 361 25.11 34.27 -8.91
N LYS C 362 25.67 33.33 -8.15
CA LYS C 362 27.10 33.08 -8.24
C LYS C 362 27.51 32.60 -9.63
N MET C 363 26.65 31.84 -10.32
CA MET C 363 26.99 31.20 -11.60
C MET C 363 26.66 32.04 -12.83
N GLY C 364 25.66 32.92 -12.76
CA GLY C 364 25.54 33.89 -13.83
C GLY C 364 24.19 33.98 -14.51
N PHE C 365 23.19 33.29 -13.97
CA PHE C 365 21.87 33.33 -14.59
C PHE C 365 21.13 34.57 -14.09
N ILE C 366 20.64 35.37 -15.04
CA ILE C 366 19.53 36.28 -14.76
C ILE C 366 18.36 35.46 -14.23
N LEU C 367 17.63 36.03 -13.26
CA LEU C 367 16.51 35.35 -12.65
C LEU C 367 15.22 36.13 -12.85
N TRP C 368 14.15 35.39 -13.08
CA TRP C 368 12.77 35.88 -13.00
C TRP C 368 12.07 35.05 -11.95
N GLN C 369 11.36 35.72 -11.03
CA GLN C 369 10.72 35.07 -9.89
C GLN C 369 9.32 35.64 -9.69
N GLU C 370 8.32 34.78 -9.71
CA GLU C 370 6.94 35.20 -9.61
C GLU C 370 6.26 34.57 -8.42
N ILE C 371 5.05 35.03 -8.13
CA ILE C 371 4.21 34.44 -7.11
C ILE C 371 3.15 33.64 -7.85
N PRO C 372 2.58 32.58 -7.25
CA PRO C 372 1.65 31.74 -8.01
C PRO C 372 0.29 32.40 -8.20
N VAL C 373 0.28 33.61 -8.72
CA VAL C 373 -0.98 34.27 -9.08
C VAL C 373 -1.26 33.95 -10.54
N TRP C 374 -2.52 33.69 -10.84
CA TRP C 374 -2.97 33.43 -12.21
C TRP C 374 -4.49 33.34 -12.18
N GLN C 375 -5.07 33.02 -13.31
CA GLN C 375 -6.51 33.13 -13.48
C GLN C 375 -7.30 32.36 -12.43
N GLY C 376 -6.79 31.23 -11.95
CA GLY C 376 -7.51 30.40 -10.98
C GLY C 376 -7.70 31.04 -9.62
N ILE C 377 -7.03 32.17 -9.37
CA ILE C 377 -7.23 32.90 -8.13
C ILE C 377 -8.55 33.67 -8.20
N ASP C 378 -9.16 33.90 -7.03
CA ASP C 378 -10.43 34.63 -6.97
C ASP C 378 -10.13 36.12 -6.83
N PHE C 379 -10.28 36.88 -7.93
CA PHE C 379 -10.00 38.31 -7.93
C PHE C 379 -11.07 39.12 -7.21
N THR C 380 -12.25 38.53 -7.02
CA THR C 380 -13.24 39.12 -6.14
C THR C 380 -12.65 39.35 -4.75
N ASN C 381 -12.30 38.26 -4.07
CA ASN C 381 -11.98 38.31 -2.65
C ASN C 381 -10.81 39.24 -2.39
N ASN C 382 -11.03 40.18 -1.47
CA ASN C 382 -9.98 41.11 -1.03
C ASN C 382 -9.02 40.48 -0.05
N ASN C 383 -9.46 39.47 0.71
CA ASN C 383 -8.52 38.77 1.58
C ASN C 383 -7.44 38.08 0.76
N THR C 384 -7.79 37.65 -0.45
CA THR C 384 -6.82 37.04 -1.36
C THR C 384 -5.94 38.10 -2.03
N ARG C 385 -6.46 39.31 -2.27
CA ARG C 385 -5.61 40.41 -2.71
C ARG C 385 -4.54 40.73 -1.68
N LYS C 386 -4.92 40.76 -0.38
CA LYS C 386 -3.92 41.00 0.65
C LYS C 386 -2.90 39.87 0.71
N LYS C 387 -3.37 38.62 0.64
CA LYS C 387 -2.46 37.49 0.59
C LYS C 387 -1.51 37.60 -0.59
N ALA C 388 -2.03 38.07 -1.73
CA ALA C 388 -1.16 38.25 -2.88
C ALA C 388 -0.13 39.33 -2.60
N GLN C 389 -0.57 40.50 -2.14
CA GLN C 389 0.36 41.58 -1.84
C GLN C 389 1.34 41.16 -0.77
N ARG C 390 0.87 40.38 0.21
CA ARG C 390 1.74 39.91 1.27
C ARG C 390 2.84 39.02 0.70
N MET C 391 2.46 38.07 -0.17
CA MET C 391 3.43 37.13 -0.70
C MET C 391 4.44 37.82 -1.61
N LEU C 392 3.95 38.72 -2.46
CA LEU C 392 4.83 39.54 -3.30
C LEU C 392 5.89 40.26 -2.47
N SER C 393 5.47 40.85 -1.35
CA SER C 393 6.40 41.57 -0.49
C SER C 393 7.41 40.63 0.17
N GLU C 394 6.95 39.48 0.68
CA GLU C 394 7.90 38.52 1.22
C GLU C 394 8.95 38.15 0.19
N MET C 395 8.51 37.94 -1.06
CA MET C 395 9.44 37.64 -2.15
C MET C 395 10.41 38.79 -2.37
N ILE C 396 9.88 39.98 -2.64
CA ILE C 396 10.74 41.13 -2.93
C ILE C 396 11.68 41.42 -1.78
N LYS C 397 11.18 41.32 -0.55
CA LYS C 397 11.99 41.61 0.63
C LYS C 397 13.14 40.63 0.77
N ARG C 398 12.85 39.32 0.75
CA ARG C 398 13.89 38.32 0.98
C ARG C 398 15.05 38.50 0.00
N ASP C 399 14.75 38.82 -1.25
CA ASP C 399 15.75 38.77 -2.32
C ASP C 399 16.05 40.15 -2.88
N GLN C 400 15.68 41.20 -2.14
CA GLN C 400 15.89 42.57 -2.58
C GLN C 400 17.36 42.84 -2.94
N ASN C 401 18.31 42.15 -2.31
CA ASN C 401 19.73 42.33 -2.58
C ASN C 401 20.28 41.37 -3.64
N ARG C 402 19.43 40.84 -4.52
CA ARG C 402 19.86 39.84 -5.50
C ARG C 402 19.92 40.47 -6.89
N CYS C 403 21.13 40.87 -7.29
CA CYS C 403 21.27 41.48 -8.61
C CYS C 403 20.94 40.50 -9.70
N ALA C 404 21.05 39.19 -9.41
CA ALA C 404 20.63 38.18 -10.37
C ALA C 404 19.15 38.33 -10.70
N VAL C 405 18.33 38.66 -9.70
CA VAL C 405 16.92 38.80 -9.98
C VAL C 405 16.76 40.04 -10.84
N GLY C 406 16.58 39.86 -12.14
CA GLY C 406 16.23 40.94 -13.02
C GLY C 406 14.75 41.11 -13.28
N TYR C 407 13.90 40.22 -12.75
CA TYR C 407 12.47 40.34 -13.01
C TYR C 407 11.67 39.94 -11.77
N TRP C 408 10.51 40.59 -11.59
CA TRP C 408 9.50 40.18 -10.63
C TRP C 408 8.22 39.86 -11.40
N GLY C 409 7.71 38.63 -11.22
CA GLY C 409 6.47 38.23 -11.87
C GLY C 409 5.30 38.36 -10.93
N ILE C 410 4.25 39.04 -11.41
CA ILE C 410 3.06 39.22 -10.58
C ILE C 410 1.95 38.22 -10.91
N ALA C 411 2.00 37.56 -12.07
CA ALA C 411 0.96 36.60 -12.42
C ALA C 411 1.37 35.83 -13.67
N ASN C 412 0.93 34.59 -13.72
CA ASN C 412 0.85 33.87 -14.98
C ASN C 412 -0.52 34.18 -15.58
N GLU C 413 -0.89 33.43 -16.61
CA GLU C 413 -2.04 33.70 -17.46
C GLU C 413 -3.27 34.13 -16.67
N THR C 414 -3.73 35.35 -16.95
CA THR C 414 -4.98 35.91 -16.48
C THR C 414 -5.77 36.37 -17.70
N GLN C 415 -7.03 36.73 -17.47
CA GLN C 415 -7.87 37.26 -18.53
C GLN C 415 -8.38 38.65 -18.16
N PRO C 416 -8.56 39.54 -19.13
CA PRO C 416 -8.91 40.94 -18.82
C PRO C 416 -10.32 41.07 -18.25
N SER C 417 -10.40 41.51 -17.00
CA SER C 417 -11.66 41.70 -16.30
C SER C 417 -11.56 42.96 -15.43
N LYS C 418 -12.68 43.33 -14.82
CA LYS C 418 -12.70 44.47 -13.92
C LYS C 418 -11.77 44.21 -12.74
N ALA C 419 -12.12 43.21 -11.92
CA ALA C 419 -11.33 42.89 -10.73
C ALA C 419 -9.90 42.49 -11.08
N ARG C 420 -9.69 41.91 -12.28
CA ARG C 420 -8.36 41.53 -12.70
C ARG C 420 -7.43 42.73 -12.75
N ASN C 421 -7.82 43.76 -13.50
CA ASN C 421 -6.93 44.90 -13.75
C ASN C 421 -6.59 45.64 -12.46
N GLU C 422 -7.58 45.87 -11.60
CA GLU C 422 -7.30 46.41 -10.28
C GLU C 422 -6.32 45.51 -9.53
N PHE C 423 -6.72 44.26 -9.31
CA PHE C 423 -5.92 43.26 -8.59
C PHE C 423 -4.44 43.30 -8.95
N LEU C 424 -4.15 43.27 -10.26
CA LEU C 424 -2.76 43.25 -10.70
C LEU C 424 -2.10 44.61 -10.54
N THR C 425 -2.84 45.68 -10.82
CA THR C 425 -2.29 47.01 -10.59
C THR C 425 -1.99 47.22 -9.11
N SER C 426 -2.85 46.71 -8.22
CA SER C 426 -2.56 46.79 -6.80
C SER C 426 -1.34 45.98 -6.42
N LEU C 427 -0.93 45.03 -7.26
CA LEU C 427 0.29 44.26 -7.06
C LEU C 427 1.52 45.03 -7.47
N LEU C 428 1.48 45.71 -8.63
CA LEU C 428 2.56 46.60 -8.99
C LEU C 428 2.65 47.75 -7.99
N GLU C 429 1.50 48.29 -7.58
CA GLU C 429 1.47 49.24 -6.47
C GLU C 429 2.30 48.73 -5.31
N THR C 430 1.92 47.57 -4.76
CA THR C 430 2.62 47.02 -3.62
C THR C 430 4.10 46.83 -3.91
N GLY C 431 4.41 46.22 -5.06
CA GLY C 431 5.79 45.93 -5.37
C GLY C 431 6.62 47.18 -5.55
N LYS C 432 6.14 48.11 -6.38
CA LYS C 432 6.95 49.27 -6.72
C LYS C 432 7.26 50.13 -5.49
N GLN C 433 6.35 50.16 -4.52
CA GLN C 433 6.69 50.79 -3.24
C GLN C 433 7.83 50.09 -2.50
N LEU C 434 8.48 49.08 -3.09
CA LEU C 434 9.52 48.33 -2.40
C LEU C 434 10.82 48.26 -3.17
N ASP C 435 10.74 48.33 -4.50
CA ASP C 435 11.91 48.09 -5.34
C ASP C 435 11.55 48.49 -6.75
N THR C 436 12.21 49.52 -7.28
CA THR C 436 12.01 49.90 -8.68
C THR C 436 13.26 49.65 -9.52
N THR C 437 14.25 48.93 -9.00
CA THR C 437 15.43 48.65 -9.82
C THR C 437 15.14 47.62 -10.89
N ARG C 438 14.40 46.58 -10.54
CA ARG C 438 14.07 45.49 -11.45
C ARG C 438 12.75 45.76 -12.16
N LEU C 439 12.40 44.87 -13.07
CA LEU C 439 11.28 45.06 -13.99
C LEU C 439 10.09 44.20 -13.54
N TYR C 440 8.91 44.60 -13.98
CA TYR C 440 7.68 43.89 -13.62
C TYR C 440 7.08 43.32 -14.89
N VAL C 441 7.06 41.99 -14.97
CA VAL C 441 6.55 41.23 -16.09
C VAL C 441 5.35 40.41 -15.60
N ALA C 442 4.47 40.07 -16.54
CA ALA C 442 3.42 39.09 -16.36
C ALA C 442 3.30 38.28 -17.65
N ALA C 443 2.81 37.06 -17.54
CA ALA C 443 2.63 36.20 -18.71
C ALA C 443 1.19 36.26 -19.19
N PHE C 444 1.00 36.02 -20.49
CA PHE C 444 -0.34 36.03 -21.03
C PHE C 444 -0.53 34.86 -21.99
N ASP C 445 -1.77 34.39 -22.10
CA ASP C 445 -2.16 33.32 -23.00
C ASP C 445 -3.16 33.81 -24.05
N LEU C 446 -3.08 35.07 -24.45
CA LEU C 446 -4.17 35.66 -25.22
C LEU C 446 -3.84 35.97 -26.67
N VAL C 447 -2.63 35.65 -27.14
CA VAL C 447 -2.34 35.69 -28.57
C VAL C 447 -3.32 34.80 -29.32
N ARG C 448 -3.99 35.39 -30.30
CA ARG C 448 -5.01 34.71 -31.10
C ARG C 448 -4.67 34.92 -32.58
N PHE C 449 -5.22 34.06 -33.42
CA PHE C 449 -4.95 34.11 -34.86
C PHE C 449 -6.22 34.50 -35.59
N ASN C 450 -6.37 35.80 -35.86
CA ASN C 450 -7.36 36.24 -36.82
C ASN C 450 -6.93 35.82 -38.21
N ARG C 451 -7.87 35.29 -39.00
CA ARG C 451 -7.48 34.78 -40.31
C ARG C 451 -7.24 35.92 -41.29
N GLU C 452 -8.08 36.97 -41.25
CA GLU C 452 -8.09 38.01 -42.26
C GLU C 452 -6.71 38.58 -42.52
N LYS C 453 -5.96 38.88 -41.47
CA LYS C 453 -4.66 39.53 -41.61
C LYS C 453 -3.50 38.54 -41.66
N LYS C 454 -3.79 37.24 -41.50
CA LYS C 454 -2.78 36.17 -41.56
C LYS C 454 -1.62 36.41 -40.59
N ARG C 455 -1.91 36.99 -39.43
CA ARG C 455 -0.89 37.28 -38.43
C ARG C 455 -1.50 37.11 -37.04
N PHE C 456 -0.61 37.10 -36.03
CA PHE C 456 -0.99 36.85 -34.64
C PHE C 456 -1.10 38.16 -33.87
N VAL C 457 -2.32 38.51 -33.46
CA VAL C 457 -2.60 39.78 -32.80
C VAL C 457 -2.57 39.59 -31.29
N MET C 458 -2.86 40.67 -30.56
CA MET C 458 -3.26 40.65 -29.16
C MET C 458 -3.71 42.05 -28.74
N GLU C 459 -4.84 42.12 -28.03
CA GLU C 459 -5.38 43.38 -27.53
C GLU C 459 -5.70 43.23 -26.05
N ASP C 460 -4.86 43.81 -25.19
CA ASP C 460 -5.12 43.85 -23.76
C ASP C 460 -4.61 45.17 -23.19
N SER C 461 -5.53 45.99 -22.69
CA SER C 461 -5.17 47.33 -22.23
C SER C 461 -4.10 47.29 -21.14
N PHE C 462 -4.23 46.35 -20.19
CA PHE C 462 -3.35 46.32 -19.03
C PHE C 462 -1.87 46.26 -19.39
N THR C 463 -1.54 45.74 -20.56
CA THR C 463 -0.13 45.52 -20.91
C THR C 463 0.71 46.78 -20.82
N SER C 464 0.10 47.97 -20.73
CA SER C 464 0.87 49.21 -20.73
C SER C 464 1.67 49.36 -19.44
N GLN C 465 1.11 48.93 -18.31
CA GLN C 465 1.72 49.16 -17.00
C GLN C 465 3.00 48.35 -16.77
N LEU C 466 3.41 47.52 -17.73
CA LEU C 466 4.52 46.59 -17.54
C LEU C 466 5.82 47.18 -18.07
N ASP C 467 6.89 46.42 -17.91
CA ASP C 467 8.16 46.72 -18.56
C ASP C 467 8.46 45.73 -19.67
N VAL C 468 8.40 44.44 -19.39
CA VAL C 468 8.40 43.41 -20.41
C VAL C 468 7.05 42.72 -20.39
N VAL C 469 6.71 42.11 -21.53
CA VAL C 469 5.50 41.34 -21.68
C VAL C 469 5.89 39.93 -22.03
N ALA C 470 5.27 38.97 -21.37
CA ALA C 470 5.57 37.57 -21.58
C ALA C 470 4.36 36.88 -22.17
N VAL C 471 4.58 36.04 -23.17
CA VAL C 471 3.50 35.27 -23.78
C VAL C 471 3.79 33.79 -23.56
N ASN C 472 2.78 33.08 -23.06
CA ASN C 472 2.75 31.62 -23.08
C ASN C 472 1.96 31.19 -24.30
N LYS C 473 2.63 30.53 -25.23
CA LYS C 473 1.96 29.92 -26.36
C LYS C 473 2.64 28.59 -26.65
N TYR C 474 1.84 27.58 -26.97
CA TYR C 474 2.36 26.25 -27.26
C TYR C 474 2.03 25.90 -28.70
N MET C 475 2.72 26.58 -29.62
CA MET C 475 2.53 26.31 -31.03
C MET C 475 2.86 24.85 -31.34
N GLY C 476 1.98 24.20 -32.09
CA GLY C 476 2.16 22.81 -32.40
C GLY C 476 2.04 21.87 -31.22
N TRP C 477 1.64 22.36 -30.04
CA TRP C 477 1.16 21.49 -28.98
C TRP C 477 -0.30 21.83 -28.76
N TYR C 478 -0.64 22.67 -27.77
CA TYR C 478 -2.06 22.98 -27.53
C TYR C 478 -2.70 23.74 -28.69
N HIS C 479 -1.91 24.46 -29.47
CA HIS C 479 -2.44 25.26 -30.56
C HIS C 479 -1.91 24.71 -31.88
N PRO C 480 -2.73 23.98 -32.64
CA PRO C 480 -2.28 23.47 -33.94
C PRO C 480 -1.95 24.61 -34.89
N TRP C 481 -0.77 24.52 -35.52
CA TRP C 481 -0.26 25.50 -36.48
C TRP C 481 -1.31 25.87 -37.51
N PRO C 482 -1.83 27.10 -37.49
CA PRO C 482 -2.89 27.48 -38.43
C PRO C 482 -2.38 27.92 -39.79
N ILE C 483 -1.05 28.14 -39.92
CA ILE C 483 -0.36 28.32 -41.20
C ILE C 483 1.04 27.73 -41.06
N GLU C 484 1.75 27.65 -42.18
CA GLU C 484 3.14 27.23 -42.16
C GLU C 484 3.91 28.02 -41.09
N PRO C 485 4.84 27.37 -40.36
CA PRO C 485 5.61 28.12 -39.36
C PRO C 485 6.33 29.31 -39.98
N GLU C 486 7.15 29.05 -40.99
CA GLU C 486 7.95 30.04 -41.70
C GLU C 486 7.18 31.34 -41.97
N ASN C 487 5.87 31.24 -42.21
CA ASN C 487 5.05 32.39 -42.56
C ASN C 487 4.27 32.96 -41.38
N ALA C 488 4.36 32.36 -40.20
CA ALA C 488 3.48 32.73 -39.08
C ALA C 488 4.11 33.88 -38.31
N VAL C 489 3.46 35.04 -38.32
CA VAL C 489 4.02 36.31 -37.87
C VAL C 489 3.12 36.93 -36.81
N TRP C 490 3.72 37.53 -35.77
CA TRP C 490 2.97 38.13 -34.67
C TRP C 490 3.03 39.66 -34.71
N GLU C 491 1.88 40.29 -34.46
CA GLU C 491 1.82 41.71 -34.14
C GLU C 491 1.36 41.90 -32.70
N VAL C 492 2.06 41.30 -31.76
CA VAL C 492 1.62 41.30 -30.37
C VAL C 492 2.40 42.39 -29.64
N ILE C 493 1.67 43.42 -29.20
CA ILE C 493 2.17 44.53 -28.38
C ILE C 493 3.51 45.02 -28.91
N PRO C 494 3.54 45.78 -30.01
CA PRO C 494 4.82 46.12 -30.64
C PRO C 494 5.64 47.14 -29.87
N ASP C 495 5.10 47.73 -28.81
CA ASP C 495 5.78 48.84 -28.12
C ASP C 495 6.79 48.38 -27.07
N LYS C 496 6.46 47.35 -26.29
CA LYS C 496 7.35 46.84 -25.24
C LYS C 496 8.00 45.53 -25.68
N PRO C 497 9.12 45.13 -25.05
CA PRO C 497 9.77 43.86 -25.44
C PRO C 497 8.88 42.66 -25.15
N LEU C 498 9.26 41.52 -25.74
CA LEU C 498 8.45 40.32 -25.71
C LEU C 498 9.29 39.10 -25.34
N ILE C 499 8.90 38.41 -24.27
CA ILE C 499 9.46 37.13 -23.87
C ILE C 499 8.41 36.04 -24.10
N ILE C 500 8.77 35.02 -24.87
CA ILE C 500 7.98 33.78 -24.94
C ILE C 500 8.41 32.93 -23.74
N SER C 501 7.60 32.95 -22.68
CA SER C 501 7.94 32.32 -21.41
C SER C 501 7.53 30.86 -21.32
N GLU C 502 6.63 30.40 -22.18
CA GLU C 502 6.25 29.01 -22.22
C GLU C 502 5.92 28.64 -23.65
N PHE C 503 6.61 27.61 -24.13
CA PHE C 503 6.27 26.89 -25.34
C PHE C 503 6.92 25.52 -25.19
N GLY C 504 6.51 24.58 -26.02
CA GLY C 504 7.04 23.24 -25.97
C GLY C 504 5.95 22.23 -26.16
N GLY C 505 6.25 20.99 -25.78
CA GLY C 505 5.32 19.88 -25.98
C GLY C 505 5.90 18.63 -25.34
N GLU C 506 5.12 17.57 -25.37
CA GLU C 506 5.41 16.44 -24.48
C GLU C 506 6.09 15.29 -25.22
N ALA C 507 6.90 14.55 -24.48
CA ALA C 507 7.60 13.40 -25.03
C ALA C 507 8.12 12.51 -23.90
N LEU C 508 7.91 11.21 -24.05
CA LEU C 508 8.42 10.23 -23.11
C LEU C 508 9.80 9.81 -23.60
N TYR C 509 10.80 9.93 -22.73
CA TYR C 509 12.13 9.52 -23.10
C TYR C 509 12.13 8.04 -23.45
N GLY C 510 12.74 7.70 -24.58
CA GLY C 510 12.77 6.33 -25.07
C GLY C 510 11.67 5.94 -26.03
N GLN C 511 10.60 6.74 -26.14
CA GLN C 511 9.45 6.40 -26.98
C GLN C 511 9.64 6.96 -28.38
N SER C 512 9.81 6.08 -29.36
CA SER C 512 9.91 6.58 -30.72
C SER C 512 8.52 6.67 -31.35
N GLY C 513 8.43 7.44 -32.42
CA GLY C 513 7.16 7.50 -33.12
C GLY C 513 7.26 8.43 -34.28
N ASP C 514 6.11 8.71 -34.86
CA ASP C 514 5.99 9.52 -36.05
C ASP C 514 6.11 11.00 -35.67
N GLU C 515 7.09 11.69 -36.27
CA GLU C 515 7.33 13.11 -36.03
C GLU C 515 6.20 14.01 -36.51
N ASN C 516 5.17 13.48 -37.17
CA ASN C 516 3.99 14.26 -37.53
C ASN C 516 2.80 13.99 -36.63
N VAL C 517 2.93 13.15 -35.60
CA VAL C 517 1.79 12.76 -34.78
C VAL C 517 2.04 13.22 -33.35
N ALA C 518 1.26 14.22 -32.93
CA ALA C 518 1.35 14.80 -31.58
C ALA C 518 1.25 13.71 -30.50
N SER C 519 0.12 12.98 -30.48
CA SER C 519 -0.19 11.97 -29.44
C SER C 519 0.75 10.76 -29.45
N SER C 520 1.82 10.75 -30.23
CA SER C 520 2.82 9.71 -30.14
C SER C 520 3.66 9.83 -28.86
N TRP C 521 3.56 10.95 -28.16
CA TRP C 521 4.45 11.28 -27.06
C TRP C 521 5.87 10.78 -27.36
N SER C 522 6.41 11.25 -28.48
CA SER C 522 7.71 10.81 -28.97
C SER C 522 8.71 11.95 -28.98
N GLU C 523 9.95 11.61 -28.63
CA GLU C 523 11.07 12.53 -28.77
C GLU C 523 11.18 13.06 -30.20
N GLU C 524 10.73 12.28 -31.19
CA GLU C 524 10.76 12.74 -32.57
C GLU C 524 9.78 13.88 -32.77
N TYR C 525 8.53 13.69 -32.36
CA TYR C 525 7.57 14.78 -32.53
C TYR C 525 7.96 15.99 -31.71
N GLN C 526 8.44 15.78 -30.49
CA GLN C 526 8.79 16.94 -29.67
C GLN C 526 9.86 17.76 -30.38
N ALA C 527 10.95 17.10 -30.80
CA ALA C 527 12.04 17.77 -31.52
C ALA C 527 11.55 18.49 -32.77
N ARG C 528 10.55 17.92 -33.44
CA ARG C 528 9.98 18.62 -34.59
C ARG C 528 9.09 19.79 -34.18
N LEU C 529 8.39 19.67 -33.05
CA LEU C 529 7.69 20.83 -32.51
C LEU C 529 8.68 21.94 -32.18
N TYR C 530 9.85 21.58 -31.68
CA TYR C 530 10.84 22.61 -31.36
C TYR C 530 11.41 23.23 -32.63
N ARG C 531 11.69 22.41 -33.64
CA ARG C 531 12.12 22.95 -34.93
C ARG C 531 11.12 23.95 -35.48
N ASP C 532 9.83 23.59 -35.49
CA ASP C 532 8.83 24.50 -36.04
C ASP C 532 8.78 25.81 -35.25
N ASN C 533 8.96 25.74 -33.93
CA ASN C 533 8.82 26.95 -33.13
C ASN C 533 10.02 27.87 -33.34
N ILE C 534 11.22 27.30 -33.32
CA ILE C 534 12.44 28.07 -33.57
C ILE C 534 12.31 28.85 -34.87
N ARG C 535 11.87 28.18 -35.94
CA ARG C 535 11.66 28.89 -37.19
C ARG C 535 10.54 29.91 -37.12
N MET C 536 9.74 29.91 -36.06
CA MET C 536 8.69 30.92 -35.92
C MET C 536 9.16 32.17 -35.19
N PHE C 537 10.31 32.10 -34.50
CA PHE C 537 10.70 33.22 -33.64
C PHE C 537 11.11 34.43 -34.48
N ASP C 538 11.77 34.21 -35.61
CA ASP C 538 12.18 35.33 -36.47
C ASP C 538 10.98 36.16 -36.93
N ASN C 539 9.82 35.53 -37.04
CA ASN C 539 8.62 36.20 -37.54
C ASN C 539 8.02 37.22 -36.59
N ILE C 540 8.75 37.61 -35.55
CA ILE C 540 8.30 38.69 -34.66
C ILE C 540 9.51 39.52 -34.26
N PRO C 541 9.42 40.86 -34.31
CA PRO C 541 10.62 41.71 -34.17
C PRO C 541 10.98 42.06 -32.72
N ASN C 542 10.07 41.91 -31.77
CA ASN C 542 10.35 42.31 -30.38
C ASN C 542 10.77 41.17 -29.47
N LEU C 543 10.86 39.94 -29.97
CA LEU C 543 11.38 38.88 -29.10
C LEU C 543 12.76 39.23 -28.61
N ARG C 544 12.89 39.51 -27.31
CA ARG C 544 14.20 39.65 -26.71
C ARG C 544 14.53 38.46 -25.80
N GLY C 545 13.69 37.44 -25.78
CA GLY C 545 14.03 36.21 -25.10
C GLY C 545 13.05 35.10 -25.41
N VAL C 546 13.51 33.86 -25.17
CA VAL C 546 12.65 32.68 -25.26
C VAL C 546 12.95 31.78 -24.07
N SER C 547 11.91 31.10 -23.58
CA SER C 547 12.11 30.11 -22.54
C SER C 547 11.24 28.87 -22.77
N PRO C 548 11.86 27.72 -23.00
CA PRO C 548 11.08 26.49 -23.09
C PRO C 548 10.49 26.14 -21.74
N TRP C 549 9.22 25.72 -21.78
CA TRP C 549 8.54 24.94 -20.74
C TRP C 549 8.73 23.49 -21.12
N ILE C 550 9.64 22.77 -20.46
CA ILE C 550 10.29 23.16 -19.21
C ILE C 550 11.59 22.36 -19.23
N LEU C 551 12.51 22.56 -18.29
CA LEU C 551 13.77 21.82 -18.36
C LEU C 551 13.58 20.32 -18.06
N PHE C 552 12.91 19.99 -16.95
CA PHE C 552 12.71 18.61 -16.51
C PHE C 552 11.23 18.26 -16.45
N ASP C 553 10.88 17.01 -16.81
CA ASP C 553 9.55 16.48 -16.50
C ASP C 553 9.26 16.67 -15.01
N PHE C 554 8.04 17.05 -14.70
CA PHE C 554 7.66 17.31 -13.32
C PHE C 554 6.28 16.72 -13.01
N ARG C 555 6.00 16.61 -11.72
CA ARG C 555 4.76 16.00 -11.24
C ARG C 555 3.60 16.98 -11.34
N SER C 556 2.51 16.53 -11.96
CA SER C 556 1.26 17.27 -12.00
C SER C 556 0.07 16.32 -11.90
N PRO C 557 -0.88 16.58 -11.01
CA PRO C 557 -1.96 15.62 -10.73
C PRO C 557 -3.05 15.51 -11.80
N PHE C 558 -3.01 16.26 -12.90
CA PHE C 558 -3.97 16.02 -13.96
C PHE C 558 -3.29 15.60 -15.26
N ARG C 559 -2.05 15.17 -15.18
CA ARG C 559 -1.41 14.51 -16.30
C ARG C 559 -1.72 13.02 -16.19
N PHE C 560 -2.96 12.68 -16.59
CA PHE C 560 -3.56 11.40 -16.28
C PHE C 560 -3.12 10.26 -17.21
N HIS C 561 -2.50 10.54 -18.36
CA HIS C 561 -2.37 9.46 -19.34
C HIS C 561 -1.54 8.32 -18.74
N PRO C 562 -2.13 7.14 -18.55
CA PRO C 562 -1.47 6.10 -17.74
C PRO C 562 -0.11 5.67 -18.26
N THR C 563 0.09 5.58 -19.58
CA THR C 563 1.37 5.11 -20.09
C THR C 563 2.26 6.22 -20.65
N ASN C 564 1.69 7.37 -21.04
CA ASN C 564 2.53 8.45 -21.55
C ASN C 564 2.96 9.42 -20.46
N GLN C 565 2.07 9.69 -19.52
CA GLN C 565 2.29 10.70 -18.49
C GLN C 565 2.56 10.06 -17.13
N ASP C 566 1.54 9.37 -16.58
CA ASP C 566 1.70 8.61 -15.33
C ASP C 566 1.93 9.57 -14.19
N GLY C 567 1.25 10.72 -14.23
CA GLY C 567 1.46 11.80 -13.30
C GLY C 567 2.55 12.81 -13.68
N TRP C 568 3.23 12.64 -14.81
CA TRP C 568 4.24 13.58 -15.21
C TRP C 568 3.76 14.49 -16.34
N ASN C 569 4.10 15.77 -16.25
CA ASN C 569 4.06 16.72 -17.37
C ASN C 569 5.31 16.46 -18.25
N ARG C 570 5.14 15.75 -19.37
CA ARG C 570 6.31 15.29 -20.12
C ARG C 570 6.89 16.34 -21.07
N LYS C 571 6.63 17.64 -20.83
CA LYS C 571 7.15 18.75 -21.64
C LYS C 571 8.61 19.05 -21.38
N GLY C 572 9.23 18.42 -20.39
CA GLY C 572 10.60 18.75 -20.10
C GLY C 572 11.51 18.38 -21.25
N LEU C 573 12.65 19.05 -21.32
CA LEU C 573 13.70 18.62 -22.24
C LEU C 573 14.51 17.50 -21.63
N VAL C 574 14.43 17.34 -20.31
CA VAL C 574 15.03 16.20 -19.61
C VAL C 574 13.91 15.39 -18.98
N SER C 575 14.00 14.06 -19.13
CA SER C 575 13.04 13.13 -18.56
C SER C 575 13.15 13.08 -17.04
N ASP C 576 12.18 12.42 -16.40
CA ASP C 576 12.15 12.35 -14.94
C ASP C 576 13.32 11.58 -14.38
N GLN C 577 14.05 10.86 -15.23
CA GLN C 577 15.22 10.09 -14.86
C GLN C 577 16.53 10.83 -15.12
N GLY C 578 16.48 12.07 -15.58
CA GLY C 578 17.68 12.85 -15.74
C GLY C 578 18.31 12.87 -17.11
N ILE C 579 17.67 12.26 -18.12
CA ILE C 579 18.29 12.01 -19.41
C ILE C 579 17.69 12.92 -20.47
N ARG C 580 18.56 13.50 -21.30
CA ARG C 580 18.18 14.58 -22.22
C ARG C 580 17.50 14.03 -23.46
N LYS C 581 16.39 14.66 -23.82
CA LYS C 581 15.59 14.30 -24.97
C LYS C 581 16.16 14.93 -26.23
N LYS C 582 15.67 14.49 -27.38
CA LYS C 582 16.18 15.03 -28.64
C LYS C 582 15.98 16.53 -28.73
N ALA C 583 14.92 17.07 -28.13
CA ALA C 583 14.69 18.51 -28.23
C ALA C 583 15.76 19.31 -27.50
N TRP C 584 16.35 18.72 -26.46
CA TRP C 584 17.35 19.41 -25.68
C TRP C 584 18.53 19.82 -26.56
N TYR C 585 19.06 18.89 -27.36
CA TYR C 585 20.21 19.22 -28.20
C TYR C 585 19.88 20.28 -29.24
N LEU C 586 18.63 20.33 -29.70
CA LEU C 586 18.24 21.42 -30.58
C LEU C 586 18.33 22.76 -29.86
N MET C 587 17.81 22.83 -28.63
CA MET C 587 17.83 24.10 -27.92
C MET C 587 19.25 24.52 -27.55
N ARG C 588 20.12 23.55 -27.25
CA ARG C 588 21.52 23.88 -27.05
C ARG C 588 22.08 24.63 -28.26
N GLU C 589 21.82 24.12 -29.47
CA GLU C 589 22.35 24.74 -30.68
C GLU C 589 21.76 26.12 -30.93
N TYR C 590 20.47 26.30 -30.65
CA TYR C 590 19.84 27.61 -30.83
C TYR C 590 20.47 28.65 -29.91
N TYR C 591 20.80 28.24 -28.68
CA TYR C 591 21.31 29.19 -27.69
C TYR C 591 22.79 29.48 -27.92
N LYS C 592 23.52 28.50 -28.45
CA LYS C 592 24.92 28.71 -28.82
C LYS C 592 25.08 29.89 -29.77
N THR C 593 24.06 30.17 -30.57
CA THR C 593 24.11 31.27 -31.52
C THR C 593 23.44 32.53 -30.96
N LYS C 594 23.91 32.94 -29.78
CA LYS C 594 23.69 34.29 -29.25
C LYS C 594 24.49 34.46 -27.98
N ASN D 26 36.09 -6.17 -27.55
CA ASN D 26 35.35 -4.97 -27.13
C ASN D 26 35.95 -3.65 -27.65
N ILE D 27 35.08 -2.67 -27.89
CA ILE D 27 35.41 -1.44 -28.64
C ILE D 27 35.56 -0.27 -27.68
N THR D 28 36.54 0.60 -27.95
CA THR D 28 36.89 1.72 -27.08
C THR D 28 36.10 2.97 -27.42
N ASN D 29 36.05 3.91 -26.46
CA ASN D 29 35.36 5.19 -26.52
C ASN D 29 34.00 5.09 -27.19
N VAL D 30 33.05 4.40 -26.54
CA VAL D 30 31.77 4.09 -27.19
C VAL D 30 31.03 5.37 -27.55
N TYR D 31 31.07 6.38 -26.70
CA TYR D 31 30.35 7.62 -26.99
C TYR D 31 31.01 8.46 -28.08
N GLY D 32 32.07 7.96 -28.72
CA GLY D 32 32.63 8.56 -29.91
C GLY D 32 32.14 7.97 -31.22
N ARG D 33 31.17 7.06 -31.17
CA ARG D 33 30.73 6.31 -32.34
C ARG D 33 29.33 6.74 -32.76
N ASP D 34 28.94 6.29 -33.96
CA ASP D 34 27.55 6.40 -34.39
C ASP D 34 26.68 5.55 -33.48
N ILE D 35 26.18 6.14 -32.39
CA ILE D 35 25.49 5.40 -31.34
C ILE D 35 24.02 5.79 -31.33
N ARG D 36 23.18 4.84 -30.91
CA ARG D 36 21.78 5.13 -30.68
C ARG D 36 21.33 4.46 -29.38
N SER D 37 20.40 5.10 -28.69
CA SER D 37 19.99 4.67 -27.36
C SER D 37 18.79 3.73 -27.44
N LEU D 38 18.88 2.61 -26.71
CA LEU D 38 17.73 1.79 -26.42
C LEU D 38 17.20 2.03 -25.01
N ASN D 39 17.76 3.00 -24.31
CA ASN D 39 17.24 3.40 -23.01
C ASN D 39 15.75 3.76 -23.14
N GLY D 40 15.06 3.72 -22.01
CA GLY D 40 13.64 3.97 -21.92
C GLY D 40 13.00 2.96 -21.00
N LYS D 41 11.67 2.85 -21.15
CA LYS D 41 10.84 2.00 -20.32
C LYS D 41 10.69 0.62 -20.95
N TRP D 42 11.32 -0.38 -20.33
CA TRP D 42 11.26 -1.76 -20.80
C TRP D 42 10.25 -2.53 -19.98
N ASN D 43 9.49 -3.37 -20.68
CA ASN D 43 8.56 -4.29 -20.05
C ASN D 43 9.31 -5.30 -19.21
N ALA D 44 8.67 -5.76 -18.14
CA ALA D 44 9.44 -6.49 -17.14
C ALA D 44 8.57 -7.54 -16.45
N ILE D 45 9.18 -8.68 -16.16
CA ILE D 45 8.51 -9.79 -15.48
C ILE D 45 9.43 -10.27 -14.36
N ILE D 46 8.96 -10.19 -13.12
CA ILE D 46 9.67 -10.75 -11.98
C ILE D 46 9.48 -12.26 -11.99
N ASP D 47 10.59 -13.00 -11.85
CA ASP D 47 10.62 -14.45 -12.08
C ASP D 47 11.32 -15.07 -10.88
N LEU D 48 10.60 -15.11 -9.76
CA LEU D 48 11.20 -15.51 -8.48
C LEU D 48 11.77 -16.92 -8.54
N TYR D 49 11.06 -17.88 -9.14
CA TYR D 49 11.53 -19.27 -9.12
C TYR D 49 12.32 -19.67 -10.36
N ASP D 50 12.78 -18.70 -11.15
CA ASP D 50 13.49 -18.94 -12.41
C ASP D 50 12.80 -19.98 -13.31
N GLN D 51 11.54 -19.68 -13.66
CA GLN D 51 10.77 -20.52 -14.58
C GLN D 51 10.69 -19.94 -15.99
N GLY D 52 11.11 -18.70 -16.20
CA GLY D 52 10.94 -18.06 -17.49
C GLY D 52 11.78 -18.67 -18.60
N ARG D 53 12.99 -19.16 -18.28
CA ARG D 53 13.80 -19.79 -19.33
C ARG D 53 13.15 -21.08 -19.84
N GLY D 54 12.73 -21.96 -18.93
CA GLY D 54 12.02 -23.15 -19.35
C GLY D 54 10.76 -22.83 -20.11
N MET D 55 10.11 -21.72 -19.76
CA MET D 55 8.91 -21.32 -20.47
C MET D 55 9.21 -20.64 -21.81
N LYS D 56 10.49 -20.48 -22.14
CA LYS D 56 10.90 -19.76 -23.35
C LYS D 56 10.13 -18.45 -23.51
N VAL D 57 10.13 -17.64 -22.45
CA VAL D 57 9.41 -16.37 -22.51
C VAL D 57 10.10 -15.44 -23.48
N TYR D 58 11.41 -15.59 -23.68
CA TYR D 58 12.12 -14.83 -24.70
C TYR D 58 11.49 -14.99 -26.08
N ARG D 59 10.66 -16.01 -26.30
CA ARG D 59 10.06 -16.16 -27.63
C ARG D 59 8.88 -15.24 -27.87
N ASN D 60 8.29 -14.64 -26.83
CA ASN D 60 7.23 -13.64 -27.01
C ASN D 60 5.98 -14.20 -27.71
N GLN D 61 5.64 -15.47 -27.43
CA GLN D 61 4.51 -16.12 -28.07
C GLN D 61 3.16 -15.58 -27.58
N SER D 62 2.20 -15.58 -28.49
CA SER D 62 0.83 -15.16 -28.27
C SER D 62 -0.10 -16.26 -28.75
N PRO D 63 -1.24 -16.43 -28.08
CA PRO D 63 -2.20 -17.46 -28.51
C PRO D 63 -2.70 -17.18 -29.92
N LYS D 64 -2.58 -18.18 -30.78
CA LYS D 64 -2.99 -18.04 -32.18
C LYS D 64 -4.35 -18.64 -32.46
N GLY D 65 -4.66 -19.85 -31.97
CA GLY D 65 -5.98 -20.44 -32.13
C GLY D 65 -6.86 -20.47 -30.89
N ASN D 66 -7.55 -21.59 -30.67
CA ASN D 66 -8.59 -21.77 -29.65
C ASN D 66 -8.13 -22.55 -28.42
N THR D 67 -7.11 -23.38 -28.56
CA THR D 67 -6.58 -24.19 -27.48
C THR D 67 -5.23 -23.68 -27.00
N ASP D 68 -4.57 -22.84 -27.78
CA ASP D 68 -3.47 -21.97 -27.35
C ASP D 68 -3.72 -21.31 -26.02
N PHE D 69 -2.69 -21.30 -25.16
CA PHE D 69 -2.51 -20.18 -24.25
C PHE D 69 -1.08 -20.12 -23.73
N TYR D 70 -0.65 -18.91 -23.39
CA TYR D 70 0.67 -18.63 -22.84
C TYR D 70 0.52 -17.80 -21.56
N GLU D 71 1.19 -18.23 -20.50
CA GLU D 71 1.10 -17.65 -19.14
C GLU D 71 2.14 -16.58 -18.89
N TYR D 72 2.36 -15.72 -19.87
CA TYR D 72 3.26 -14.58 -19.73
C TYR D 72 2.88 -13.58 -20.82
N SER D 73 3.37 -12.36 -20.66
CA SER D 73 3.33 -11.40 -21.76
C SER D 73 4.24 -10.24 -21.44
N PHE D 74 4.78 -9.59 -22.46
CA PHE D 74 5.56 -8.39 -22.23
C PHE D 74 4.82 -7.11 -22.60
N GLN D 75 3.49 -7.11 -22.47
CA GLN D 75 2.65 -5.93 -22.68
C GLN D 75 1.71 -5.78 -21.49
N GLY D 76 1.39 -4.53 -21.13
CA GLY D 76 0.36 -4.22 -20.16
C GLY D 76 0.73 -4.39 -18.70
N GLY D 77 1.96 -4.70 -18.38
CA GLY D 77 2.30 -4.97 -17.01
C GLY D 77 3.27 -3.98 -16.41
N LEU D 78 4.20 -4.46 -15.59
CA LEU D 78 5.18 -3.58 -15.01
C LEU D 78 6.20 -3.14 -16.07
N ARG D 79 6.49 -1.84 -16.14
CA ARG D 79 7.61 -1.33 -16.92
C ARG D 79 8.66 -0.78 -15.97
N LEU D 80 9.91 -1.16 -16.18
CA LEU D 80 11.05 -0.66 -15.42
C LEU D 80 11.88 0.28 -16.29
N ASN D 81 12.51 1.28 -15.66
CA ASN D 81 13.32 2.24 -16.38
C ASN D 81 14.70 1.68 -16.70
N VAL D 82 15.17 1.94 -17.90
CA VAL D 82 16.53 1.56 -18.26
C VAL D 82 17.23 2.82 -18.75
N PRO D 83 18.38 3.19 -18.18
CA PRO D 83 19.09 2.42 -17.14
C PRO D 83 18.59 2.63 -15.71
N GLY D 84 19.10 1.82 -14.80
CA GLY D 84 18.85 1.95 -13.38
C GLY D 84 18.77 0.58 -12.74
N ASP D 85 19.02 0.53 -11.45
CA ASP D 85 18.67 -0.64 -10.65
C ASP D 85 17.16 -0.82 -10.59
N TRP D 86 16.71 -2.06 -10.39
CA TRP D 86 15.30 -2.29 -10.13
C TRP D 86 14.89 -2.04 -8.69
N ASN D 87 15.82 -2.13 -7.74
CA ASN D 87 15.46 -2.13 -6.34
C ASN D 87 14.71 -0.87 -5.94
N SER D 88 15.04 0.26 -6.55
CA SER D 88 14.43 1.53 -6.14
C SER D 88 13.15 1.85 -6.89
N GLN D 89 12.76 1.05 -7.86
CA GLN D 89 11.68 1.54 -8.69
C GLN D 89 10.30 1.21 -8.15
N THR D 90 10.18 0.22 -7.27
CA THR D 90 8.94 -0.14 -6.60
C THR D 90 9.29 -0.84 -5.30
N PRO D 91 8.50 -0.64 -4.23
CA PRO D 91 8.94 -1.20 -2.95
C PRO D 91 9.09 -2.71 -2.96
N GLU D 92 8.23 -3.42 -3.70
CA GLU D 92 8.35 -4.88 -3.79
C GLU D 92 9.72 -5.32 -4.27
N LEU D 93 10.45 -4.48 -4.98
CA LEU D 93 11.75 -4.85 -5.51
C LEU D 93 12.91 -4.40 -4.65
N LYS D 94 12.65 -3.70 -3.55
CA LYS D 94 13.74 -3.22 -2.71
C LYS D 94 14.66 -4.37 -2.29
N TYR D 95 14.08 -5.46 -1.80
CA TYR D 95 14.85 -6.56 -1.23
C TYR D 95 15.00 -7.73 -2.20
N TYR D 96 14.68 -7.52 -3.47
CA TYR D 96 14.46 -8.64 -4.37
C TYR D 96 15.76 -9.17 -4.95
N GLU D 97 15.88 -10.50 -4.93
CA GLU D 97 17.05 -11.21 -5.43
C GLU D 97 16.58 -12.36 -6.28
N GLY D 98 17.07 -12.42 -7.49
CA GLY D 98 16.67 -13.44 -8.43
C GLY D 98 16.68 -12.88 -9.85
N THR D 99 15.69 -13.30 -10.62
CA THR D 99 15.65 -13.04 -12.04
C THR D 99 14.52 -12.08 -12.37
N VAL D 100 14.85 -11.01 -13.09
CA VAL D 100 13.88 -10.13 -13.71
C VAL D 100 14.18 -10.13 -15.19
N TRP D 101 13.17 -10.48 -16.00
CA TRP D 101 13.26 -10.38 -17.45
C TRP D 101 12.91 -8.96 -17.90
N TYR D 102 13.74 -8.39 -18.78
CA TYR D 102 13.51 -7.08 -19.39
C TYR D 102 13.31 -7.28 -20.88
N ALA D 103 12.45 -6.46 -21.50
CA ALA D 103 12.17 -6.68 -22.91
C ALA D 103 11.55 -5.43 -23.54
N ARG D 104 11.82 -5.23 -24.82
CA ARG D 104 11.24 -4.14 -25.58
C ARG D 104 11.37 -4.43 -27.08
N HIS D 105 10.59 -3.70 -27.86
CA HIS D 105 10.72 -3.71 -29.31
C HIS D 105 11.52 -2.49 -29.78
N PHE D 106 12.20 -2.62 -30.91
CA PHE D 106 12.86 -1.46 -31.50
C PHE D 106 13.01 -1.68 -32.99
N ASP D 107 12.89 -0.61 -33.76
CA ASP D 107 13.12 -0.69 -35.19
C ASP D 107 14.60 -0.69 -35.49
N ALA D 108 14.98 -1.42 -36.54
CA ALA D 108 16.34 -1.40 -37.04
C ALA D 108 16.34 -1.25 -38.56
N LYS D 109 17.48 -0.78 -39.07
CA LYS D 109 17.81 -0.82 -40.48
C LYS D 109 18.92 -1.84 -40.69
N ARG D 110 18.68 -2.82 -41.56
CA ARG D 110 19.75 -3.69 -42.04
C ARG D 110 20.58 -2.93 -43.05
N LEU D 111 21.89 -2.82 -42.81
CA LEU D 111 22.75 -1.93 -43.59
C LEU D 111 23.72 -2.76 -44.43
N THR D 112 23.69 -2.54 -45.74
CA THR D 112 24.55 -3.28 -46.66
C THR D 112 26.03 -3.11 -46.32
N HIS D 113 26.38 -1.98 -45.71
CA HIS D 113 27.73 -1.45 -45.73
C HIS D 113 28.38 -1.38 -44.36
N LYS D 114 27.62 -1.46 -43.28
CA LYS D 114 28.16 -1.22 -41.96
C LYS D 114 27.80 -2.38 -41.06
N ARG D 115 28.33 -2.33 -39.84
CA ARG D 115 28.06 -3.31 -38.81
C ARG D 115 27.36 -2.63 -37.64
N GLN D 116 26.70 -3.43 -36.81
CA GLN D 116 25.90 -2.93 -35.69
C GLN D 116 26.08 -3.86 -34.50
N PHE D 117 26.44 -3.28 -33.36
CA PHE D 117 26.65 -4.02 -32.13
C PHE D 117 25.68 -3.54 -31.05
N LEU D 118 25.34 -4.45 -30.15
CA LEU D 118 24.62 -4.09 -28.94
C LEU D 118 25.65 -3.86 -27.83
N TYR D 119 25.63 -2.68 -27.26
CA TYR D 119 26.60 -2.29 -26.24
C TYR D 119 25.88 -1.98 -24.94
N PHE D 120 26.37 -2.56 -23.84
CA PHE D 120 25.74 -2.50 -22.53
C PHE D 120 26.73 -1.88 -21.54
N GLY D 121 26.43 -0.67 -21.08
CA GLY D 121 27.28 -0.05 -20.08
C GLY D 121 27.55 -0.94 -18.86
N ALA D 122 26.54 -1.67 -18.41
CA ALA D 122 26.64 -2.68 -17.36
C ALA D 122 25.27 -3.31 -17.18
N VAL D 123 25.27 -4.54 -16.67
CA VAL D 123 24.07 -5.30 -16.30
C VAL D 123 24.45 -6.13 -15.09
N SER D 124 23.87 -5.81 -13.92
CA SER D 124 24.24 -6.42 -12.65
C SER D 124 23.19 -7.46 -12.28
N TYR D 125 23.61 -8.70 -12.06
CA TYR D 125 25.01 -9.09 -12.04
C TYR D 125 25.37 -9.95 -13.24
N ARG D 126 24.53 -10.94 -13.53
CA ARG D 126 24.69 -11.87 -14.65
C ARG D 126 23.47 -11.78 -15.56
N CYS D 127 23.66 -12.06 -16.85
CA CYS D 127 22.52 -11.92 -17.74
C CYS D 127 22.68 -12.83 -18.96
N ARG D 128 21.54 -13.07 -19.62
CA ARG D 128 21.54 -13.68 -20.93
C ARG D 128 20.67 -12.82 -21.83
N VAL D 129 21.20 -12.47 -22.99
CA VAL D 129 20.51 -11.61 -23.93
C VAL D 129 19.90 -12.46 -25.04
N TYR D 130 18.70 -12.10 -25.46
CA TYR D 130 17.97 -12.85 -26.47
C TYR D 130 17.44 -11.86 -27.49
N LEU D 131 17.64 -12.14 -28.77
CA LEU D 131 17.06 -11.36 -29.85
C LEU D 131 16.21 -12.27 -30.72
N ASN D 132 15.01 -11.80 -31.06
CA ASN D 132 14.10 -12.46 -32.01
C ASN D 132 13.88 -13.94 -31.67
N GLY D 133 13.85 -14.25 -30.38
CA GLY D 133 13.56 -15.59 -29.91
C GLY D 133 14.75 -16.49 -29.70
N ALA D 134 15.98 -15.97 -29.85
CA ALA D 134 17.17 -16.79 -29.74
C ALA D 134 18.24 -16.07 -28.92
N GLU D 135 18.95 -16.84 -28.09
CA GLU D 135 20.03 -16.30 -27.29
C GLU D 135 21.22 -15.93 -28.17
N ILE D 136 21.88 -14.84 -27.82
CA ILE D 136 22.90 -14.25 -28.69
C ILE D 136 24.15 -13.93 -27.89
N GLY D 137 24.05 -14.04 -26.57
CA GLY D 137 25.18 -13.70 -25.74
C GLY D 137 24.77 -13.74 -24.28
N SER D 138 25.75 -13.42 -23.43
CA SER D 138 25.60 -13.47 -21.99
C SER D 138 26.74 -12.67 -21.39
N HIS D 139 26.68 -12.49 -20.07
CA HIS D 139 27.74 -11.78 -19.36
C HIS D 139 27.58 -12.05 -17.88
N GLU D 140 28.69 -11.83 -17.15
CA GLU D 140 28.74 -11.89 -15.69
C GLU D 140 29.76 -10.85 -15.23
N GLY D 141 29.36 -10.03 -14.26
CA GLY D 141 30.10 -8.84 -13.92
C GLY D 141 29.20 -7.63 -14.03
N GLY D 142 28.78 -7.09 -12.90
CA GLY D 142 27.73 -6.09 -12.89
C GLY D 142 28.20 -4.67 -13.03
N PHE D 143 29.51 -4.47 -13.18
CA PHE D 143 30.10 -3.15 -13.18
C PHE D 143 30.95 -2.87 -14.41
N THR D 144 31.01 -3.76 -15.39
CA THR D 144 31.81 -3.59 -16.59
C THR D 144 30.99 -3.83 -17.85
N PRO D 145 31.35 -3.20 -18.95
CA PRO D 145 30.58 -3.34 -20.20
C PRO D 145 30.91 -4.61 -20.97
N PHE D 146 30.03 -4.90 -21.92
CA PHE D 146 30.22 -5.98 -22.87
C PHE D 146 29.42 -5.64 -24.12
N GLN D 147 29.56 -6.46 -25.15
CA GLN D 147 28.88 -6.22 -26.41
C GLN D 147 28.65 -7.55 -27.12
N ILE D 148 27.74 -7.50 -28.09
CA ILE D 148 27.41 -8.63 -28.94
C ILE D 148 27.15 -8.07 -30.32
N GLU D 149 27.89 -8.55 -31.33
CA GLU D 149 27.65 -8.04 -32.67
C GLU D 149 26.31 -8.55 -33.17
N VAL D 150 25.58 -7.69 -33.87
CA VAL D 150 24.19 -7.91 -34.20
C VAL D 150 23.90 -7.73 -35.68
N THR D 151 24.93 -7.43 -36.50
CA THR D 151 24.75 -7.06 -37.91
C THR D 151 24.01 -8.14 -38.69
N ASP D 152 24.37 -9.41 -38.45
CA ASP D 152 23.77 -10.50 -39.19
C ASP D 152 22.58 -11.10 -38.47
N LEU D 153 22.06 -10.40 -37.46
CA LEU D 153 20.95 -10.88 -36.65
C LEU D 153 19.73 -9.96 -36.71
N LEU D 154 19.90 -8.66 -36.93
CA LEU D 154 18.75 -7.77 -36.95
C LEU D 154 17.78 -8.13 -38.09
N ASN D 155 16.50 -8.06 -37.81
CA ASN D 155 15.53 -8.07 -38.89
C ASN D 155 15.48 -6.69 -39.52
N GLU D 156 14.80 -6.60 -40.66
CA GLU D 156 14.48 -5.31 -41.24
C GLU D 156 13.18 -4.86 -40.59
N GLY D 157 13.22 -3.70 -39.94
CA GLY D 157 12.08 -3.25 -39.17
C GLY D 157 12.11 -3.76 -37.74
N GLU D 158 11.01 -4.38 -37.33
CA GLU D 158 10.74 -4.62 -35.92
C GLU D 158 11.64 -5.73 -35.36
N ASN D 159 12.30 -5.44 -34.25
CA ASN D 159 13.06 -6.44 -33.51
C ASN D 159 12.56 -6.52 -32.08
N PHE D 160 12.97 -7.57 -31.38
CA PHE D 160 12.51 -7.84 -30.03
C PHE D 160 13.68 -8.36 -29.20
N ILE D 161 14.03 -7.62 -28.17
CA ILE D 161 15.13 -7.98 -27.28
C ILE D 161 14.51 -8.43 -25.96
N ALA D 162 15.17 -9.39 -25.32
CA ALA D 162 14.80 -9.90 -24.01
C ALA D 162 16.09 -10.24 -23.29
N ILE D 163 16.17 -9.88 -22.00
CA ILE D 163 17.37 -10.04 -21.18
C ILE D 163 16.97 -10.63 -19.82
N GLU D 164 17.34 -11.89 -19.59
CA GLU D 164 17.39 -12.47 -18.25
C GLU D 164 18.40 -11.69 -17.43
N VAL D 165 17.98 -11.02 -16.36
CA VAL D 165 18.93 -10.31 -15.50
C VAL D 165 18.86 -10.90 -14.10
N ASN D 166 20.01 -11.30 -13.55
CA ASN D 166 20.03 -12.08 -12.32
C ASN D 166 21.05 -11.51 -11.32
N ASN D 167 20.66 -11.52 -10.04
CA ASN D 167 21.49 -11.00 -8.96
C ASN D 167 21.55 -11.96 -7.76
N ARG D 168 21.24 -13.24 -7.97
CA ARG D 168 21.46 -14.25 -6.94
C ARG D 168 22.93 -14.26 -6.52
N ARG D 169 23.16 -14.04 -5.23
CA ARG D 169 24.49 -14.11 -4.63
C ARG D 169 24.97 -15.56 -4.52
N THR D 170 26.18 -15.82 -5.03
CA THR D 170 26.82 -17.13 -4.98
C THR D 170 28.23 -16.97 -4.42
N LYS D 171 28.87 -18.10 -4.07
CA LYS D 171 30.20 -18.05 -3.45
C LYS D 171 31.31 -17.77 -4.46
N ASP D 172 31.11 -18.13 -5.73
CA ASP D 172 32.12 -17.96 -6.77
C ASP D 172 32.05 -16.61 -7.48
N ALA D 173 31.03 -15.81 -7.21
CA ALA D 173 30.89 -14.52 -7.87
C ALA D 173 31.85 -13.51 -7.27
N ILE D 174 31.82 -12.31 -7.82
CA ILE D 174 32.69 -11.24 -7.35
C ILE D 174 31.86 -9.97 -7.35
N PRO D 175 31.35 -9.52 -6.18
CA PRO D 175 31.51 -10.13 -4.86
C PRO D 175 30.68 -11.40 -4.63
N ALA D 176 31.01 -12.09 -3.53
CA ALA D 176 30.37 -13.35 -3.17
C ALA D 176 29.21 -13.10 -2.21
N MET D 177 28.97 -14.05 -1.28
CA MET D 177 27.75 -14.02 -0.48
C MET D 177 27.57 -12.70 0.24
N SER D 178 28.62 -12.18 0.85
CA SER D 178 28.53 -10.92 1.57
C SER D 178 29.46 -9.86 0.99
N PHE D 179 29.03 -8.63 1.15
CA PHE D 179 29.71 -7.41 0.74
C PHE D 179 28.91 -6.24 1.29
N ASP D 180 29.58 -5.14 1.55
CA ASP D 180 28.97 -4.06 2.33
C ASP D 180 28.37 -2.99 1.42
N TRP D 181 27.37 -3.39 0.63
CA TRP D 181 26.57 -2.48 -0.19
C TRP D 181 25.36 -3.22 -0.73
N TRP D 182 24.38 -2.46 -1.20
CA TRP D 182 23.08 -3.04 -1.51
C TRP D 182 23.14 -3.82 -2.81
N ASN D 183 22.54 -5.01 -2.83
CA ASN D 183 22.64 -5.89 -4.00
C ASN D 183 21.70 -5.42 -5.11
N TYR D 184 22.10 -4.35 -5.78
CA TYR D 184 21.33 -3.83 -6.89
C TYR D 184 21.38 -4.77 -8.07
N GLY D 185 20.24 -4.88 -8.77
CA GLY D 185 20.16 -5.62 -9.99
C GLY D 185 19.60 -4.77 -11.11
N GLY D 186 19.77 -5.25 -12.34
CA GLY D 186 19.12 -4.65 -13.49
C GLY D 186 20.12 -4.15 -14.52
N ILE D 187 19.59 -3.47 -15.51
CA ILE D 187 20.36 -2.83 -16.57
C ILE D 187 20.77 -1.47 -16.01
N THR D 188 21.89 -1.44 -15.31
CA THR D 188 22.20 -0.30 -14.46
C THR D 188 22.80 0.86 -15.24
N ARG D 189 23.16 0.65 -16.51
CA ARG D 189 23.81 1.66 -17.33
C ARG D 189 23.21 1.60 -18.74
N ASP D 190 23.74 2.40 -19.65
CA ASP D 190 23.11 2.59 -20.95
C ASP D 190 23.10 1.32 -21.77
N VAL D 191 22.13 1.22 -22.68
CA VAL D 191 22.17 0.22 -23.73
C VAL D 191 22.14 0.94 -25.06
N LEU D 192 23.15 0.68 -25.88
CA LEU D 192 23.36 1.43 -27.11
C LEU D 192 23.35 0.49 -28.30
N LEU D 193 22.82 0.99 -29.43
CA LEU D 193 23.04 0.38 -30.74
C LEU D 193 24.13 1.17 -31.46
N VAL D 194 25.29 0.55 -31.62
CA VAL D 194 26.47 1.22 -32.18
C VAL D 194 26.59 0.86 -33.66
N THR D 195 26.60 1.86 -34.52
CA THR D 195 26.77 1.65 -35.95
C THR D 195 28.21 1.92 -36.34
N THR D 196 28.81 0.97 -37.05
CA THR D 196 30.23 0.97 -37.28
C THR D 196 30.53 0.50 -38.70
N PRO D 197 31.56 1.06 -39.36
CA PRO D 197 31.86 0.65 -40.74
C PRO D 197 32.35 -0.80 -40.79
N GLN D 198 32.52 -1.30 -42.01
CA GLN D 198 32.92 -2.69 -42.20
C GLN D 198 34.28 -2.96 -41.57
N THR D 199 35.24 -2.07 -41.79
CA THR D 199 36.52 -2.12 -41.10
C THR D 199 36.57 -0.90 -40.18
N TYR D 200 37.11 -1.07 -38.98
CA TYR D 200 37.01 0.04 -38.05
C TYR D 200 38.10 0.01 -36.98
N LEU D 201 38.51 1.20 -36.55
CA LEU D 201 39.38 1.36 -35.40
C LEU D 201 38.71 0.75 -34.17
N GLU D 202 39.48 -0.04 -33.40
CA GLU D 202 38.90 -0.80 -32.28
C GLU D 202 39.48 -0.46 -30.91
N ASP D 203 40.78 -0.15 -30.80
CA ASP D 203 41.42 0.01 -29.49
C ASP D 203 42.55 1.02 -29.62
N TYR D 204 43.05 1.51 -28.48
CA TYR D 204 44.31 2.30 -28.38
C TYR D 204 44.63 2.78 -26.95
N SER D 312 36.09 9.53 -1.33
CA SER D 312 35.41 8.52 -2.16
C SER D 312 33.87 8.48 -1.97
N PHE D 313 33.19 7.76 -2.86
CA PHE D 313 31.74 7.58 -2.78
C PHE D 313 31.30 6.36 -3.59
N HIS D 314 30.14 5.82 -3.22
CA HIS D 314 29.48 4.72 -3.90
C HIS D 314 28.66 5.23 -5.09
N GLU D 315 28.38 4.33 -6.03
CA GLU D 315 27.67 4.71 -7.25
C GLU D 315 26.17 4.76 -6.93
N GLU D 316 25.79 5.83 -6.22
CA GLU D 316 24.48 5.85 -5.56
C GLU D 316 24.07 7.29 -5.29
N ILE D 317 22.90 7.68 -5.77
CA ILE D 317 22.24 8.92 -5.37
C ILE D 317 21.42 8.60 -4.13
N PRO D 318 21.87 8.99 -2.93
CA PRO D 318 21.21 8.53 -1.71
C PRO D 318 19.77 9.01 -1.54
N GLN D 319 19.43 10.22 -1.99
CA GLN D 319 18.10 10.76 -1.77
C GLN D 319 17.01 10.01 -2.51
N ARG D 320 17.39 9.13 -3.44
CA ARG D 320 16.43 8.28 -4.11
C ARG D 320 16.75 6.82 -3.89
N MET D 321 17.85 6.51 -3.21
CA MET D 321 18.18 5.13 -2.83
C MET D 321 18.39 4.24 -4.04
N GLY D 322 19.18 4.72 -5.02
CA GLY D 322 19.40 3.99 -6.24
C GLY D 322 20.77 4.26 -6.84
N ARG D 323 21.12 3.46 -7.83
CA ARG D 323 22.38 3.65 -8.55
C ARG D 323 22.36 4.95 -9.33
N ALA D 324 23.54 5.59 -9.37
CA ALA D 324 23.73 6.74 -10.25
C ALA D 324 24.04 6.23 -11.64
N PHE D 325 23.62 6.97 -12.65
CA PHE D 325 23.86 6.52 -14.01
C PHE D 325 23.80 7.62 -15.05
N SER D 326 23.46 8.86 -14.69
CA SER D 326 23.37 9.92 -15.68
C SER D 326 24.48 10.95 -15.52
N GLU D 327 24.59 11.83 -16.52
CA GLU D 327 25.47 13.00 -16.45
C GLU D 327 25.20 13.81 -15.18
N ALA D 328 23.93 14.13 -14.94
CA ALA D 328 23.55 14.91 -13.77
C ALA D 328 23.93 14.20 -12.47
N ASP D 329 23.62 12.91 -12.38
CA ASP D 329 24.01 12.15 -11.19
C ASP D 329 25.50 12.28 -10.94
N ALA D 330 26.29 12.14 -12.00
CA ALA D 330 27.72 12.35 -11.88
C ALA D 330 28.02 13.73 -11.31
N ALA D 331 27.35 14.76 -11.83
CA ALA D 331 27.62 16.13 -11.41
C ALA D 331 27.11 16.43 -9.99
N MET D 332 26.07 15.74 -9.55
CA MET D 332 25.62 15.93 -8.17
C MET D 332 26.63 15.35 -7.17
N LEU D 333 27.31 14.27 -7.56
CA LEU D 333 28.35 13.67 -6.72
C LEU D 333 29.62 14.52 -6.72
N LEU D 334 30.06 14.96 -7.90
CA LEU D 334 31.37 15.58 -8.04
C LEU D 334 31.36 17.06 -7.66
N ASN D 335 30.23 17.75 -7.83
CA ASN D 335 30.15 19.14 -7.41
C ASN D 335 30.00 19.29 -5.92
N GLU D 336 29.64 18.22 -5.21
CA GLU D 336 29.73 18.21 -3.76
C GLU D 336 31.09 17.70 -3.30
N ALA D 337 31.70 16.81 -4.08
CA ALA D 337 33.10 16.46 -3.88
C ALA D 337 34.00 17.67 -4.12
N LYS D 338 33.62 18.52 -5.08
CA LYS D 338 34.30 19.79 -5.28
C LYS D 338 34.03 20.74 -4.12
N ALA D 339 32.86 20.63 -3.48
CA ALA D 339 32.59 21.46 -2.32
C ALA D 339 33.56 21.15 -1.19
N LEU D 340 33.85 19.88 -0.97
CA LEU D 340 34.85 19.50 0.03
C LEU D 340 36.27 19.83 -0.42
N GLY D 341 36.45 20.23 -1.67
CA GLY D 341 37.75 20.65 -2.17
C GLY D 341 38.82 19.58 -2.21
N VAL D 342 38.44 18.31 -2.25
CA VAL D 342 39.41 17.23 -2.43
C VAL D 342 39.93 17.31 -3.87
N ASN D 343 40.95 16.51 -4.18
CA ASN D 343 41.33 16.30 -5.57
C ASN D 343 41.42 14.83 -5.91
N MET D 344 41.77 13.99 -4.93
CA MET D 344 41.79 12.54 -5.14
C MET D 344 40.42 11.99 -4.78
N ILE D 345 39.67 11.57 -5.78
CA ILE D 345 38.41 10.86 -5.61
C ILE D 345 38.67 9.38 -5.84
N ARG D 346 38.52 8.59 -4.79
CA ARG D 346 38.42 7.16 -4.96
C ARG D 346 36.97 6.84 -5.35
N LEU D 347 36.77 5.68 -5.99
CA LEU D 347 35.48 5.34 -6.56
C LEU D 347 35.04 3.98 -6.01
N ALA D 348 34.74 3.94 -4.71
CA ALA D 348 34.18 2.78 -4.01
C ALA D 348 34.98 1.52 -4.35
N HIS D 349 34.32 0.36 -4.32
CA HIS D 349 35.00 -0.92 -4.47
C HIS D 349 34.81 -1.53 -5.86
N TYR D 350 34.49 -0.73 -6.87
CA TYR D 350 34.17 -1.28 -8.18
C TYR D 350 34.27 -0.17 -9.20
N PRO D 351 34.50 -0.50 -10.48
CA PRO D 351 34.54 0.54 -11.52
C PRO D 351 33.16 1.14 -11.76
N GLN D 352 33.11 2.48 -11.84
CA GLN D 352 31.86 3.20 -12.00
C GLN D 352 31.79 3.77 -13.42
N ASN D 353 30.78 4.59 -13.67
CA ASN D 353 30.31 4.74 -15.05
C ASN D 353 30.94 5.93 -15.75
N GLU D 354 30.93 5.87 -17.09
CA GLU D 354 31.70 6.79 -17.91
C GLU D 354 31.41 8.25 -17.60
N TYR D 355 30.13 8.63 -17.65
CA TYR D 355 29.71 9.99 -17.36
C TYR D 355 30.41 10.55 -16.12
N THR D 356 30.56 9.71 -15.09
CA THR D 356 31.19 10.12 -13.84
C THR D 356 32.70 10.23 -14.00
N VAL D 357 33.32 9.18 -14.54
CA VAL D 357 34.76 9.15 -14.72
C VAL D 357 35.20 10.30 -15.60
N ARG D 358 34.48 10.52 -16.70
CA ARG D 358 34.86 11.56 -17.66
C ARG D 358 34.61 12.95 -17.11
N LEU D 359 33.51 13.15 -16.37
CA LEU D 359 33.27 14.46 -15.77
C LEU D 359 34.34 14.78 -14.75
N ALA D 360 34.62 13.85 -13.83
CA ALA D 360 35.73 14.00 -12.90
C ALA D 360 37.03 14.28 -13.63
N GLU D 361 37.21 13.71 -14.81
CA GLU D 361 38.41 13.97 -15.61
C GLU D 361 38.49 15.45 -15.98
N LYS D 362 37.39 16.00 -16.50
CA LYS D 362 37.43 17.42 -16.88
C LYS D 362 37.49 18.34 -15.66
N MET D 363 37.02 17.89 -14.51
CA MET D 363 37.00 18.71 -13.31
C MET D 363 38.27 18.62 -12.48
N GLY D 364 39.28 17.89 -12.97
CA GLY D 364 40.59 17.90 -12.36
C GLY D 364 40.66 17.09 -11.08
N PHE D 365 40.21 15.85 -11.16
CA PHE D 365 40.26 14.89 -10.06
C PHE D 365 41.08 13.69 -10.50
N ILE D 366 42.17 13.43 -9.81
CA ILE D 366 42.81 12.13 -10.00
C ILE D 366 41.88 11.06 -9.45
N LEU D 367 41.89 9.89 -10.07
CA LEU D 367 40.89 8.87 -9.79
C LEU D 367 41.54 7.53 -9.52
N TRP D 368 41.14 6.90 -8.42
CA TRP D 368 41.49 5.53 -8.08
C TRP D 368 40.29 4.65 -8.38
N GLN D 369 40.52 3.52 -9.07
CA GLN D 369 39.41 2.66 -9.48
C GLN D 369 39.80 1.20 -9.29
N GLU D 370 39.04 0.46 -8.48
CA GLU D 370 39.35 -0.92 -8.13
C GLU D 370 38.24 -1.86 -8.57
N ILE D 371 38.49 -3.16 -8.40
CA ILE D 371 37.46 -4.18 -8.63
C ILE D 371 37.01 -4.79 -7.30
N PRO D 372 35.75 -5.24 -7.20
CA PRO D 372 35.22 -5.71 -5.90
C PRO D 372 35.76 -7.08 -5.51
N VAL D 373 36.94 -7.12 -4.89
CA VAL D 373 37.51 -8.35 -4.40
C VAL D 373 38.23 -8.07 -3.09
N TRP D 374 37.89 -8.82 -2.06
CA TRP D 374 38.41 -8.64 -0.70
C TRP D 374 38.39 -10.00 -0.03
N GLN D 375 38.51 -10.03 1.29
CA GLN D 375 38.32 -11.27 2.01
C GLN D 375 36.94 -11.85 1.71
N GLY D 376 36.79 -13.15 1.93
CA GLY D 376 35.50 -13.77 1.69
C GLY D 376 35.25 -14.07 0.24
N ILE D 377 35.86 -13.30 -0.66
CA ILE D 377 36.00 -13.75 -2.03
C ILE D 377 36.72 -15.10 -2.00
N ASP D 378 36.18 -16.06 -2.75
CA ASP D 378 36.85 -17.35 -2.83
C ASP D 378 38.20 -17.19 -3.50
N PHE D 379 39.12 -18.09 -3.17
CA PHE D 379 40.41 -18.15 -3.86
C PHE D 379 40.78 -19.54 -4.36
N THR D 380 40.18 -20.61 -3.82
CA THR D 380 40.51 -21.95 -4.29
C THR D 380 40.04 -22.19 -5.72
N ASN D 381 38.97 -21.54 -6.15
CA ASN D 381 38.37 -21.87 -7.43
C ASN D 381 39.16 -21.25 -8.58
N ASN D 382 39.43 -22.08 -9.60
CA ASN D 382 40.01 -21.63 -10.85
C ASN D 382 39.16 -20.52 -11.46
N ASN D 383 37.99 -20.92 -11.99
CA ASN D 383 37.07 -20.03 -12.70
C ASN D 383 36.84 -18.72 -11.95
N THR D 384 37.06 -18.69 -10.64
CA THR D 384 36.85 -17.46 -9.87
C THR D 384 37.97 -16.46 -10.12
N ARG D 385 39.23 -16.87 -9.91
CA ARG D 385 40.30 -15.93 -10.23
C ARG D 385 40.39 -15.67 -11.73
N LYS D 386 39.78 -16.51 -12.57
CA LYS D 386 39.59 -16.17 -13.97
C LYS D 386 38.70 -14.93 -14.12
N LYS D 387 37.57 -14.91 -13.41
CA LYS D 387 36.70 -13.74 -13.41
C LYS D 387 37.43 -12.51 -12.87
N ALA D 388 38.22 -12.71 -11.80
CA ALA D 388 38.87 -11.57 -11.13
C ALA D 388 39.82 -10.83 -12.07
N GLN D 389 40.39 -11.50 -13.06
CA GLN D 389 41.29 -10.85 -13.99
C GLN D 389 40.62 -10.45 -15.29
N ARG D 390 39.59 -11.17 -15.73
CA ARG D 390 38.76 -10.68 -16.83
C ARG D 390 37.98 -9.44 -16.41
N MET D 391 37.52 -9.39 -15.16
CA MET D 391 36.94 -8.14 -14.67
C MET D 391 38.00 -7.05 -14.57
N LEU D 392 39.24 -7.44 -14.26
CA LEU D 392 40.33 -6.47 -14.24
C LEU D 392 40.73 -6.06 -15.66
N SER D 393 40.75 -7.01 -16.60
CA SER D 393 40.90 -6.65 -18.00
C SER D 393 39.83 -5.65 -18.42
N GLU D 394 38.58 -5.89 -18.02
CA GLU D 394 37.45 -5.12 -18.53
C GLU D 394 37.54 -3.66 -18.11
N MET D 395 37.83 -3.39 -16.83
CA MET D 395 37.92 -2.01 -16.38
C MET D 395 39.11 -1.30 -16.98
N ILE D 396 40.28 -1.94 -16.90
CA ILE D 396 41.52 -1.25 -17.25
C ILE D 396 41.56 -0.93 -18.73
N LYS D 397 40.89 -1.72 -19.57
CA LYS D 397 40.84 -1.41 -20.99
C LYS D 397 39.82 -0.34 -21.30
N ARG D 398 38.73 -0.24 -20.53
CA ARG D 398 37.73 0.78 -20.82
C ARG D 398 38.25 2.17 -20.50
N ASP D 399 39.02 2.30 -19.42
CA ASP D 399 39.59 3.57 -19.00
C ASP D 399 41.09 3.63 -19.28
N GLN D 400 41.49 3.07 -20.43
CA GLN D 400 42.91 3.05 -20.85
C GLN D 400 43.50 4.45 -20.91
N ASN D 401 42.81 5.35 -21.60
CA ASN D 401 43.32 6.68 -21.95
C ASN D 401 42.67 7.77 -21.10
N ARG D 402 42.45 7.49 -19.83
CA ARG D 402 41.90 8.48 -18.90
C ARG D 402 43.06 9.03 -18.07
N CYS D 403 43.52 10.23 -18.44
CA CYS D 403 44.65 10.82 -17.72
C CYS D 403 44.31 11.03 -16.27
N ALA D 404 43.06 11.39 -15.98
CA ALA D 404 42.61 11.57 -14.61
C ALA D 404 42.83 10.32 -13.77
N VAL D 405 42.59 9.14 -14.35
CA VAL D 405 42.79 7.92 -13.59
C VAL D 405 44.23 7.85 -13.13
N GLY D 406 44.43 7.61 -11.83
CA GLY D 406 45.75 7.54 -11.27
C GLY D 406 46.18 6.15 -10.88
N TYR D 407 45.28 5.38 -10.29
CA TYR D 407 45.64 4.09 -9.72
C TYR D 407 44.69 3.03 -10.26
N TRP D 408 45.14 1.78 -10.17
CA TRP D 408 44.28 0.63 -10.38
C TRP D 408 44.29 -0.15 -9.07
N GLY D 409 43.13 -0.21 -8.41
CA GLY D 409 43.00 -1.00 -7.22
C GLY D 409 42.83 -2.48 -7.52
N ILE D 410 43.80 -3.29 -7.09
CA ILE D 410 43.73 -4.71 -7.41
C ILE D 410 42.76 -5.43 -6.49
N ALA D 411 42.61 -4.95 -5.25
CA ALA D 411 41.82 -5.61 -4.21
C ALA D 411 41.85 -4.73 -2.97
N ASN D 412 41.07 -5.15 -1.97
CA ASN D 412 40.85 -4.36 -0.76
C ASN D 412 40.72 -5.35 0.39
N GLU D 413 40.95 -4.86 1.62
CA GLU D 413 40.78 -5.63 2.85
C GLU D 413 41.18 -7.10 2.71
N THR D 414 42.49 -7.35 2.60
CA THR D 414 43.01 -8.71 2.45
C THR D 414 44.01 -9.03 3.55
N LEU D 428 46.98 -11.28 -11.06
CA LEU D 428 46.86 -9.85 -11.30
C LEU D 428 47.87 -9.40 -12.33
N GLU D 429 48.79 -10.31 -12.68
CA GLU D 429 49.89 -9.95 -13.57
C GLU D 429 49.37 -9.29 -14.85
N THR D 430 48.20 -9.72 -15.33
CA THR D 430 47.60 -9.09 -16.50
C THR D 430 47.43 -7.59 -16.31
N GLY D 431 47.23 -7.15 -15.07
CA GLY D 431 47.21 -5.74 -14.73
C GLY D 431 48.38 -4.98 -15.33
N LYS D 432 49.60 -5.36 -14.94
CA LYS D 432 50.80 -4.75 -15.49
C LYS D 432 50.97 -5.05 -16.97
N GLN D 433 50.39 -6.14 -17.46
CA GLN D 433 50.54 -6.52 -18.86
C GLN D 433 49.80 -5.54 -19.79
N LEU D 434 48.68 -4.99 -19.34
CA LEU D 434 47.86 -4.15 -20.20
C LEU D 434 48.11 -2.66 -20.03
N ASP D 435 48.68 -2.25 -18.89
CA ASP D 435 49.11 -0.87 -18.71
C ASP D 435 50.18 -0.82 -17.62
N THR D 436 51.11 0.13 -17.75
CA THR D 436 52.06 0.40 -16.68
C THR D 436 52.27 1.89 -16.42
N THR D 437 51.58 2.77 -17.17
CA THR D 437 51.62 4.21 -16.89
C THR D 437 51.30 4.50 -15.43
N ARG D 438 50.17 3.98 -14.94
CA ARG D 438 49.64 4.33 -13.63
C ARG D 438 50.00 3.24 -12.62
N LEU D 439 50.40 3.64 -11.41
CA LEU D 439 50.80 2.64 -10.43
C LEU D 439 49.56 1.97 -9.83
N TYR D 440 49.81 0.90 -9.08
CA TYR D 440 48.82 -0.03 -8.58
C TYR D 440 48.75 0.08 -7.05
N VAL D 441 47.77 -0.60 -6.44
CA VAL D 441 47.52 -0.41 -5.01
C VAL D 441 46.48 -1.38 -4.47
N ALA D 442 46.58 -1.72 -3.19
CA ALA D 442 45.55 -2.43 -2.43
C ALA D 442 45.55 -1.89 -1.00
N ALA D 443 44.57 -2.32 -0.21
CA ALA D 443 44.35 -1.77 1.12
C ALA D 443 44.22 -2.88 2.16
N PHE D 444 44.34 -2.49 3.43
CA PHE D 444 44.30 -3.43 4.55
C PHE D 444 43.70 -2.77 5.79
N PHE D 503 38.96 4.74 6.72
CA PHE D 503 38.78 5.41 8.02
C PHE D 503 37.49 6.28 8.09
N GLY D 504 36.95 6.47 9.29
CA GLY D 504 35.87 7.43 9.52
C GLY D 504 35.00 7.03 10.70
N GLY D 505 33.83 7.67 10.79
CA GLY D 505 32.90 7.39 11.88
C GLY D 505 31.45 7.64 11.48
N GLU D 506 30.55 7.03 12.26
CA GLU D 506 29.14 6.93 11.94
C GLU D 506 28.31 8.00 12.66
N ALA D 507 27.35 8.61 11.94
CA ALA D 507 26.58 9.70 12.52
C ALA D 507 25.31 10.01 11.70
N LEU D 508 24.22 10.36 12.39
CA LEU D 508 22.94 10.72 11.78
C LEU D 508 22.71 12.23 11.86
N TYR D 509 22.39 12.84 10.72
CA TYR D 509 22.17 14.27 10.68
C TYR D 509 21.00 14.67 11.57
N GLY D 510 21.12 15.84 12.20
CA GLY D 510 20.12 16.37 13.09
C GLY D 510 20.04 15.69 14.45
N GLN D 511 20.97 14.80 14.78
CA GLN D 511 20.94 14.08 16.06
C GLN D 511 22.07 14.62 16.92
N SER D 512 21.72 15.41 17.94
CA SER D 512 22.69 16.10 18.78
C SER D 512 22.77 15.40 20.13
N GLY D 513 23.77 14.54 20.28
CA GLY D 513 24.06 13.87 21.53
C GLY D 513 25.37 14.31 22.16
N ASP D 514 25.81 13.52 23.13
CA ASP D 514 27.03 13.84 23.88
C ASP D 514 28.27 13.54 23.05
N GLU D 515 29.28 14.40 23.17
CA GLU D 515 30.45 14.34 22.31
C GLU D 515 31.35 13.12 22.56
N ASN D 516 31.12 12.36 23.63
CA ASN D 516 32.04 11.30 24.03
C ASN D 516 31.54 9.88 23.80
N VAL D 517 30.23 9.68 23.70
CA VAL D 517 29.63 8.36 23.59
C VAL D 517 29.56 7.96 22.11
N ALA D 518 30.16 6.81 21.76
CA ALA D 518 30.26 6.43 20.36
C ALA D 518 28.91 6.05 19.77
N SER D 519 28.07 5.35 20.54
CA SER D 519 26.81 4.79 20.07
C SER D 519 25.70 5.80 20.08
N SER D 520 26.00 7.06 20.35
CA SER D 520 24.95 8.06 20.28
C SER D 520 24.66 8.44 18.85
N TRP D 521 25.55 8.07 17.91
CA TRP D 521 25.37 8.37 16.48
C TRP D 521 25.15 9.85 16.26
N SER D 522 25.70 10.66 17.17
CA SER D 522 25.47 12.09 17.19
C SER D 522 26.46 12.82 16.30
N GLU D 523 26.02 13.97 15.77
CA GLU D 523 26.88 14.79 14.92
C GLU D 523 28.14 15.22 15.65
N GLU D 524 28.09 15.31 16.97
CA GLU D 524 29.22 15.85 17.76
C GLU D 524 30.32 14.82 17.99
N TYR D 525 29.97 13.54 18.14
CA TYR D 525 31.02 12.53 18.30
C TYR D 525 31.79 12.36 17.00
N GLN D 526 31.11 12.46 15.86
CA GLN D 526 31.76 12.21 14.60
C GLN D 526 32.83 13.27 14.32
N ALA D 527 32.49 14.54 14.52
CA ALA D 527 33.46 15.61 14.35
C ALA D 527 34.55 15.58 15.43
N ARG D 528 34.25 15.03 16.60
CA ARG D 528 35.31 14.74 17.56
C ARG D 528 36.24 13.64 17.04
N LEU D 529 35.64 12.55 16.55
CA LEU D 529 36.44 11.43 16.06
C LEU D 529 37.39 11.85 14.95
N TYR D 530 37.16 13.01 14.33
CA TYR D 530 37.93 13.38 13.16
C TYR D 530 39.23 14.12 13.51
N ARG D 531 39.16 15.11 14.41
CA ARG D 531 40.40 15.70 14.90
C ARG D 531 41.23 14.67 15.66
N ASP D 532 40.57 13.76 16.38
CA ASP D 532 41.25 12.61 16.97
C ASP D 532 41.68 11.58 15.93
N ASN D 533 41.59 11.99 14.67
CA ASN D 533 42.24 11.33 13.54
C ASN D 533 43.03 12.30 12.68
N ILE D 534 42.76 13.59 12.74
CA ILE D 534 43.60 14.62 12.12
C ILE D 534 44.79 15.02 13.02
N SER D 547 41.76 10.42 2.11
CA SER D 547 40.36 10.31 1.67
C SER D 547 39.53 9.41 2.60
N PRO D 548 38.56 10.02 3.26
CA PRO D 548 37.81 9.32 4.31
C PRO D 548 36.75 8.37 3.74
N TRP D 549 36.12 7.65 4.68
CA TRP D 549 34.97 6.77 4.43
C TRP D 549 33.81 7.38 5.21
N ILE D 550 32.92 8.12 4.54
CA ILE D 550 32.81 8.22 3.08
C ILE D 550 32.09 9.55 2.86
N LEU D 551 31.79 9.93 1.63
CA LEU D 551 31.14 11.23 1.41
C LEU D 551 29.67 11.19 1.82
N PHE D 552 28.89 10.28 1.25
CA PHE D 552 27.45 10.17 1.48
C PHE D 552 27.12 8.92 2.27
N ASP D 553 26.12 9.01 3.13
CA ASP D 553 25.50 7.80 3.65
C ASP D 553 25.06 6.94 2.48
N PHE D 554 25.24 5.63 2.62
CA PHE D 554 24.90 4.71 1.55
C PHE D 554 24.20 3.49 2.13
N ARG D 555 23.40 2.84 1.28
CA ARG D 555 22.62 1.68 1.71
C ARG D 555 23.50 0.44 1.80
N SER D 556 23.39 -0.27 2.92
CA SER D 556 24.05 -1.55 3.13
C SER D 556 23.07 -2.42 3.92
N PRO D 557 22.96 -3.72 3.59
CA PRO D 557 21.87 -4.52 4.15
C PRO D 557 22.10 -5.04 5.56
N PHE D 558 23.32 -5.03 6.09
CA PHE D 558 23.53 -5.52 7.44
C PHE D 558 23.76 -4.40 8.45
N ARG D 559 23.58 -3.15 8.06
CA ARG D 559 23.58 -2.04 9.01
C ARG D 559 22.16 -1.93 9.55
N PHE D 560 21.93 -2.66 10.65
CA PHE D 560 20.61 -3.06 11.13
C PHE D 560 19.96 -2.11 12.14
N HIS D 561 20.61 -1.03 12.58
CA HIS D 561 20.02 -0.35 13.74
C HIS D 561 18.75 0.42 13.36
N PRO D 562 17.61 0.14 13.99
CA PRO D 562 16.33 0.64 13.46
C PRO D 562 16.19 2.15 13.43
N THR D 563 16.61 2.83 14.50
CA THR D 563 16.46 4.27 14.62
C THR D 563 17.72 5.05 14.24
N ASN D 564 18.88 4.41 14.16
CA ASN D 564 20.10 5.11 13.79
C ASN D 564 20.57 4.83 12.37
N GLN D 565 20.40 3.59 11.91
CA GLN D 565 20.90 3.16 10.60
C GLN D 565 19.77 2.93 9.62
N ASP D 566 18.97 1.88 9.83
CA ASP D 566 17.83 1.59 8.98
C ASP D 566 18.27 1.31 7.55
N GLY D 567 19.23 0.39 7.42
CA GLY D 567 19.76 0.08 6.11
C GLY D 567 20.72 1.09 5.55
N TRP D 568 21.11 2.09 6.33
CA TRP D 568 22.10 3.08 5.94
C TRP D 568 23.41 2.86 6.69
N ASN D 569 24.52 2.81 5.95
CA ASN D 569 25.85 3.01 6.54
C ASN D 569 26.06 4.50 6.72
N ARG D 570 26.17 4.95 7.98
CA ARG D 570 26.11 6.36 8.31
C ARG D 570 27.48 7.05 8.37
N LYS D 571 28.54 6.42 7.87
CA LYS D 571 29.90 6.96 7.94
C LYS D 571 30.11 8.14 6.99
N GLY D 572 29.03 8.75 6.51
CA GLY D 572 29.14 9.80 5.50
C GLY D 572 29.33 11.19 6.12
N LEU D 573 30.15 11.99 5.47
CA LEU D 573 30.24 13.39 5.86
C LEU D 573 29.00 14.17 5.48
N VAL D 574 28.14 13.56 4.67
CA VAL D 574 26.89 14.18 4.21
C VAL D 574 25.77 13.19 4.45
N SER D 575 24.63 13.71 4.92
CA SER D 575 23.51 12.84 5.23
C SER D 575 22.91 12.28 3.97
N ASP D 576 22.09 11.24 4.14
CA ASP D 576 21.40 10.66 3.00
C ASP D 576 20.38 11.61 2.38
N GLN D 577 20.01 12.68 3.07
CA GLN D 577 19.04 13.65 2.58
C GLN D 577 19.69 14.84 1.88
N GLY D 578 21.01 14.82 1.69
CA GLY D 578 21.71 15.85 0.95
C GLY D 578 22.34 16.97 1.77
N ILE D 579 22.38 16.85 3.09
CA ILE D 579 22.87 17.93 3.96
C ILE D 579 24.19 17.50 4.59
N ARG D 580 25.09 18.47 4.77
CA ARG D 580 26.42 18.19 5.31
C ARG D 580 26.42 18.25 6.82
N LYS D 581 27.03 17.24 7.44
CA LYS D 581 27.18 17.18 8.88
C LYS D 581 28.33 18.08 9.32
N LYS D 582 28.56 18.15 10.63
CA LYS D 582 29.59 19.06 11.14
C LYS D 582 30.99 18.64 10.73
N ALA D 583 31.28 17.33 10.78
CA ALA D 583 32.62 16.86 10.40
C ALA D 583 32.96 17.19 8.95
N TRP D 584 31.96 17.38 8.10
CA TRP D 584 32.22 17.78 6.72
C TRP D 584 33.01 19.09 6.67
N TYR D 585 32.66 20.04 7.54
CA TYR D 585 33.34 21.32 7.57
C TYR D 585 34.76 21.21 8.10
N LEU D 586 35.04 20.17 8.90
CA LEU D 586 36.38 19.98 9.42
C LEU D 586 37.34 19.54 8.32
N MET D 587 36.99 18.47 7.60
CA MET D 587 37.84 18.02 6.49
C MET D 587 37.99 19.12 5.44
N ARG D 588 37.04 20.04 5.35
CA ARG D 588 37.19 21.18 4.45
C ARG D 588 38.33 22.08 4.91
N GLU D 589 38.27 22.51 6.19
CA GLU D 589 39.25 23.43 6.76
C GLU D 589 40.65 22.81 6.83
N TYR D 590 40.79 21.62 6.26
CA TYR D 590 42.00 20.85 6.34
C TYR D 590 42.40 20.38 4.95
#